data_8U95
#
_entry.id   8U95
#
_cell.length_a   1.00
_cell.length_b   1.00
_cell.length_c   1.00
_cell.angle_alpha   90.00
_cell.angle_beta   90.00
_cell.angle_gamma   90.00
#
_symmetry.space_group_name_H-M   'P 1'
#
_entity_poly.entity_id   1
_entity_poly.type   'polypeptide(L)'
_entity_poly.pdbx_seq_one_letter_code
;MPKPVANQEDEDPTPYLFVSLEQRRIDQSKPYDSKKSCWIPDEKEGYLLGEIKATKGDIVSVGLQGGETRDLKKDLLQQV
NPPKYEKAEDMSNLTYLNDASVLHNLRQRYYNKLIYTYSGLFCVAINPYKRYPVYTNRCAKMYRGKRRNEVPPHIFAISD
GAYVDMLTNHVNQSMLITGESGAGKTENTKKVIAYFATVGASKKTDEAAKSKGSLEDQVVQTNPVLEAFGNAKTVRNDNS
SRFGKFIRIHFGPTGKLAGADIETYLLEKARVISQQSLERSYHIFYQIMSGSVPGVKDICLLTDNIYDYHIVSQGKVTVA
SIDDAEEFSLTDQAFDILGFTKQEKEDVYRITAAVMHMGGMKFKQRGREEQAEQDGEEEGGRVSKLFGCDTAELYKNLLK
PRIKVGNEFVTQGRNVQQVTNSIGALCKGVFDRLFKWLVKKCNETLDTQQKRQHFIGVLDIAGFEIFEYNGFEQLCINFT
NEKLQQFFNHHMFVLEQEEYKREGIDWAFIDFGMDLLACIDLIEKPMGILSILEEESMFPKATDQTFSEKLTNTHLGKSA
PFQKPKPPKPGQQAAHFAIAHYAGCVSYNITGWLEKNKDPLNDTVVDQFKKSQNKLLIEIFADHAGQSGGGEQAKGGRGK
KGGGFATVSSAYKEQLNSLMTTLRSTQPHFVRCIIPNEMKQPGVVDAHLVMHQLTCNGVLEGIRICRKGFPNRMMYPDFK
MRYQILNPKGIKGIEDPKKCTKVLIESTELNDDQYRLGNTKVFFRAGVLGQMEEFRDERLGKIMSWMQAWARGYLSRKGF
KKLQEQRVALKVVQRNLRKYLQLRTWPWYKLWQKVKPLLNVSRIEDEIARLEEKAKKAEELHAAEVKVRKELEALNAKLL
AEKTALLDSLSGEKGALQDYQERNAKLTAQKNDLENQLRDIQERLTQEEDARNQLFQQKKKADQEISGLKKDIEDLELNV
QKAEQDKATKDHQIRNLNDEIAHQDELINKLNKEKKMQGETNQKTGEELQAAEDKINHLNKVKAKLEQTLDELEDSLERE
KKVRGDVEKSKRKVEGDLKLTQEAVADLERNKKELEQTIQRKDKELSSITAKLEDEQVVVLKHQRQIKELQARIEELEEE
VEAERQARAKAEKQRADLARELEELGERLEEAGGATSAQIELNKKREAELSKLRRDLEEANIQHESTLANLRKKHNDAVA
EMAEQVDQLNKLKAKAEKEKNEYYGQLNDLRAGVDHITNEKAAQEKIAKQLQHTLNEVQSKLDETNRTLNDFDASKKKLS
IENSDLLRQLEEAESQVSQLSKIKISLTTQLEDTKRLADEESRERATLLGKFRNLEHDLDNLREQVEEEAEGKADLQRQL
SKANAEAQVWRSKYESDGVARSEELEEAKRKLQARLAEAEETIESLNQKCIGLEKTKQRLSTEVEDLQLEVDRANAIANA
AEKKQKAFDKIIGEWKLKVDDLAAELDASQKECRNYSTELFRLKGAYEEGQEQLEAVRRENKNLADEVKDLLDQIGEGGR
NIHEIEKARKRLEAEKDELQAALEEAEAALEQEENKVLRAQLELSQVRQEIDRRIQEKEEEFENTRKNHQRALDSMQASL
EAEAKGKAEALRMKKKLEADINELEIALDHANKANAEAQKNIKRYQQQLKDIQTALEEEQRARDDAREQLGISERRANAL
QNELEESRTLLEQADRGRRQAEQELADAHEQLNEVSAQNASISAAKRKLESELQTLHSDLDELLNEAKNSEEKAKKAMVD
AARLADELRAEQDHAQTQEKLRKALEQQIKELQVRLDEAEANALKGGKKAIQKLEQRVRELENELDGEQRRHADAQKNLR
KSERRVKELSFQSEEDRKNHERMQDLVDKLQQKIKTYKRQIEEAEEIAALNLAKFRKAQQELEEAEERADLAEQAISKFR
AKGRAGSVGRGASPAPTASKGRKSALLEQ
;
_entity_poly.pdbx_strand_id   A,B
#
# COMPACT_ATOMS: atom_id res chain seq x y z
N ASP A 913 330.94 -437.04 509.84
CA ASP A 913 332.02 -437.05 508.86
C ASP A 913 331.54 -436.51 507.51
N LEU A 914 331.31 -437.42 506.58
CA LEU A 914 330.83 -437.09 505.24
C LEU A 914 329.32 -437.10 505.14
N GLU A 915 328.61 -437.23 506.27
CA GLU A 915 327.16 -437.31 506.26
C GLU A 915 326.51 -436.03 505.75
N ASN A 916 327.22 -434.91 505.84
CA ASN A 916 326.63 -433.62 505.52
C ASN A 916 326.49 -433.43 504.00
N GLN A 917 327.36 -434.08 503.23
CA GLN A 917 327.49 -433.79 501.80
C GLN A 917 326.19 -433.94 501.02
N LEU A 918 325.34 -434.91 501.37
CA LEU A 918 324.08 -435.07 500.64
C LEU A 918 323.20 -433.84 500.76
N ARG A 919 323.11 -433.26 501.95
CA ARG A 919 322.41 -432.01 502.12
C ARG A 919 323.01 -430.90 501.26
N ASP A 920 324.34 -430.85 501.16
CA ASP A 920 325.01 -429.81 500.38
C ASP A 920 324.62 -429.90 498.91
N ILE A 921 324.63 -431.10 498.34
CA ILE A 921 324.20 -431.22 496.95
C ILE A 921 322.71 -430.99 496.83
N GLN A 922 321.95 -431.19 497.92
CA GLN A 922 320.54 -430.79 497.90
C GLN A 922 320.40 -429.29 497.68
N GLU A 923 321.13 -428.47 498.46
CA GLU A 923 321.05 -427.03 498.19
C GLU A 923 321.62 -426.69 496.82
N ARG A 924 322.64 -427.42 496.38
CA ARG A 924 323.17 -427.22 495.03
C ARG A 924 322.09 -427.42 493.98
N LEU A 925 321.26 -428.46 494.12
CA LEU A 925 320.13 -428.66 493.23
C LEU A 925 319.14 -427.51 493.35
N THR A 926 318.83 -427.08 494.58
CA THR A 926 317.78 -426.09 494.77
C THR A 926 318.26 -424.66 494.53
N GLN A 927 319.57 -424.44 494.40
CA GLN A 927 320.07 -423.07 494.24
C GLN A 927 319.71 -422.50 492.87
N GLU A 928 320.17 -423.14 491.81
CA GLU A 928 319.92 -422.67 490.45
C GLU A 928 318.78 -423.41 489.78
N GLU A 929 317.74 -423.79 490.53
CA GLU A 929 316.68 -424.61 489.99
C GLU A 929 315.68 -423.79 489.17
N ASP A 930 315.09 -422.77 489.79
CA ASP A 930 313.98 -422.05 489.18
C ASP A 930 314.41 -421.17 488.02
N ALA A 931 315.64 -420.63 488.04
CA ALA A 931 316.06 -419.65 487.04
C ALA A 931 316.01 -420.21 485.62
N ARG A 932 316.38 -421.47 485.43
CA ARG A 932 316.40 -422.05 484.08
C ARG A 932 314.99 -422.23 483.53
N ASN A 933 314.04 -422.56 484.40
CA ASN A 933 312.68 -422.87 483.93
C ASN A 933 312.02 -421.65 483.30
N GLN A 934 312.18 -420.47 483.91
CA GLN A 934 311.50 -419.27 483.45
C GLN A 934 311.87 -418.93 482.02
N LEU A 935 313.14 -419.11 481.64
CA LEU A 935 313.51 -418.99 480.24
C LEU A 935 312.86 -420.09 479.41
N PHE A 936 312.63 -421.26 480.01
CA PHE A 936 312.02 -422.36 479.26
C PHE A 936 310.58 -422.05 478.87
N GLN A 937 309.78 -421.47 479.79
CA GLN A 937 308.47 -420.98 479.35
C GLN A 937 308.63 -419.85 478.33
N GLN A 938 309.62 -418.99 478.52
CA GLN A 938 309.94 -418.02 477.49
C GLN A 938 310.30 -418.77 476.20
N LYS A 939 310.36 -418.02 475.09
CA LYS A 939 310.09 -418.45 473.71
C LYS A 939 308.59 -418.36 473.45
N LYS A 940 307.82 -417.98 474.47
CA LYS A 940 306.51 -417.41 474.20
C LYS A 940 306.63 -416.05 473.51
N LYS A 941 307.67 -415.30 473.84
CA LYS A 941 308.03 -414.11 473.08
C LYS A 941 308.44 -414.44 471.65
N ALA A 942 308.87 -415.68 471.40
CA ALA A 942 309.02 -416.16 470.03
C ALA A 942 307.68 -416.53 469.42
N ASP A 943 306.77 -417.09 470.20
CA ASP A 943 305.45 -417.42 469.69
C ASP A 943 304.68 -416.18 469.25
N GLN A 944 304.78 -415.09 470.01
CA GLN A 944 304.06 -413.88 469.65
C GLN A 944 304.61 -413.27 468.36
N GLU A 945 305.93 -413.30 468.15
CA GLU A 945 306.50 -412.76 466.92
C GLU A 945 306.29 -413.69 465.73
N ILE A 946 306.16 -415.00 465.97
CA ILE A 946 305.73 -415.88 464.89
C ILE A 946 304.27 -415.62 464.53
N SER A 947 303.45 -415.29 465.54
CA SER A 947 302.03 -415.05 465.30
C SER A 947 301.82 -413.89 464.34
N GLY A 948 302.57 -412.81 464.52
CA GLY A 948 302.50 -411.66 463.65
C GLY A 948 303.76 -411.48 462.83
N LEU A 949 303.93 -410.27 462.32
CA LEU A 949 305.16 -409.86 461.63
C LEU A 949 305.39 -410.69 460.37
N LYS A 950 305.61 -411.99 460.53
CA LYS A 950 305.74 -412.86 459.37
C LYS A 950 304.46 -412.95 458.55
N LYS A 951 303.30 -412.71 459.15
CA LYS A 951 302.06 -412.72 458.38
C LYS A 951 301.90 -411.46 457.56
N ASP A 952 302.71 -410.44 457.82
CA ASP A 952 302.62 -409.19 457.07
C ASP A 952 303.06 -409.37 455.63
N ILE A 953 303.94 -410.34 455.35
CA ILE A 953 304.51 -410.44 454.01
C ILE A 953 303.41 -410.75 452.99
N GLU A 954 302.72 -411.88 453.15
CA GLU A 954 301.73 -412.27 452.15
C GLU A 954 300.67 -411.18 451.98
N ASP A 955 300.36 -410.46 453.06
CA ASP A 955 299.46 -409.32 452.95
C ASP A 955 300.05 -408.24 452.04
N LEU A 956 301.35 -407.97 452.16
CA LEU A 956 301.90 -406.90 451.33
C LEU A 956 302.14 -407.33 449.88
N GLU A 957 302.46 -408.60 449.60
CA GLU A 957 302.38 -409.01 448.19
C GLU A 957 300.94 -408.97 447.68
N LEU A 958 299.96 -409.26 448.53
CA LEU A 958 298.57 -409.08 448.10
C LEU A 958 298.29 -407.63 447.75
N ASN A 959 298.83 -406.70 448.55
CA ASN A 959 298.79 -405.28 448.19
C ASN A 959 299.48 -405.02 446.86
N VAL A 960 300.59 -405.69 446.59
CA VAL A 960 301.28 -405.52 445.31
C VAL A 960 300.38 -405.97 444.15
N GLN A 961 299.71 -407.11 444.30
CA GLN A 961 298.81 -407.53 443.22
C GLN A 961 297.64 -406.59 443.05
N LYS A 962 297.00 -406.15 444.14
CA LYS A 962 295.88 -405.23 443.98
C LYS A 962 296.35 -403.87 443.46
N ALA A 963 297.63 -403.57 443.63
CA ALA A 963 298.20 -402.38 443.01
C ALA A 963 298.42 -402.59 441.51
N GLU A 964 298.81 -403.81 441.11
CA GLU A 964 299.05 -404.08 439.69
C GLU A 964 297.76 -403.98 438.88
N GLN A 965 296.68 -404.55 439.41
CA GLN A 965 295.38 -404.39 438.74
C GLN A 965 294.94 -402.94 438.73
N ASP A 966 295.29 -402.17 439.76
CA ASP A 966 295.03 -400.74 439.76
C ASP A 966 295.79 -400.04 438.63
N LYS A 967 297.06 -400.42 438.42
CA LYS A 967 297.83 -399.85 437.33
C LYS A 967 297.18 -400.18 435.98
N ALA A 968 296.72 -401.43 435.82
CA ALA A 968 296.03 -401.79 434.59
C ALA A 968 294.76 -400.97 434.38
N THR A 969 293.95 -400.81 435.44
CA THR A 969 292.73 -400.02 435.32
C THR A 969 293.03 -398.57 434.97
N LYS A 970 294.06 -397.98 435.59
CA LYS A 970 294.34 -396.58 435.30
C LYS A 970 294.96 -396.42 433.92
N ASP A 971 295.70 -397.41 433.44
CA ASP A 971 296.14 -397.37 432.04
C ASP A 971 294.94 -397.38 431.10
N HIS A 972 293.97 -398.25 431.34
CA HIS A 972 292.76 -398.25 430.51
C HIS A 972 292.03 -396.92 430.60
N GLN A 973 291.92 -396.36 431.80
CA GLN A 973 291.27 -395.08 431.99
C GLN A 973 291.99 -393.94 431.30
N ILE A 974 293.33 -393.97 431.26
CA ILE A 974 294.05 -392.97 430.48
C ILE A 974 293.77 -393.15 428.99
N ARG A 975 293.86 -394.39 428.50
CA ARG A 975 293.78 -394.62 427.06
C ARG A 975 292.41 -394.28 426.49
N ASN A 976 291.32 -394.74 427.13
CA ASN A 976 290.01 -394.52 426.53
C ASN A 976 289.63 -393.04 426.48
N LEU A 977 289.89 -392.30 427.56
CA LEU A 977 289.56 -390.88 427.50
C LEU A 977 290.55 -390.09 426.66
N ASN A 978 291.79 -390.59 426.53
CA ASN A 978 292.71 -389.99 425.57
C ASN A 978 292.19 -390.17 424.15
N ASP A 979 291.52 -391.29 423.90
CA ASP A 979 290.85 -391.48 422.62
C ASP A 979 289.70 -390.50 422.46
N GLU A 980 288.84 -390.38 423.48
CA GLU A 980 287.63 -389.58 423.29
C GLU A 980 287.95 -388.09 423.19
N ILE A 981 288.99 -387.63 423.88
CA ILE A 981 289.28 -386.19 423.94
C ILE A 981 289.52 -385.63 422.54
N ALA A 982 289.95 -386.48 421.60
CA ALA A 982 290.09 -386.05 420.23
C ALA A 982 288.76 -385.86 419.52
N HIS A 983 287.72 -386.60 419.92
CA HIS A 983 286.45 -386.54 419.20
C HIS A 983 285.80 -385.16 419.28
N GLN A 984 285.70 -384.60 420.49
CA GLN A 984 285.12 -383.26 420.58
C GLN A 984 286.00 -382.21 419.92
N ASP A 985 287.32 -382.41 419.93
CA ASP A 985 288.20 -381.50 419.21
C ASP A 985 287.94 -381.57 417.70
N GLU A 986 287.54 -382.75 417.20
CA GLU A 986 287.15 -382.84 415.80
C GLU A 986 285.94 -381.97 415.50
N LEU A 987 284.92 -381.99 416.35
CA LEU A 987 283.77 -381.12 416.14
C LEU A 987 284.16 -379.65 416.25
N ILE A 988 285.03 -379.33 417.21
CA ILE A 988 285.55 -377.97 417.32
C ILE A 988 286.22 -377.54 416.02
N ASN A 989 287.05 -378.40 415.44
CA ASN A 989 287.73 -378.06 414.20
C ASN A 989 286.74 -377.94 413.03
N LYS A 990 285.72 -378.79 413.01
CA LYS A 990 284.69 -378.67 411.97
C LYS A 990 284.00 -377.31 412.04
N LEU A 991 283.62 -376.88 413.25
CA LEU A 991 282.92 -375.61 413.37
C LEU A 991 283.87 -374.43 413.30
N ASN A 992 285.17 -374.66 413.46
CA ASN A 992 286.14 -373.56 413.42
C ASN A 992 286.11 -372.86 412.07
N LYS A 993 285.93 -373.63 411.00
CA LYS A 993 285.75 -373.02 409.68
C LYS A 993 284.53 -372.11 409.62
N GLU A 994 283.39 -372.56 410.16
CA GLU A 994 282.18 -371.77 409.99
C GLU A 994 282.18 -370.54 410.88
N LYS A 995 282.89 -370.59 412.02
CA LYS A 995 282.85 -369.46 412.96
C LYS A 995 283.14 -368.13 412.28
N LYS A 996 284.11 -368.11 411.37
CA LYS A 996 284.41 -366.90 410.63
C LYS A 996 283.60 -366.77 409.36
N MET A 997 283.45 -367.88 408.61
CA MET A 997 282.77 -367.83 407.32
C MET A 997 281.35 -367.28 407.46
N GLN A 998 280.67 -367.60 408.56
CA GLN A 998 279.36 -367.00 408.79
C GLN A 998 279.43 -365.49 408.89
N GLY A 999 280.45 -364.94 409.56
CA GLY A 999 280.63 -363.52 409.62
C GLY A 999 280.91 -362.88 408.28
N GLU A 1000 281.83 -363.48 407.52
CA GLU A 1000 282.10 -362.92 406.19
C GLU A 1000 280.86 -362.97 405.31
N THR A 1001 280.12 -364.08 405.32
CA THR A 1001 278.90 -364.15 404.53
C THR A 1001 277.87 -363.14 405.02
N ASN A 1002 277.77 -362.91 406.33
CA ASN A 1002 276.82 -361.94 406.85
C ASN A 1002 277.14 -360.54 406.37
N GLN A 1003 278.41 -360.13 406.47
CA GLN A 1003 278.77 -358.81 405.95
C GLN A 1003 278.60 -358.73 404.44
N LYS A 1004 278.94 -359.79 403.71
CA LYS A 1004 278.76 -359.76 402.25
C LYS A 1004 277.29 -359.58 401.89
N THR A 1005 276.40 -360.32 402.55
CA THR A 1005 274.97 -360.17 402.33
C THR A 1005 274.45 -358.81 402.77
N GLY A 1006 275.04 -358.20 403.81
CA GLY A 1006 274.62 -356.88 404.21
C GLY A 1006 275.00 -355.78 403.23
N GLU A 1007 276.08 -355.98 402.47
CA GLU A 1007 276.57 -354.97 401.54
C GLU A 1007 275.59 -354.65 400.42
N GLU A 1008 275.01 -355.66 399.78
CA GLU A 1008 273.96 -355.37 398.81
C GLU A 1008 272.74 -354.77 399.49
N LEU A 1009 272.46 -355.21 400.72
CA LEU A 1009 271.38 -354.60 401.49
C LEU A 1009 271.67 -353.14 401.78
N GLN A 1010 272.91 -352.82 402.16
CA GLN A 1010 273.26 -351.42 402.43
C GLN A 1010 273.15 -350.53 401.20
N ALA A 1011 273.59 -351.01 400.03
CA ALA A 1011 273.43 -350.24 398.81
C ALA A 1011 271.96 -350.05 398.44
N ALA A 1012 271.08 -350.93 398.94
CA ALA A 1012 269.67 -350.86 398.58
C ALA A 1012 269.06 -349.53 399.01
N GLU A 1013 269.12 -349.19 400.30
CA GLU A 1013 268.49 -347.94 400.75
C GLU A 1013 269.24 -346.74 400.21
N ASP A 1014 270.54 -346.90 399.93
CA ASP A 1014 271.29 -345.82 399.31
C ASP A 1014 270.71 -345.47 397.95
N LYS A 1015 270.45 -346.47 397.11
CA LYS A 1015 269.90 -346.14 395.80
C LYS A 1015 268.41 -345.83 395.92
N ILE A 1016 267.77 -346.29 397.00
CA ILE A 1016 266.40 -345.85 397.30
C ILE A 1016 266.38 -344.34 397.46
N ASN A 1017 267.29 -343.81 398.27
CA ASN A 1017 267.40 -342.36 398.41
C ASN A 1017 267.76 -341.71 397.07
N HIS A 1018 268.69 -342.32 396.35
CA HIS A 1018 269.07 -341.78 395.04
C HIS A 1018 267.88 -341.76 394.08
N LEU A 1019 267.12 -342.87 394.03
CA LEU A 1019 265.96 -342.88 393.14
C LEU A 1019 264.87 -341.94 393.63
N ASN A 1020 264.75 -341.73 394.94
CA ASN A 1020 263.79 -340.77 395.46
C ASN A 1020 264.12 -339.36 394.98
N LYS A 1021 265.39 -338.96 395.07
CA LYS A 1021 265.75 -337.64 394.55
C LYS A 1021 265.57 -337.55 393.04
N VAL A 1022 265.98 -338.56 392.28
CA VAL A 1022 265.86 -338.44 390.83
C VAL A 1022 264.39 -338.40 390.43
N LYS A 1023 263.55 -339.18 391.10
CA LYS A 1023 262.12 -339.11 390.82
C LYS A 1023 261.56 -337.76 391.20
N ALA A 1024 261.85 -337.27 392.42
CA ALA A 1024 261.34 -335.97 392.84
C ALA A 1024 261.73 -334.87 391.87
N LYS A 1025 262.93 -334.98 391.27
CA LYS A 1025 263.29 -334.08 390.18
C LYS A 1025 262.41 -334.33 388.95
N LEU A 1026 262.11 -335.59 388.66
CA LEU A 1026 261.43 -335.92 387.41
C LEU A 1026 259.95 -335.51 387.43
N GLU A 1027 259.27 -335.68 388.57
CA GLU A 1027 257.89 -335.19 388.64
C GLU A 1027 257.84 -333.68 388.49
N GLN A 1028 258.76 -332.95 389.12
CA GLN A 1028 258.81 -331.50 388.94
C GLN A 1028 259.06 -331.14 387.47
N THR A 1029 260.00 -331.84 386.83
CA THR A 1029 260.29 -331.57 385.43
C THR A 1029 259.08 -331.84 384.54
N LEU A 1030 258.40 -332.97 384.74
CA LEU A 1030 257.25 -333.28 383.91
C LEU A 1030 256.12 -332.30 384.15
N ASP A 1031 255.93 -331.87 385.41
CA ASP A 1031 254.91 -330.86 385.68
C ASP A 1031 255.24 -329.55 384.99
N GLU A 1032 256.50 -329.11 385.07
CA GLU A 1032 256.91 -327.87 384.44
C GLU A 1032 256.76 -327.91 382.94
N LEU A 1033 257.09 -329.03 382.29
CA LEU A 1033 256.93 -329.12 380.85
C LEU A 1033 255.47 -329.32 380.46
N GLU A 1034 254.69 -329.96 381.34
CA GLU A 1034 253.32 -330.34 381.00
C GLU A 1034 252.38 -329.16 381.11
N ASP A 1035 252.43 -328.44 382.24
CA ASP A 1035 251.48 -327.34 382.44
C ASP A 1035 251.61 -326.28 381.34
N SER A 1036 252.80 -326.10 380.79
CA SER A 1036 252.98 -325.21 379.65
C SER A 1036 252.15 -325.68 378.46
N LEU A 1037 252.01 -326.99 378.31
CA LEU A 1037 251.21 -327.51 377.21
C LEU A 1037 249.76 -327.05 377.32
N GLU A 1038 249.17 -327.12 378.52
CA GLU A 1038 247.80 -326.64 378.67
C GLU A 1038 247.70 -325.13 378.63
N ARG A 1039 248.72 -324.40 379.12
CA ARG A 1039 248.71 -322.95 378.94
C ARG A 1039 248.65 -322.59 377.46
N GLU A 1040 249.37 -323.34 376.62
CA GLU A 1040 249.32 -323.10 375.19
C GLU A 1040 248.02 -323.64 374.58
N LYS A 1041 247.44 -324.67 375.19
CA LYS A 1041 246.19 -325.23 374.68
C LYS A 1041 245.04 -324.25 374.87
N LYS A 1042 245.05 -323.50 375.98
CA LYS A 1042 244.05 -322.44 376.14
C LYS A 1042 244.18 -321.39 375.05
N VAL A 1043 245.42 -321.03 374.71
CA VAL A 1043 245.65 -320.09 373.61
C VAL A 1043 245.15 -320.67 372.30
N ARG A 1044 245.39 -321.96 372.08
CA ARG A 1044 244.91 -322.63 370.87
C ARG A 1044 243.38 -322.56 370.79
N GLY A 1045 242.70 -322.87 371.90
CA GLY A 1045 241.25 -322.81 371.91
C GLY A 1045 240.74 -321.41 371.65
N ASP A 1046 241.38 -320.41 372.27
CA ASP A 1046 240.96 -319.03 372.06
C ASP A 1046 241.14 -318.61 370.61
N VAL A 1047 242.27 -318.96 370.00
CA VAL A 1047 242.54 -318.51 368.64
C VAL A 1047 241.64 -319.24 367.63
N GLU A 1048 241.33 -320.51 367.89
CA GLU A 1048 240.42 -321.21 366.98
C GLU A 1048 238.99 -320.69 367.15
N LYS A 1049 238.60 -320.35 368.37
CA LYS A 1049 237.30 -319.71 368.56
C LYS A 1049 237.24 -318.37 367.82
N SER A 1050 238.30 -317.58 367.90
CA SER A 1050 238.35 -316.33 367.15
C SER A 1050 238.31 -316.59 365.65
N LYS A 1051 238.91 -317.70 365.21
CA LYS A 1051 238.83 -318.08 363.82
C LYS A 1051 237.39 -318.36 363.41
N ARG A 1052 236.61 -318.96 364.32
CA ARG A 1052 235.19 -319.17 364.04
C ARG A 1052 234.48 -317.85 363.75
N LYS A 1053 234.67 -316.85 364.61
CA LYS A 1053 234.01 -315.57 364.38
C LYS A 1053 234.52 -314.89 363.12
N VAL A 1054 235.83 -314.96 362.85
CA VAL A 1054 236.34 -314.24 361.69
C VAL A 1054 235.90 -314.91 360.40
N GLU A 1055 235.74 -316.24 360.40
CA GLU A 1055 235.23 -316.90 359.21
C GLU A 1055 233.74 -316.62 359.05
N GLY A 1056 233.02 -316.46 360.16
CA GLY A 1056 231.64 -315.98 360.06
C GLY A 1056 231.56 -314.59 359.45
N ASP A 1057 232.46 -313.70 359.86
CA ASP A 1057 232.51 -312.37 359.26
C ASP A 1057 232.88 -312.44 357.79
N LEU A 1058 233.77 -313.36 357.43
CA LEU A 1058 234.10 -313.57 356.02
C LEU A 1058 232.87 -314.00 355.24
N LYS A 1059 232.06 -314.90 355.81
CA LYS A 1059 230.83 -315.30 355.15
C LYS A 1059 229.90 -314.11 354.98
N LEU A 1060 229.73 -313.32 356.04
CA LEU A 1060 228.88 -312.13 355.97
C LEU A 1060 229.35 -311.20 354.86
N THR A 1061 230.65 -310.97 354.77
CA THR A 1061 231.17 -310.14 353.69
C THR A 1061 230.94 -310.80 352.32
N GLN A 1062 230.89 -312.13 352.28
CA GLN A 1062 230.59 -312.79 351.01
C GLN A 1062 229.19 -312.47 350.53
N GLU A 1063 228.19 -312.57 351.41
CA GLU A 1063 226.85 -312.13 350.96
C GLU A 1063 226.79 -310.62 350.76
N ALA A 1064 227.62 -309.85 351.47
CA ALA A 1064 227.67 -308.42 351.22
C ALA A 1064 228.15 -308.13 349.80
N VAL A 1065 229.18 -308.84 349.35
CA VAL A 1065 229.72 -308.64 348.02
C VAL A 1065 228.75 -309.17 346.96
N ALA A 1066 228.11 -310.31 347.23
CA ALA A 1066 227.40 -311.03 346.17
C ALA A 1066 226.33 -310.17 345.51
N ASP A 1067 225.56 -309.43 346.30
CA ASP A 1067 224.38 -308.77 345.75
C ASP A 1067 224.71 -307.47 345.03
N LEU A 1068 225.72 -306.74 345.51
CA LEU A 1068 225.90 -305.41 344.95
C LEU A 1068 226.46 -305.45 343.53
N GLU A 1069 227.25 -306.47 343.18
CA GLU A 1069 227.65 -306.59 341.77
C GLU A 1069 226.45 -306.83 340.88
N ARG A 1070 225.49 -307.64 341.33
CA ARG A 1070 224.21 -307.68 340.63
C ARG A 1070 223.66 -306.26 340.47
N ASN A 1071 223.50 -305.55 341.59
CA ASN A 1071 222.84 -304.25 341.58
C ASN A 1071 223.49 -303.30 340.59
N LYS A 1072 224.83 -303.22 340.62
CA LYS A 1072 225.55 -302.39 339.67
C LYS A 1072 225.34 -302.87 338.25
N LYS A 1073 225.23 -304.18 338.02
CA LYS A 1073 224.92 -304.64 336.68
C LYS A 1073 223.54 -304.21 336.19
N GLU A 1074 222.48 -304.40 336.99
CA GLU A 1074 221.18 -303.90 336.52
C GLU A 1074 221.15 -302.39 336.33
N LEU A 1075 221.76 -301.61 337.22
CA LEU A 1075 221.78 -300.17 336.95
C LEU A 1075 222.56 -299.86 335.68
N GLU A 1076 223.59 -300.64 335.38
CA GLU A 1076 224.30 -300.50 334.12
C GLU A 1076 223.40 -300.78 332.91
N GLN A 1077 222.63 -301.87 332.93
CA GLN A 1077 221.72 -302.05 331.80
C GLN A 1077 220.70 -300.92 331.73
N THR A 1078 220.19 -300.46 332.87
CA THR A 1078 219.20 -299.39 332.82
C THR A 1078 219.76 -298.13 332.18
N ILE A 1079 220.97 -297.72 332.57
CA ILE A 1079 221.56 -296.53 331.95
C ILE A 1079 221.82 -296.79 330.47
N GLN A 1080 222.11 -298.04 330.12
CA GLN A 1080 222.29 -298.36 328.70
C GLN A 1080 220.98 -298.19 327.93
N ARG A 1081 219.89 -298.81 328.39
CA ARG A 1081 218.60 -298.64 327.75
C ARG A 1081 218.27 -297.16 327.59
N LYS A 1082 218.52 -296.37 328.64
CA LYS A 1082 218.13 -294.98 328.60
C LYS A 1082 219.03 -294.17 327.66
N ASP A 1083 220.30 -294.57 327.53
CA ASP A 1083 221.16 -294.00 326.50
C ASP A 1083 220.63 -294.31 325.11
N LYS A 1084 219.93 -295.44 324.94
CA LYS A 1084 219.31 -295.67 323.63
C LYS A 1084 218.34 -294.56 323.22
N GLU A 1085 217.41 -294.14 324.07
CA GLU A 1085 216.50 -293.08 323.63
C GLU A 1085 217.18 -291.72 323.69
N LEU A 1086 218.30 -291.62 324.43
CA LEU A 1086 219.11 -290.41 324.31
C LEU A 1086 219.44 -290.11 322.84
N SER A 1087 219.97 -291.10 322.12
CA SER A 1087 220.30 -290.91 320.71
C SER A 1087 219.07 -290.62 319.87
N SER A 1088 217.96 -291.32 320.10
CA SER A 1088 216.77 -291.10 319.29
C SER A 1088 216.25 -289.67 319.47
N ILE A 1089 216.21 -289.18 320.70
CA ILE A 1089 215.71 -287.82 320.92
C ILE A 1089 216.68 -286.80 320.34
N THR A 1090 217.99 -287.06 320.45
CA THR A 1090 218.93 -286.14 319.83
C THR A 1090 218.78 -286.11 318.31
N ALA A 1091 218.34 -287.22 317.70
CA ALA A 1091 218.08 -287.20 316.27
C ALA A 1091 217.04 -286.14 315.91
N LYS A 1092 215.88 -286.15 316.58
CA LYS A 1092 214.88 -285.13 316.30
C LYS A 1092 215.32 -283.74 316.75
N LEU A 1093 216.14 -283.66 317.80
CA LEU A 1093 216.68 -282.37 318.22
C LEU A 1093 217.60 -281.78 317.16
N GLU A 1094 218.26 -282.63 316.38
CA GLU A 1094 219.01 -282.13 315.24
C GLU A 1094 218.13 -281.93 314.02
N ASP A 1095 216.96 -282.58 313.99
CA ASP A 1095 216.06 -282.46 312.84
C ASP A 1095 215.31 -281.13 312.82
N GLU A 1096 214.75 -280.71 313.97
CA GLU A 1096 213.72 -279.69 313.91
C GLU A 1096 214.25 -278.34 313.46
N GLN A 1097 215.45 -277.96 313.90
CA GLN A 1097 215.95 -276.63 313.60
C GLN A 1097 216.43 -276.53 312.16
N VAL A 1098 217.02 -277.59 311.62
CA VAL A 1098 217.39 -277.57 310.21
C VAL A 1098 216.14 -277.57 309.35
N VAL A 1099 215.08 -278.23 309.80
CA VAL A 1099 213.81 -278.16 309.07
C VAL A 1099 213.23 -276.75 309.09
N VAL A 1100 213.19 -276.15 310.28
CA VAL A 1100 212.55 -274.85 310.44
C VAL A 1100 213.38 -273.73 309.81
N LEU A 1101 214.71 -273.81 309.90
CA LEU A 1101 215.57 -272.67 309.55
C LEU A 1101 215.35 -272.25 308.10
N LYS A 1102 215.33 -273.21 307.18
CA LYS A 1102 215.16 -272.86 305.77
C LYS A 1102 213.81 -272.23 305.47
N HIS A 1103 212.74 -272.73 306.11
CA HIS A 1103 211.40 -272.19 305.88
C HIS A 1103 211.30 -270.70 306.15
N GLN A 1104 211.93 -270.22 307.23
CA GLN A 1104 211.96 -268.78 307.47
C GLN A 1104 212.64 -268.04 306.33
N ARG A 1105 213.70 -268.62 305.77
CA ARG A 1105 214.36 -267.99 304.63
C ARG A 1105 213.42 -267.91 303.42
N GLN A 1106 212.75 -269.03 303.08
CA GLN A 1106 211.80 -268.97 301.97
C GLN A 1106 210.70 -267.96 302.25
N ILE A 1107 210.30 -267.82 303.53
CA ILE A 1107 209.43 -266.73 303.91
C ILE A 1107 210.03 -265.39 303.52
N LYS A 1108 211.33 -265.21 303.75
CA LYS A 1108 211.96 -263.93 303.41
C LYS A 1108 211.93 -263.69 301.91
N GLU A 1109 212.25 -264.70 301.08
CA GLU A 1109 212.18 -264.47 299.64
C GLU A 1109 210.75 -264.21 299.15
N LEU A 1110 209.77 -264.98 299.62
CA LEU A 1110 208.40 -264.72 299.17
C LEU A 1110 207.91 -263.36 299.66
N GLN A 1111 208.34 -262.95 300.86
CA GLN A 1111 208.01 -261.62 301.34
C GLN A 1111 208.62 -260.55 300.45
N ALA A 1112 209.91 -260.68 300.11
CA ALA A 1112 210.54 -259.70 299.23
C ALA A 1112 209.83 -259.63 297.89
N ARG A 1113 209.38 -260.79 297.39
CA ARG A 1113 208.51 -260.82 296.22
C ARG A 1113 207.25 -260.00 296.46
N ILE A 1114 206.67 -260.11 297.66
CA ILE A 1114 205.49 -259.31 297.99
C ILE A 1114 205.83 -257.82 297.95
N GLU A 1115 207.00 -257.43 298.47
CA GLU A 1115 207.34 -256.01 298.37
C GLU A 1115 207.58 -255.53 296.95
N GLU A 1116 208.21 -256.32 296.07
CA GLU A 1116 208.31 -255.77 294.72
C GLU A 1116 206.97 -255.81 293.98
N LEU A 1117 206.04 -256.66 294.40
CA LEU A 1117 204.68 -256.53 293.90
C LEU A 1117 204.01 -255.25 294.40
N GLU A 1118 204.13 -254.95 295.68
CA GLU A 1118 203.55 -253.71 296.21
C GLU A 1118 204.18 -252.49 295.54
N GLU A 1119 205.51 -252.49 295.38
CA GLU A 1119 206.22 -251.41 294.73
C GLU A 1119 205.75 -251.17 293.31
N GLU A 1120 205.37 -252.22 292.59
CA GLU A 1120 204.82 -252.03 291.25
C GLU A 1120 203.33 -251.73 291.28
N VAL A 1121 202.61 -252.08 292.36
CA VAL A 1121 201.19 -251.75 292.44
C VAL A 1121 200.98 -250.25 292.27
N GLU A 1122 201.74 -249.45 293.02
CA GLU A 1122 201.70 -248.02 292.79
C GLU A 1122 202.28 -247.64 291.43
N ALA A 1123 203.08 -248.50 290.80
CA ALA A 1123 203.51 -248.19 289.44
C ALA A 1123 202.32 -248.13 288.49
N GLU A 1124 201.47 -249.17 288.48
CA GLU A 1124 200.30 -249.04 287.61
C GLU A 1124 199.25 -248.10 288.20
N ARG A 1125 199.29 -247.80 289.50
CA ARG A 1125 198.36 -246.80 290.01
C ARG A 1125 198.72 -245.40 289.52
N GLN A 1126 200.00 -245.03 289.55
CA GLN A 1126 200.41 -243.75 289.01
C GLN A 1126 200.34 -243.72 287.49
N ALA A 1127 200.60 -244.85 286.83
CA ALA A 1127 200.44 -244.90 285.39
C ALA A 1127 198.97 -244.87 284.99
N ARG A 1128 198.09 -245.40 285.85
CA ARG A 1128 196.66 -245.15 285.72
C ARG A 1128 196.33 -243.68 285.87
N ALA A 1129 196.97 -242.99 286.81
CA ALA A 1129 196.78 -241.54 286.89
C ALA A 1129 197.14 -240.90 285.56
N LYS A 1130 198.28 -241.28 284.99
CA LYS A 1130 198.67 -240.77 283.67
C LYS A 1130 197.65 -241.13 282.60
N ALA A 1131 197.16 -242.37 282.60
CA ALA A 1131 196.23 -242.84 281.59
C ALA A 1131 194.90 -242.11 281.68
N GLU A 1132 194.43 -241.83 282.90
CA GLU A 1132 193.14 -241.17 283.06
C GLU A 1132 193.19 -239.72 282.57
N LYS A 1133 194.25 -238.99 282.87
CA LYS A 1133 194.38 -237.64 282.34
C LYS A 1133 194.90 -237.59 280.91
N GLN A 1134 195.26 -238.72 280.32
CA GLN A 1134 195.45 -238.71 278.86
C GLN A 1134 194.23 -239.27 278.14
N ARG A 1135 193.28 -239.86 278.87
CA ARG A 1135 192.13 -240.50 278.27
C ARG A 1135 190.85 -239.71 278.42
N ALA A 1136 190.52 -239.27 279.64
CA ALA A 1136 189.28 -238.54 279.85
C ALA A 1136 189.25 -237.25 279.03
N ASP A 1137 190.33 -236.47 279.09
CA ASP A 1137 190.39 -235.24 278.31
C ASP A 1137 190.37 -235.53 276.81
N LEU A 1138 191.12 -236.55 276.37
CA LEU A 1138 191.17 -236.88 274.96
C LEU A 1138 189.81 -237.31 274.43
N ALA A 1139 189.09 -238.15 275.17
CA ALA A 1139 187.74 -238.53 274.78
C ALA A 1139 186.77 -237.37 274.93
N ARG A 1140 187.13 -236.39 275.77
CA ARG A 1140 186.25 -235.24 275.95
C ARG A 1140 186.37 -234.26 274.79
N GLU A 1141 187.55 -234.18 274.15
CA GLU A 1141 187.61 -233.39 272.93
C GLU A 1141 186.72 -233.97 271.82
N LEU A 1142 186.37 -235.25 271.92
CA LEU A 1142 185.36 -235.79 271.01
C LEU A 1142 184.07 -234.99 271.09
N GLU A 1143 183.54 -234.80 272.30
CA GLU A 1143 182.31 -234.02 272.43
C GLU A 1143 182.58 -232.52 272.35
N GLU A 1144 183.83 -232.09 272.53
CA GLU A 1144 184.15 -230.68 272.32
C GLU A 1144 184.16 -230.32 270.85
N LEU A 1145 184.49 -231.27 269.97
CA LEU A 1145 184.49 -231.01 268.54
C LEU A 1145 183.21 -231.51 267.87
N GLY A 1146 182.41 -232.33 268.56
CA GLY A 1146 181.14 -232.76 268.00
C GLY A 1146 180.19 -231.61 267.73
N GLU A 1147 180.04 -230.72 268.72
CA GLU A 1147 179.15 -229.58 268.50
C GLU A 1147 179.74 -228.62 267.47
N ARG A 1148 181.07 -228.50 267.43
CA ARG A 1148 181.71 -227.67 266.41
C ARG A 1148 181.41 -228.19 265.02
N LEU A 1149 181.51 -229.51 264.83
CA LEU A 1149 181.24 -230.09 263.52
C LEU A 1149 179.78 -229.97 263.15
N GLU A 1150 178.87 -230.25 264.10
CA GLU A 1150 177.45 -230.23 263.76
C GLU A 1150 176.94 -228.81 263.53
N GLU A 1151 177.44 -227.83 264.28
CA GLU A 1151 177.03 -226.44 264.04
C GLU A 1151 177.58 -225.93 262.71
N ALA A 1152 178.80 -226.33 262.35
CA ALA A 1152 179.33 -225.98 261.04
C ALA A 1152 178.51 -226.61 259.92
N GLY A 1153 178.11 -227.88 260.10
CA GLY A 1153 177.25 -228.52 259.13
C GLY A 1153 175.90 -227.84 259.00
N GLY A 1154 175.27 -227.51 260.13
CA GLY A 1154 174.00 -226.82 260.09
C GLY A 1154 174.10 -225.45 259.46
N ALA A 1155 175.23 -224.76 259.69
CA ALA A 1155 175.48 -223.50 259.00
C ALA A 1155 175.54 -223.71 257.49
N THR A 1156 176.24 -224.75 257.04
CA THR A 1156 176.16 -225.16 255.64
C THR A 1156 174.79 -225.70 255.28
N SER A 1157 174.15 -226.45 256.18
CA SER A 1157 172.80 -226.94 255.95
C SER A 1157 171.73 -225.88 256.19
N ALA A 1158 172.12 -224.61 256.33
CA ALA A 1158 171.18 -223.51 256.41
C ALA A 1158 170.84 -222.95 255.04
N GLN A 1159 171.53 -223.38 253.99
CA GLN A 1159 171.23 -222.91 252.64
C GLN A 1159 170.97 -224.04 251.67
N ILE A 1160 171.22 -225.30 252.04
CA ILE A 1160 170.95 -226.41 251.12
C ILE A 1160 169.46 -226.54 250.88
N GLU A 1161 168.63 -226.00 251.78
CA GLU A 1161 167.20 -225.94 251.55
C GLU A 1161 166.76 -224.59 250.99
N LEU A 1162 167.50 -223.52 251.28
CA LEU A 1162 167.12 -222.21 250.79
C LEU A 1162 167.20 -222.16 249.27
N ASN A 1163 168.07 -222.97 248.67
CA ASN A 1163 168.25 -222.93 247.22
C ASN A 1163 166.97 -223.27 246.49
N LYS A 1164 166.23 -224.29 246.95
CA LYS A 1164 165.01 -224.69 246.27
C LYS A 1164 163.98 -223.56 246.28
N LYS A 1165 163.85 -222.87 247.42
CA LYS A 1165 163.01 -221.69 247.46
C LYS A 1165 163.51 -220.62 246.49
N ARG A 1166 164.83 -220.49 246.35
CA ARG A 1166 165.36 -219.47 245.45
C ARG A 1166 164.99 -219.73 243.99
N GLU A 1167 165.19 -220.95 243.49
CA GLU A 1167 164.74 -221.15 242.10
C GLU A 1167 163.22 -221.20 242.03
N ALA A 1168 162.54 -221.44 243.17
CA ALA A 1168 161.10 -221.29 243.17
C ALA A 1168 160.68 -219.86 242.86
N GLU A 1169 161.29 -218.87 243.52
CA GLU A 1169 160.97 -217.49 243.15
C GLU A 1169 161.42 -217.18 241.73
N LEU A 1170 162.57 -217.72 241.32
CA LEU A 1170 163.03 -217.49 239.95
C LEU A 1170 162.00 -217.95 238.93
N SER A 1171 161.53 -219.19 239.06
CA SER A 1171 160.52 -219.73 238.15
C SER A 1171 159.19 -219.02 238.28
N LYS A 1172 158.81 -218.60 239.49
CA LYS A 1172 157.58 -217.84 239.65
C LYS A 1172 157.66 -216.54 238.86
N LEU A 1173 158.79 -215.85 238.92
CA LEU A 1173 159.00 -214.66 238.12
C LEU A 1173 159.02 -214.94 236.64
N ARG A 1174 159.60 -216.07 236.22
CA ARG A 1174 159.51 -216.44 234.81
C ARG A 1174 158.05 -216.46 234.34
N ARG A 1175 157.22 -217.30 234.97
CA ARG A 1175 155.85 -217.43 234.52
C ARG A 1175 155.10 -216.12 234.69
N ASP A 1176 155.48 -215.29 235.66
CA ASP A 1176 154.93 -213.94 235.71
C ASP A 1176 155.24 -213.18 234.44
N LEU A 1177 156.44 -213.35 233.89
CA LEU A 1177 156.79 -212.65 232.66
C LEU A 1177 155.98 -213.19 231.48
N GLU A 1178 155.93 -214.51 231.30
CA GLU A 1178 155.15 -215.01 230.15
C GLU A 1178 153.66 -214.71 230.28
N GLU A 1179 153.06 -214.84 231.47
CA GLU A 1179 151.63 -214.57 231.55
C GLU A 1179 151.35 -213.10 231.34
N ALA A 1180 152.24 -212.23 231.82
CA ALA A 1180 152.11 -210.80 231.57
C ALA A 1180 152.23 -210.45 230.11
N ASN A 1181 153.04 -211.19 229.35
CA ASN A 1181 153.09 -211.01 227.91
C ASN A 1181 151.73 -211.15 227.26
N ILE A 1182 151.09 -212.31 227.39
CA ILE A 1182 149.78 -212.52 226.79
C ILE A 1182 148.74 -211.62 227.42
N GLN A 1183 148.93 -211.25 228.70
CA GLN A 1183 148.07 -210.24 229.31
C GLN A 1183 148.21 -208.90 228.60
N HIS A 1184 149.32 -208.70 227.89
CA HIS A 1184 149.53 -207.46 227.17
C HIS A 1184 149.00 -207.53 225.74
N GLU A 1185 149.45 -208.53 224.97
CA GLU A 1185 149.06 -208.58 223.56
C GLU A 1185 147.55 -208.81 223.40
N SER A 1186 146.93 -209.54 224.32
CA SER A 1186 145.49 -209.76 224.22
C SER A 1186 144.73 -208.44 224.30
N THR A 1187 145.02 -207.64 225.33
CA THR A 1187 144.35 -206.35 225.46
C THR A 1187 144.70 -205.42 224.30
N LEU A 1188 145.94 -205.49 223.81
CA LEU A 1188 146.30 -204.69 222.64
C LEU A 1188 145.44 -205.07 221.44
N ALA A 1189 145.25 -206.38 221.21
CA ALA A 1189 144.43 -206.82 220.10
C ALA A 1189 142.98 -206.38 220.29
N ASN A 1190 142.43 -206.51 221.50
CA ASN A 1190 141.04 -206.12 221.72
C ASN A 1190 140.86 -204.63 221.49
N LEU A 1191 141.77 -203.80 222.01
CA LEU A 1191 141.63 -202.37 221.77
C LEU A 1191 141.79 -202.03 220.29
N ARG A 1192 142.69 -202.71 219.57
CA ARG A 1192 142.79 -202.47 218.14
C ARG A 1192 141.49 -202.81 217.43
N LYS A 1193 140.87 -203.94 217.78
CA LYS A 1193 139.64 -204.35 217.13
C LYS A 1193 138.50 -203.37 217.42
N LYS A 1194 138.41 -202.90 218.66
CA LYS A 1194 137.33 -201.98 218.98
C LYS A 1194 137.57 -200.58 218.41
N HIS A 1195 138.84 -200.19 218.23
CA HIS A 1195 139.13 -198.82 217.85
C HIS A 1195 139.26 -198.65 216.33
N ASN A 1196 139.67 -199.70 215.62
CA ASN A 1196 139.93 -199.57 214.19
C ASN A 1196 138.68 -199.23 213.39
N ASP A 1197 137.55 -199.87 213.69
CA ASP A 1197 136.31 -199.54 212.99
C ASP A 1197 135.65 -198.31 213.58
N ALA A 1198 135.94 -198.01 214.85
CA ALA A 1198 135.28 -196.90 215.53
C ALA A 1198 135.53 -195.59 214.80
N VAL A 1199 136.72 -195.41 214.25
CA VAL A 1199 136.97 -194.25 213.40
C VAL A 1199 136.07 -194.28 212.18
N ALA A 1200 135.91 -195.46 211.56
CA ALA A 1200 135.06 -195.56 210.38
C ALA A 1200 133.58 -195.48 210.73
N GLU A 1201 133.21 -195.84 211.96
CA GLU A 1201 131.80 -195.83 212.33
C GLU A 1201 131.18 -194.45 212.20
N MET A 1202 131.81 -193.43 212.79
CA MET A 1202 131.31 -192.07 212.61
C MET A 1202 131.53 -191.58 211.18
N ALA A 1203 132.48 -192.18 210.47
CA ALA A 1203 132.67 -191.85 209.06
C ALA A 1203 131.51 -192.35 208.22
N GLU A 1204 130.77 -193.35 208.71
CA GLU A 1204 129.59 -193.81 207.99
C GLU A 1204 128.40 -192.86 208.13
N GLN A 1205 128.61 -191.66 208.67
CA GLN A 1205 127.57 -190.65 208.74
C GLN A 1205 127.92 -189.43 207.89
N VAL A 1206 129.22 -189.09 207.84
CA VAL A 1206 129.65 -187.91 207.11
C VAL A 1206 129.38 -188.07 205.61
N ASP A 1207 129.65 -189.23 205.03
CA ASP A 1207 129.38 -189.45 203.62
C ASP A 1207 127.89 -189.45 203.32
N GLN A 1208 127.07 -190.03 204.21
CA GLN A 1208 125.63 -190.00 204.01
C GLN A 1208 125.09 -188.58 204.04
N LEU A 1209 125.59 -187.74 204.97
CA LEU A 1209 125.21 -186.33 204.95
C LEU A 1209 125.74 -185.63 203.71
N ASN A 1210 126.92 -186.04 203.23
CA ASN A 1210 127.48 -185.47 202.02
C ASN A 1210 126.61 -185.75 200.80
N LYS A 1211 125.95 -186.91 200.76
CA LYS A 1211 125.02 -187.18 199.66
C LYS A 1211 123.90 -186.14 199.61
N LEU A 1212 123.26 -185.89 200.76
CA LEU A 1212 122.22 -184.87 200.80
C LEU A 1212 122.77 -183.48 200.53
N LYS A 1213 124.01 -183.23 200.97
CA LYS A 1213 124.64 -181.94 200.67
C LYS A 1213 124.83 -181.77 199.17
N ALA A 1214 125.24 -182.83 198.47
CA ALA A 1214 125.39 -182.77 197.03
C ALA A 1214 124.03 -182.56 196.35
N LYS A 1215 122.99 -183.21 196.87
CA LYS A 1215 121.65 -182.98 196.35
C LYS A 1215 121.24 -181.53 196.49
N ALA A 1216 121.52 -180.93 197.65
CA ALA A 1216 121.23 -179.52 197.86
C ALA A 1216 122.03 -178.63 196.94
N GLU A 1217 123.31 -178.95 196.73
CA GLU A 1217 124.13 -178.18 195.79
C GLU A 1217 123.57 -178.26 194.38
N LYS A 1218 123.13 -179.44 193.96
CA LYS A 1218 122.54 -179.56 192.63
C LYS A 1218 121.27 -178.71 192.52
N GLU A 1219 120.35 -178.85 193.47
CA GLU A 1219 119.12 -178.07 193.36
C GLU A 1219 119.38 -176.58 193.52
N LYS A 1220 120.52 -176.22 194.11
CA LYS A 1220 121.01 -174.85 194.03
C LYS A 1220 121.45 -174.50 192.61
N ASN A 1221 122.04 -175.46 191.90
CA ASN A 1221 122.42 -175.23 190.51
C ASN A 1221 121.21 -175.02 189.61
N GLU A 1222 120.20 -175.90 189.68
CA GLU A 1222 118.98 -175.59 188.93
C GLU A 1222 118.37 -174.29 189.42
N TYR A 1223 118.56 -173.94 190.71
CA TYR A 1223 118.07 -172.66 191.19
C TYR A 1223 118.72 -171.51 190.46
N TYR A 1224 120.04 -171.56 190.29
CA TYR A 1224 120.73 -170.58 189.46
C TYR A 1224 120.15 -170.58 188.06
N GLY A 1225 119.77 -171.76 187.57
CA GLY A 1225 119.11 -171.83 186.28
C GLY A 1225 117.84 -171.00 186.22
N GLN A 1226 116.91 -171.21 187.15
CA GLN A 1226 115.67 -170.43 187.06
C GLN A 1226 115.91 -168.95 187.36
N LEU A 1227 116.90 -168.61 188.20
CA LEU A 1227 117.11 -167.18 188.45
C LEU A 1227 117.63 -166.49 187.19
N ASN A 1228 118.54 -167.13 186.46
CA ASN A 1228 118.96 -166.56 185.19
C ASN A 1228 117.80 -166.49 184.21
N ASP A 1229 116.95 -167.52 184.16
CA ASP A 1229 115.80 -167.47 183.26
C ASP A 1229 114.86 -166.31 183.61
N LEU A 1230 114.62 -166.08 184.90
CA LEU A 1230 113.68 -165.04 185.28
C LEU A 1230 114.27 -163.64 185.15
N ARG A 1231 115.57 -163.47 185.37
CA ARG A 1231 116.17 -162.16 185.12
C ARG A 1231 116.20 -161.87 183.62
N ALA A 1232 116.35 -162.91 182.80
CA ALA A 1232 116.19 -162.73 181.35
C ALA A 1232 114.75 -162.35 181.02
N GLY A 1233 113.78 -163.00 181.67
CA GLY A 1233 112.38 -162.67 181.44
C GLY A 1233 112.06 -161.23 181.80
N VAL A 1234 112.64 -160.73 182.89
CA VAL A 1234 112.48 -159.31 183.23
C VAL A 1234 113.02 -158.44 182.10
N ASP A 1235 114.17 -158.83 181.53
CA ASP A 1235 114.67 -158.16 180.34
C ASP A 1235 113.73 -158.31 179.15
N HIS A 1236 113.10 -159.48 178.99
CA HIS A 1236 112.20 -159.66 177.86
C HIS A 1236 110.93 -158.84 178.02
N ILE A 1237 110.60 -158.41 179.24
CA ILE A 1237 109.35 -157.65 179.41
C ILE A 1237 109.64 -156.16 179.45
N THR A 1238 110.81 -155.76 179.96
CA THR A 1238 111.14 -154.35 180.06
C THR A 1238 111.14 -153.64 178.72
N ASN A 1239 111.56 -154.32 177.65
CA ASN A 1239 111.59 -153.67 176.35
C ASN A 1239 110.19 -153.32 175.85
N GLU A 1240 109.20 -154.22 175.99
CA GLU A 1240 107.88 -153.82 175.54
C GLU A 1240 107.25 -152.86 176.54
N LYS A 1241 107.66 -152.89 177.81
CA LYS A 1241 107.23 -151.83 178.72
C LYS A 1241 107.63 -150.46 178.18
N ALA A 1242 108.93 -150.28 177.89
CA ALA A 1242 109.42 -149.04 177.31
C ALA A 1242 108.67 -148.70 176.04
N ALA A 1243 108.43 -149.72 175.20
CA ALA A 1243 107.64 -149.51 173.99
C ALA A 1243 106.25 -149.00 174.32
N GLN A 1244 105.67 -149.46 175.43
CA GLN A 1244 104.31 -149.03 175.76
C GLN A 1244 104.26 -147.57 176.19
N GLU A 1245 105.19 -147.10 177.04
CA GLU A 1245 105.09 -145.67 177.33
C GLU A 1245 105.43 -144.84 176.10
N LYS A 1246 106.36 -145.32 175.26
CA LYS A 1246 106.62 -144.58 174.02
C LYS A 1246 105.39 -144.52 173.12
N ILE A 1247 104.66 -145.63 172.97
CA ILE A 1247 103.46 -145.62 172.15
C ILE A 1247 102.39 -144.75 172.78
N ALA A 1248 102.30 -144.72 174.11
CA ALA A 1248 101.37 -143.81 174.75
C ALA A 1248 101.69 -142.37 174.37
N LYS A 1249 102.96 -141.97 174.51
CA LYS A 1249 103.35 -140.62 174.13
C LYS A 1249 103.07 -140.37 172.66
N GLN A 1250 103.24 -141.38 171.81
CA GLN A 1250 102.86 -141.23 170.41
C GLN A 1250 101.38 -140.90 170.27
N LEU A 1251 100.52 -141.66 170.95
CA LEU A 1251 99.09 -141.48 170.75
C LEU A 1251 98.59 -140.15 171.29
N GLN A 1252 99.13 -139.68 172.43
CA GLN A 1252 98.64 -138.40 172.93
C GLN A 1252 98.94 -137.24 171.97
N HIS A 1253 100.15 -137.16 171.42
CA HIS A 1253 100.37 -136.05 170.51
C HIS A 1253 99.87 -136.37 169.11
N THR A 1254 99.64 -137.67 168.81
CA THR A 1254 99.00 -137.99 167.54
C THR A 1254 97.62 -137.36 167.42
N LEU A 1255 96.80 -137.48 168.46
CA LEU A 1255 95.54 -136.76 168.47
C LEU A 1255 95.74 -135.25 168.50
N ASN A 1256 96.73 -134.77 169.25
CA ASN A 1256 97.02 -133.34 169.29
C ASN A 1256 97.40 -132.79 167.92
N GLU A 1257 98.22 -133.51 167.16
CA GLU A 1257 98.54 -133.06 165.82
C GLU A 1257 97.39 -133.27 164.85
N VAL A 1258 96.57 -134.29 165.11
CA VAL A 1258 95.42 -134.53 164.23
C VAL A 1258 94.41 -133.40 164.31
N GLN A 1259 94.07 -132.96 165.53
CA GLN A 1259 93.14 -131.83 165.64
C GLN A 1259 93.76 -130.55 165.07
N SER A 1260 95.07 -130.36 165.22
CA SER A 1260 95.68 -129.18 164.64
C SER A 1260 95.61 -129.19 163.11
N LYS A 1261 95.91 -130.34 162.49
CA LYS A 1261 95.79 -130.45 161.05
C LYS A 1261 94.34 -130.30 160.61
N LEU A 1262 93.40 -130.85 161.38
CA LEU A 1262 91.99 -130.71 161.04
C LEU A 1262 91.55 -129.26 161.09
N ASP A 1263 92.00 -128.51 162.10
CA ASP A 1263 91.68 -127.09 162.18
C ASP A 1263 92.27 -126.33 161.00
N GLU A 1264 93.57 -126.53 160.74
CA GLU A 1264 94.22 -125.81 159.65
C GLU A 1264 93.69 -126.25 158.29
N THR A 1265 93.03 -127.41 158.23
CA THR A 1265 92.40 -127.87 157.00
C THR A 1265 91.03 -127.24 156.83
N ASN A 1266 90.20 -127.32 157.87
CA ASN A 1266 88.82 -126.85 157.78
C ASN A 1266 88.74 -125.34 157.65
N ARG A 1267 89.61 -124.59 158.33
CA ARG A 1267 89.56 -123.14 158.21
C ARG A 1267 89.85 -122.72 156.77
N THR A 1268 90.89 -123.30 156.17
CA THR A 1268 91.19 -122.99 154.77
C THR A 1268 90.12 -123.50 153.83
N LEU A 1269 89.50 -124.64 154.14
CA LEU A 1269 88.42 -125.15 153.30
C LEU A 1269 87.24 -124.19 153.30
N ASN A 1270 86.86 -123.68 154.48
CA ASN A 1270 85.77 -122.71 154.55
C ASN A 1270 86.17 -121.39 153.90
N ASP A 1271 87.42 -120.97 154.04
CA ASP A 1271 87.88 -119.76 153.35
C ASP A 1271 87.78 -119.92 151.84
N PHE A 1272 88.11 -121.11 151.33
CA PHE A 1272 87.98 -121.40 149.91
C PHE A 1272 86.55 -121.26 149.42
N ASP A 1273 85.56 -121.65 150.22
CA ASP A 1273 84.17 -121.51 149.82
C ASP A 1273 83.81 -120.05 149.55
N ALA A 1274 84.42 -119.13 150.31
CA ALA A 1274 84.19 -117.72 150.08
C ALA A 1274 84.64 -117.27 148.69
N SER A 1275 85.82 -117.72 148.25
CA SER A 1275 86.27 -117.39 146.90
C SER A 1275 85.34 -117.98 145.86
N LYS A 1276 84.87 -119.21 146.09
CA LYS A 1276 83.88 -119.81 145.20
C LYS A 1276 82.63 -118.95 145.11
N LYS A 1277 82.17 -118.43 146.24
CA LYS A 1277 80.99 -117.56 146.21
C LYS A 1277 81.25 -116.28 145.42
N LYS A 1278 82.32 -115.56 145.75
CA LYS A 1278 82.59 -114.30 145.03
C LYS A 1278 82.89 -114.52 143.56
N LEU A 1279 83.35 -115.71 143.16
CA LEU A 1279 83.46 -115.95 141.72
C LEU A 1279 82.11 -116.33 141.12
N SER A 1280 81.27 -117.05 141.85
CA SER A 1280 79.99 -117.51 141.33
C SER A 1280 78.95 -116.40 141.28
N ILE A 1281 79.20 -115.26 141.93
CA ILE A 1281 78.27 -114.15 141.84
C ILE A 1281 78.08 -113.72 140.39
N GLU A 1282 79.19 -113.52 139.66
CA GLU A 1282 79.11 -112.87 138.37
C GLU A 1282 78.90 -113.82 137.20
N ASN A 1283 78.91 -115.14 137.42
CA ASN A 1283 78.82 -116.06 136.28
C ASN A 1283 77.57 -115.78 135.46
N SER A 1284 76.40 -115.79 136.10
CA SER A 1284 75.18 -115.54 135.35
C SER A 1284 74.88 -114.04 135.27
N ASP A 1285 75.50 -113.25 136.14
CA ASP A 1285 75.30 -111.79 136.05
C ASP A 1285 75.82 -111.25 134.73
N LEU A 1286 77.06 -111.58 134.39
CA LEU A 1286 77.60 -111.19 133.09
C LEU A 1286 76.83 -111.87 131.98
N LEU A 1287 76.20 -113.02 132.26
CA LEU A 1287 75.30 -113.61 131.28
C LEU A 1287 74.13 -112.68 130.99
N ARG A 1288 73.51 -112.09 132.01
CA ARG A 1288 72.48 -111.09 131.70
C ARG A 1288 73.06 -109.92 130.92
N GLN A 1289 74.20 -109.36 131.37
CA GLN A 1289 74.75 -108.23 130.63
C GLN A 1289 75.01 -108.59 129.17
N LEU A 1290 75.45 -109.81 128.90
CA LEU A 1290 75.57 -110.25 127.51
C LEU A 1290 74.21 -110.33 126.84
N GLU A 1291 73.17 -110.76 127.57
CA GLU A 1291 71.82 -110.76 126.98
C GLU A 1291 71.45 -109.37 126.50
N GLU A 1292 71.60 -108.35 127.35
CA GLU A 1292 71.34 -106.99 126.86
C GLU A 1292 72.29 -106.63 125.72
N ALA A 1293 73.53 -107.09 125.80
CA ALA A 1293 74.49 -106.75 124.75
C ALA A 1293 73.96 -107.16 123.39
N GLU A 1294 73.60 -108.43 123.22
CA GLU A 1294 73.11 -108.85 121.90
C GLU A 1294 71.70 -108.38 121.63
N SER A 1295 70.91 -108.06 122.67
CA SER A 1295 69.57 -107.53 122.38
C SER A 1295 69.68 -106.17 121.71
N GLN A 1296 70.46 -105.25 122.30
CA GLN A 1296 70.71 -104.01 121.58
C GLN A 1296 71.52 -104.22 120.31
N VAL A 1297 72.36 -105.25 120.23
CA VAL A 1297 73.01 -105.53 118.95
C VAL A 1297 71.99 -105.80 117.86
N SER A 1298 71.04 -106.70 118.09
CA SER A 1298 70.01 -107.01 117.11
C SER A 1298 69.10 -105.82 116.83
N GLN A 1299 68.63 -105.12 117.88
CA GLN A 1299 67.77 -103.97 117.67
C GLN A 1299 68.48 -102.89 116.86
N LEU A 1300 69.73 -102.61 117.20
CA LEU A 1300 70.45 -101.56 116.53
C LEU A 1300 70.92 -101.97 115.15
N SER A 1301 71.12 -103.27 114.91
CA SER A 1301 71.41 -103.73 113.56
C SER A 1301 70.19 -103.56 112.66
N LYS A 1302 69.01 -104.00 113.13
CA LYS A 1302 67.84 -103.79 112.29
C LYS A 1302 67.53 -102.31 112.09
N ILE A 1303 67.71 -101.47 113.11
CA ILE A 1303 67.42 -100.05 112.89
C ILE A 1303 68.45 -99.43 111.96
N LYS A 1304 69.72 -99.84 112.04
CA LYS A 1304 70.72 -99.26 111.15
C LYS A 1304 70.48 -99.67 109.71
N ILE A 1305 70.08 -100.93 109.49
CA ILE A 1305 69.69 -101.33 108.15
C ILE A 1305 68.51 -100.51 107.65
N SER A 1306 67.48 -100.35 108.49
CA SER A 1306 66.31 -99.59 108.08
C SER A 1306 66.70 -98.15 107.75
N LEU A 1307 67.51 -97.52 108.58
CA LEU A 1307 67.86 -96.12 108.36
C LEU A 1307 68.81 -95.94 107.18
N THR A 1308 69.70 -96.89 106.93
CA THR A 1308 70.43 -96.87 105.67
C THR A 1308 69.49 -96.98 104.49
N THR A 1309 68.34 -97.64 104.68
CA THR A 1309 67.33 -97.60 103.63
C THR A 1309 66.68 -96.22 103.52
N GLN A 1310 66.22 -95.65 104.64
CA GLN A 1310 65.49 -94.37 104.53
C GLN A 1310 66.40 -93.24 104.07
N LEU A 1311 67.70 -93.32 104.35
CA LEU A 1311 68.60 -92.34 103.73
C LEU A 1311 68.55 -92.43 102.22
N GLU A 1312 68.61 -93.65 101.68
CA GLU A 1312 68.52 -93.82 100.24
C GLU A 1312 67.14 -93.41 99.74
N ASP A 1313 66.09 -93.71 100.51
CA ASP A 1313 64.74 -93.31 100.12
C ASP A 1313 64.61 -91.78 100.07
N THR A 1314 65.15 -91.08 101.07
CA THR A 1314 65.05 -89.63 101.09
C THR A 1314 65.89 -89.00 99.99
N LYS A 1315 67.08 -89.54 99.72
CA LYS A 1315 67.87 -88.97 98.64
C LYS A 1315 67.19 -89.21 97.29
N ARG A 1316 66.52 -90.36 97.11
CA ARG A 1316 65.67 -90.50 95.95
C ARG A 1316 64.60 -89.42 95.92
N LEU A 1317 63.77 -89.36 96.97
CA LEU A 1317 62.64 -88.43 96.97
C LEU A 1317 63.09 -87.03 96.59
N ALA A 1318 64.20 -86.59 97.19
CA ALA A 1318 64.83 -85.34 96.77
C ALA A 1318 65.21 -85.36 95.30
N ASP A 1319 65.71 -86.48 94.77
CA ASP A 1319 66.12 -86.53 93.38
C ASP A 1319 64.94 -86.38 92.40
N GLU A 1320 63.89 -87.20 92.54
CA GLU A 1320 62.78 -87.01 91.61
C GLU A 1320 62.09 -85.66 91.84
N GLU A 1321 61.91 -85.26 93.10
CA GLU A 1321 61.31 -83.95 93.35
C GLU A 1321 62.17 -82.83 92.78
N SER A 1322 63.49 -83.04 92.65
CA SER A 1322 64.33 -82.10 91.94
C SER A 1322 64.06 -82.14 90.44
N ARG A 1323 63.68 -83.31 89.91
CA ARG A 1323 63.25 -83.36 88.51
C ARG A 1323 61.96 -82.59 88.28
N GLU A 1324 60.98 -82.70 89.18
CA GLU A 1324 59.84 -81.80 89.04
C GLU A 1324 60.23 -80.35 89.23
N ARG A 1325 61.15 -80.03 90.15
CA ARG A 1325 61.63 -78.67 90.23
C ARG A 1325 62.17 -78.19 88.89
N ALA A 1326 63.05 -78.98 88.27
CA ALA A 1326 63.65 -78.60 87.00
C ALA A 1326 62.59 -78.42 85.93
N THR A 1327 61.71 -79.39 85.75
CA THR A 1327 60.73 -79.32 84.67
C THR A 1327 59.76 -78.16 84.88
N LEU A 1328 59.20 -78.03 86.07
CA LEU A 1328 58.22 -77.00 86.35
C LEU A 1328 58.85 -75.61 86.33
N LEU A 1329 60.05 -75.45 86.87
CA LEU A 1329 60.72 -74.16 86.78
C LEU A 1329 61.13 -73.82 85.35
N GLY A 1330 61.54 -74.82 84.55
CA GLY A 1330 61.86 -74.56 83.17
C GLY A 1330 60.66 -74.09 82.38
N LYS A 1331 59.52 -74.76 82.54
CA LYS A 1331 58.31 -74.28 81.89
C LYS A 1331 57.87 -72.93 82.44
N PHE A 1332 58.02 -72.71 83.75
CA PHE A 1332 57.69 -71.41 84.33
C PHE A 1332 58.49 -70.29 83.68
N ARG A 1333 59.82 -70.31 83.87
CA ARG A 1333 60.68 -69.29 83.28
C ARG A 1333 60.52 -69.21 81.77
N ASN A 1334 60.18 -70.32 81.11
CA ASN A 1334 59.84 -70.26 79.69
C ASN A 1334 58.61 -69.36 79.48
N LEU A 1335 57.62 -69.47 80.35
CA LEU A 1335 56.38 -68.74 80.19
C LEU A 1335 56.51 -67.24 80.42
N GLU A 1336 57.48 -66.76 81.19
CA GLU A 1336 57.65 -65.32 81.26
C GLU A 1336 58.34 -64.74 80.03
N HIS A 1337 59.11 -65.53 79.28
CA HIS A 1337 59.54 -65.08 77.97
C HIS A 1337 58.34 -64.79 77.09
N ASP A 1338 57.38 -65.72 77.06
CA ASP A 1338 56.13 -65.50 76.34
C ASP A 1338 55.33 -64.35 76.91
N LEU A 1339 55.27 -64.22 78.24
CA LEU A 1339 54.53 -63.13 78.86
C LEU A 1339 55.10 -61.78 78.46
N ASP A 1340 56.43 -61.63 78.51
CA ASP A 1340 57.05 -60.38 78.10
C ASP A 1340 56.88 -60.11 76.62
N ASN A 1341 56.98 -61.15 75.79
CA ASN A 1341 56.79 -60.97 74.35
C ASN A 1341 55.38 -60.53 74.02
N LEU A 1342 54.38 -61.17 74.65
CA LEU A 1342 52.99 -60.90 74.36
C LEU A 1342 52.42 -59.71 75.12
N ARG A 1343 53.13 -59.22 76.14
CA ARG A 1343 52.76 -57.94 76.73
C ARG A 1343 53.04 -56.81 75.75
N GLU A 1344 54.16 -56.88 75.04
CA GLU A 1344 54.49 -55.88 74.03
C GLU A 1344 53.40 -55.81 72.95
N GLN A 1345 52.69 -56.90 72.73
CA GLN A 1345 51.52 -56.86 71.86
C GLN A 1345 50.52 -55.82 72.33
N VAL A 1346 50.28 -55.75 73.65
CA VAL A 1346 49.29 -54.82 74.18
C VAL A 1346 49.67 -53.38 73.84
N GLU A 1347 50.92 -53.00 74.14
CA GLU A 1347 51.33 -51.63 73.85
C GLU A 1347 51.34 -51.34 72.36
N GLU A 1348 51.87 -52.27 71.53
CA GLU A 1348 51.97 -51.96 70.12
C GLU A 1348 50.57 -51.80 69.52
N GLU A 1349 49.62 -52.63 69.94
CA GLU A 1349 48.25 -52.43 69.47
C GLU A 1349 47.62 -51.20 70.10
N ALA A 1350 48.14 -50.74 71.25
CA ALA A 1350 47.67 -49.47 71.78
C ALA A 1350 48.03 -48.31 70.85
N GLU A 1351 49.31 -48.21 70.46
CA GLU A 1351 49.64 -47.19 69.45
C GLU A 1351 48.94 -47.48 68.12
N GLY A 1352 48.72 -48.76 67.80
CA GLY A 1352 48.00 -49.08 66.58
C GLY A 1352 46.60 -48.52 66.56
N LYS A 1353 45.86 -48.69 67.64
CA LYS A 1353 44.55 -48.07 67.77
C LYS A 1353 44.66 -46.54 67.76
N ALA A 1354 45.67 -46.00 68.46
CA ALA A 1354 45.73 -44.56 68.66
C ALA A 1354 46.00 -43.81 67.36
N ASP A 1355 47.01 -44.24 66.58
CA ASP A 1355 47.48 -43.40 65.48
C ASP A 1355 46.50 -43.38 64.32
N LEU A 1356 45.90 -44.51 63.99
CA LEU A 1356 45.00 -44.58 62.84
C LEU A 1356 43.64 -43.92 63.07
N GLN A 1357 43.27 -43.57 64.29
CA GLN A 1357 41.97 -42.93 64.48
C GLN A 1357 41.96 -41.54 63.87
N ARG A 1358 43.12 -40.88 63.82
CA ARG A 1358 43.21 -39.50 63.38
C ARG A 1358 42.88 -39.32 61.90
N GLN A 1359 43.50 -40.08 61.00
CA GLN A 1359 43.23 -39.89 59.58
C GLN A 1359 41.83 -40.36 59.21
N LEU A 1360 41.27 -41.30 59.98
CA LEU A 1360 39.90 -41.73 59.71
C LEU A 1360 38.88 -40.69 60.17
N SER A 1361 39.10 -40.11 61.35
CA SER A 1361 38.29 -38.98 61.80
C SER A 1361 38.53 -37.75 60.94
N LYS A 1362 39.62 -37.74 60.17
CA LYS A 1362 39.78 -36.73 59.14
C LYS A 1362 38.96 -37.04 57.89
N ALA A 1363 39.04 -38.29 57.42
CA ALA A 1363 38.39 -38.67 56.17
C ALA A 1363 36.88 -38.54 56.28
N ASN A 1364 36.30 -38.99 57.40
CA ASN A 1364 34.88 -38.78 57.57
C ASN A 1364 34.54 -37.30 57.68
N ALA A 1365 35.51 -36.49 58.14
CA ALA A 1365 35.29 -35.05 58.18
C ALA A 1365 35.21 -34.44 56.79
N GLU A 1366 36.12 -34.84 55.89
CA GLU A 1366 35.97 -34.39 54.50
C GLU A 1366 34.68 -34.91 53.91
N ALA A 1367 34.28 -36.13 54.27
CA ALA A 1367 33.00 -36.66 53.79
C ALA A 1367 31.85 -35.75 54.22
N GLN A 1368 31.87 -35.32 55.48
CA GLN A 1368 30.80 -34.45 55.99
C GLN A 1368 30.83 -33.09 55.30
N VAL A 1369 32.00 -32.49 55.15
CA VAL A 1369 32.06 -31.16 54.56
C VAL A 1369 31.70 -31.20 53.09
N TRP A 1370 31.97 -32.32 52.41
CA TRP A 1370 31.56 -32.46 51.03
C TRP A 1370 30.07 -32.74 50.92
N ARG A 1371 29.49 -33.40 51.93
CA ARG A 1371 28.03 -33.42 52.08
C ARG A 1371 27.47 -32.02 52.23
N SER A 1372 28.16 -31.14 52.94
CA SER A 1372 27.65 -29.78 53.15
C SER A 1372 27.57 -29.01 51.84
N LYS A 1373 28.64 -29.06 51.04
CA LYS A 1373 28.81 -28.22 49.86
C LYS A 1373 28.42 -28.91 48.56
N TYR A 1374 27.81 -30.10 48.61
CA TYR A 1374 27.09 -30.63 47.46
C TYR A 1374 26.00 -31.57 47.95
N GLU A 1375 24.97 -31.75 47.11
CA GLU A 1375 23.72 -32.44 47.41
C GLU A 1375 22.80 -31.52 48.20
N SER A 1376 23.32 -30.35 48.60
CA SER A 1376 22.47 -29.32 49.17
C SER A 1376 22.42 -28.13 48.24
N ASP A 1377 23.58 -27.61 47.83
CA ASP A 1377 23.61 -26.41 47.00
C ASP A 1377 24.17 -26.71 45.61
N GLY A 1378 25.21 -27.54 45.54
CA GLY A 1378 25.87 -27.82 44.28
C GLY A 1378 24.95 -28.43 43.23
N VAL A 1379 24.18 -29.44 43.63
CA VAL A 1379 23.26 -30.05 42.67
C VAL A 1379 22.00 -29.21 42.50
N ALA A 1380 21.58 -28.48 43.54
CA ALA A 1380 20.44 -27.59 43.40
C ALA A 1380 20.70 -26.55 42.32
N ARG A 1381 21.93 -26.03 42.28
CA ARG A 1381 22.33 -25.06 41.26
C ARG A 1381 22.33 -25.70 39.88
N SER A 1382 22.41 -27.04 39.82
CA SER A 1382 22.17 -27.73 38.56
C SER A 1382 20.68 -27.79 38.24
N GLU A 1383 19.83 -27.99 39.26
CA GLU A 1383 18.39 -28.10 38.97
C GLU A 1383 17.78 -26.77 38.51
N GLU A 1384 18.11 -25.63 39.14
CA GLU A 1384 17.46 -24.43 38.63
C GLU A 1384 17.93 -24.14 37.21
N LEU A 1385 19.15 -24.55 36.88
CA LEU A 1385 19.64 -24.34 35.52
C LEU A 1385 18.97 -25.32 34.55
N GLU A 1386 18.68 -26.54 35.02
CA GLU A 1386 18.00 -27.50 34.15
C GLU A 1386 16.58 -27.07 33.86
N GLU A 1387 15.95 -26.39 34.82
CA GLU A 1387 14.68 -25.71 34.54
C GLU A 1387 14.90 -24.51 33.63
N ALA A 1388 16.00 -23.78 33.83
CA ALA A 1388 16.28 -22.59 33.04
C ALA A 1388 16.52 -22.93 31.58
N LYS A 1389 17.00 -24.13 31.28
CA LYS A 1389 17.14 -24.52 29.87
C LYS A 1389 15.79 -24.47 29.17
N ARG A 1390 14.78 -25.14 29.72
CA ARG A 1390 13.44 -25.10 29.16
C ARG A 1390 12.90 -23.68 29.14
N LYS A 1391 13.12 -22.94 30.23
CA LYS A 1391 12.61 -21.56 30.31
C LYS A 1391 13.22 -20.65 29.26
N LEU A 1392 14.53 -20.71 29.05
CA LEU A 1392 15.18 -19.85 28.07
C LEU A 1392 14.90 -20.31 26.65
N GLN A 1393 14.70 -21.61 26.44
CA GLN A 1393 14.25 -22.07 25.14
C GLN A 1393 12.84 -21.54 24.83
N ALA A 1394 11.97 -21.50 25.84
CA ALA A 1394 10.67 -20.86 25.67
C ALA A 1394 10.83 -19.37 25.38
N ARG A 1395 11.74 -18.70 26.08
CA ARG A 1395 12.00 -17.30 25.83
C ARG A 1395 12.49 -17.06 24.41
N LEU A 1396 13.35 -17.92 23.89
CA LEU A 1396 13.74 -17.84 22.49
C LEU A 1396 12.56 -18.07 21.57
N ALA A 1397 11.81 -19.16 21.78
CA ALA A 1397 10.69 -19.47 20.91
C ALA A 1397 9.67 -18.34 20.86
N GLU A 1398 9.58 -17.55 21.93
CA GLU A 1398 8.74 -16.35 21.86
C GLU A 1398 9.51 -15.16 21.28
N ALA A 1399 10.80 -15.33 20.99
CA ALA A 1399 11.61 -14.21 20.50
C ALA A 1399 11.78 -14.25 18.99
N GLU A 1400 12.27 -15.38 18.45
CA GLU A 1400 12.61 -15.37 17.02
C GLU A 1400 11.37 -15.14 16.16
N GLU A 1401 10.29 -15.89 16.40
CA GLU A 1401 9.11 -15.77 15.55
C GLU A 1401 8.61 -14.34 15.51
N THR A 1402 8.68 -13.63 16.64
CA THR A 1402 8.40 -12.20 16.62
C THR A 1402 9.41 -11.45 15.76
N ILE A 1403 10.68 -11.88 15.79
CA ILE A 1403 11.67 -11.18 14.96
C ILE A 1403 11.32 -11.28 13.48
N GLU A 1404 11.04 -12.48 12.97
CA GLU A 1404 10.74 -12.55 11.54
C GLU A 1404 9.35 -11.99 11.23
N SER A 1405 8.39 -12.10 12.14
CA SER A 1405 7.09 -11.47 11.89
C SER A 1405 7.24 -9.95 11.76
N LEU A 1406 8.04 -9.35 12.64
CA LEU A 1406 8.34 -7.93 12.55
C LEU A 1406 9.04 -7.62 11.23
N ASN A 1407 10.02 -8.44 10.87
CA ASN A 1407 10.79 -8.18 9.65
C ASN A 1407 9.89 -8.24 8.41
N GLN A 1408 9.05 -9.26 8.33
CA GLN A 1408 8.15 -9.41 7.18
C GLN A 1408 7.11 -8.29 7.11
N LYS A 1409 6.48 -7.92 8.24
CA LYS A 1409 5.47 -6.88 8.11
C LYS A 1409 6.12 -5.54 7.84
N CYS A 1410 7.35 -5.34 8.30
CA CYS A 1410 8.08 -4.12 7.97
C CYS A 1410 8.49 -4.09 6.51
N ILE A 1411 8.87 -5.24 5.94
CA ILE A 1411 9.13 -5.30 4.49
C ILE A 1411 7.86 -4.97 3.72
N GLY A 1412 6.74 -5.54 4.13
CA GLY A 1412 5.48 -5.23 3.48
C GLY A 1412 5.13 -3.75 3.58
N LEU A 1413 5.39 -3.15 4.75
CA LEU A 1413 5.14 -1.72 4.90
C LEU A 1413 6.07 -0.89 4.02
N GLU A 1414 7.34 -1.28 3.90
CA GLU A 1414 8.22 -0.56 2.98
C GLU A 1414 7.70 -0.66 1.55
N LYS A 1415 7.26 -1.85 1.14
CA LYS A 1415 6.73 -2.02 -0.21
C LYS A 1415 5.50 -1.13 -0.44
N THR A 1416 4.57 -1.11 0.52
CA THR A 1416 3.38 -0.30 0.33
C THR A 1416 3.64 1.18 0.55
N LYS A 1417 4.77 1.53 1.17
CA LYS A 1417 5.11 2.93 1.39
C LYS A 1417 5.31 3.66 0.07
N GLN A 1418 6.02 3.03 -0.87
CA GLN A 1418 6.07 3.59 -2.21
C GLN A 1418 4.68 3.61 -2.84
N ARG A 1419 3.94 2.51 -2.70
CA ARG A 1419 2.60 2.39 -3.27
C ARG A 1419 1.68 3.50 -2.80
N LEU A 1420 1.79 3.92 -1.54
CA LEU A 1420 0.97 5.01 -1.01
C LEU A 1420 1.60 6.38 -1.29
N SER A 1421 2.91 6.44 -1.48
CA SER A 1421 3.54 7.70 -1.84
C SER A 1421 3.46 7.99 -3.33
N THR A 1422 3.14 6.98 -4.16
CA THR A 1422 3.03 7.21 -5.60
C THR A 1422 1.94 8.22 -5.92
N GLU A 1423 0.72 7.99 -5.41
CA GLU A 1423 -0.38 8.88 -5.74
C GLU A 1423 -0.16 10.27 -5.18
N VAL A 1424 0.79 10.43 -4.26
CA VAL A 1424 1.09 11.75 -3.72
C VAL A 1424 1.55 12.70 -4.82
N GLU A 1425 2.54 12.32 -5.61
CA GLU A 1425 2.98 13.21 -6.68
C GLU A 1425 2.03 13.22 -7.86
N ASP A 1426 1.33 12.12 -8.14
CA ASP A 1426 0.35 12.14 -9.23
C ASP A 1426 -0.78 13.10 -8.93
N LEU A 1427 -1.15 13.24 -7.65
CA LEU A 1427 -2.25 14.15 -7.34
C LEU A 1427 -1.82 15.61 -7.47
N GLN A 1428 -0.58 15.95 -7.11
CA GLN A 1428 -0.10 17.30 -7.39
C GLN A 1428 0.18 17.51 -8.87
N LEU A 1429 0.40 16.43 -9.62
CA LEU A 1429 0.58 16.55 -11.06
C LEU A 1429 -0.76 16.59 -11.79
N GLU A 1430 -1.85 16.28 -11.10
CA GLU A 1430 -3.17 16.47 -11.70
C GLU A 1430 -3.81 17.78 -11.25
N VAL A 1431 -3.59 18.19 -10.00
CA VAL A 1431 -4.14 19.46 -9.55
C VAL A 1431 -3.52 20.64 -10.28
N ASP A 1432 -2.27 20.52 -10.73
CA ASP A 1432 -1.64 21.64 -11.42
C ASP A 1432 -2.35 21.97 -12.72
N ARG A 1433 -2.56 20.99 -13.60
CA ARG A 1433 -3.26 21.31 -14.84
C ARG A 1433 -4.76 21.45 -14.62
N ALA A 1434 -5.30 20.86 -13.55
CA ALA A 1434 -6.69 21.15 -13.21
C ALA A 1434 -6.88 22.62 -12.93
N ASN A 1435 -6.06 23.19 -12.05
CA ASN A 1435 -6.10 24.62 -11.78
C ASN A 1435 -5.75 25.45 -13.00
N ALA A 1436 -4.78 25.01 -13.81
CA ALA A 1436 -4.42 25.74 -15.01
C ALA A 1436 -5.59 25.85 -15.98
N ILE A 1437 -6.26 24.74 -16.29
CA ILE A 1437 -7.39 24.80 -17.19
C ILE A 1437 -8.56 25.54 -16.57
N ALA A 1438 -8.76 25.41 -15.25
CA ALA A 1438 -9.83 26.16 -14.60
C ALA A 1438 -9.61 27.66 -14.73
N ASN A 1439 -8.38 28.12 -14.48
CA ASN A 1439 -8.10 29.55 -14.57
C ASN A 1439 -8.12 30.03 -16.02
N ALA A 1440 -7.66 29.21 -16.96
CA ALA A 1440 -7.73 29.58 -18.37
C ALA A 1440 -9.19 29.73 -18.82
N ALA A 1441 -10.06 28.83 -18.38
CA ALA A 1441 -11.48 28.97 -18.69
C ALA A 1441 -12.06 30.21 -18.01
N GLU A 1442 -11.68 30.46 -16.76
CA GLU A 1442 -12.22 31.57 -16.00
C GLU A 1442 -11.85 32.92 -16.60
N LYS A 1443 -10.60 33.08 -17.06
CA LYS A 1443 -10.21 34.37 -17.65
C LYS A 1443 -11.03 34.70 -18.89
N LYS A 1444 -11.14 33.75 -19.83
CA LYS A 1444 -11.92 34.00 -21.03
C LYS A 1444 -13.41 34.06 -20.75
N GLN A 1445 -13.87 33.43 -19.66
CA GLN A 1445 -15.23 33.68 -19.18
C GLN A 1445 -15.40 35.13 -18.74
N LYS A 1446 -14.40 35.66 -18.04
CA LYS A 1446 -14.41 37.09 -17.73
C LYS A 1446 -14.22 37.96 -18.96
N ALA A 1447 -13.80 37.37 -20.08
CA ALA A 1447 -13.47 38.16 -21.26
C ALA A 1447 -14.61 38.32 -22.26
N PHE A 1448 -15.52 37.35 -22.39
CA PHE A 1448 -16.47 37.39 -23.49
C PHE A 1448 -17.57 38.42 -23.27
N ASP A 1449 -17.68 38.99 -22.07
CA ASP A 1449 -18.89 39.70 -21.68
C ASP A 1449 -19.17 40.89 -22.59
N LYS A 1450 -18.14 41.65 -22.96
CA LYS A 1450 -18.36 42.79 -23.86
C LYS A 1450 -18.46 42.36 -25.32
N ILE A 1451 -17.99 41.17 -25.66
CA ILE A 1451 -18.16 40.68 -27.03
C ILE A 1451 -19.64 40.48 -27.34
N ILE A 1452 -20.42 39.98 -26.37
CA ILE A 1452 -21.85 39.85 -26.55
C ILE A 1452 -22.47 41.20 -26.91
N GLY A 1453 -22.12 42.23 -26.14
CA GLY A 1453 -22.64 43.56 -26.43
C GLY A 1453 -22.21 44.08 -27.78
N GLU A 1454 -20.93 43.96 -28.11
CA GLU A 1454 -20.44 44.44 -29.40
C GLU A 1454 -21.19 43.80 -30.55
N TRP A 1455 -21.34 42.47 -30.51
CA TRP A 1455 -22.10 41.79 -31.54
C TRP A 1455 -23.55 42.22 -31.55
N LYS A 1456 -24.16 42.40 -30.37
CA LYS A 1456 -25.53 42.88 -30.33
C LYS A 1456 -25.66 44.25 -30.99
N LEU A 1457 -24.74 45.17 -30.68
CA LEU A 1457 -24.80 46.49 -31.30
C LEU A 1457 -24.69 46.40 -32.81
N LYS A 1458 -23.70 45.67 -33.33
CA LYS A 1458 -23.52 45.68 -34.78
C LYS A 1458 -24.64 44.93 -35.48
N VAL A 1459 -25.14 43.84 -34.88
CA VAL A 1459 -26.22 43.10 -35.53
C VAL A 1459 -27.50 43.92 -35.52
N ASP A 1460 -27.74 44.65 -34.43
CA ASP A 1460 -28.91 45.53 -34.39
C ASP A 1460 -28.81 46.63 -35.43
N ASP A 1461 -27.64 47.25 -35.57
CA ASP A 1461 -27.46 48.30 -36.57
C ASP A 1461 -27.71 47.75 -37.98
N LEU A 1462 -27.07 46.63 -38.32
CA LEU A 1462 -27.23 46.07 -39.65
C LEU A 1462 -28.63 45.57 -39.92
N ALA A 1463 -29.30 44.99 -38.92
CA ALA A 1463 -30.69 44.58 -39.12
C ALA A 1463 -31.62 45.78 -39.29
N ALA A 1464 -31.40 46.84 -38.52
CA ALA A 1464 -32.23 48.04 -38.65
C ALA A 1464 -32.02 48.70 -40.01
N GLU A 1465 -30.82 48.59 -40.57
CA GLU A 1465 -30.63 49.07 -41.93
C GLU A 1465 -31.21 48.12 -42.97
N LEU A 1466 -31.16 46.82 -42.73
CA LEU A 1466 -31.54 45.83 -43.73
C LEU A 1466 -33.03 45.92 -44.04
N ASP A 1467 -33.87 45.89 -43.00
CA ASP A 1467 -35.31 45.96 -43.22
C ASP A 1467 -35.75 47.27 -43.87
N ALA A 1468 -35.15 48.39 -43.45
CA ALA A 1468 -35.43 49.66 -44.13
C ALA A 1468 -35.04 49.58 -45.59
N SER A 1469 -33.93 48.92 -45.90
CA SER A 1469 -33.54 48.73 -47.29
C SER A 1469 -34.57 47.90 -48.04
N GLN A 1470 -35.11 46.86 -47.40
CA GLN A 1470 -36.12 46.03 -48.06
C GLN A 1470 -37.39 46.81 -48.37
N LYS A 1471 -37.90 47.57 -47.39
CA LYS A 1471 -39.08 48.39 -47.67
C LYS A 1471 -38.77 49.47 -48.69
N GLU A 1472 -37.53 49.98 -48.72
CA GLU A 1472 -37.14 50.91 -49.77
C GLU A 1472 -37.15 50.26 -51.14
N CYS A 1473 -36.67 49.02 -51.25
CA CYS A 1473 -36.71 48.31 -52.53
C CYS A 1473 -38.14 48.10 -52.98
N ARG A 1474 -39.02 47.72 -52.05
CA ARG A 1474 -40.43 47.54 -52.40
C ARG A 1474 -41.08 48.85 -52.81
N ASN A 1475 -40.81 49.93 -52.09
CA ASN A 1475 -41.31 51.24 -52.46
C ASN A 1475 -40.81 51.66 -53.83
N TYR A 1476 -39.55 51.39 -54.16
CA TYR A 1476 -39.03 51.62 -55.50
C TYR A 1476 -39.77 50.79 -56.55
N SER A 1477 -40.05 49.52 -56.23
CA SER A 1477 -40.81 48.68 -57.14
C SER A 1477 -42.20 49.26 -57.37
N THR A 1478 -42.74 49.99 -56.38
CA THR A 1478 -44.07 50.58 -56.58
C THR A 1478 -44.12 51.53 -57.76
N GLU A 1479 -43.16 52.48 -57.88
CA GLU A 1479 -43.20 53.32 -59.07
C GLU A 1479 -42.51 52.68 -60.26
N LEU A 1480 -41.78 51.58 -60.07
CA LEU A 1480 -41.45 50.77 -61.23
C LEU A 1480 -42.73 50.28 -61.91
N PHE A 1481 -43.69 49.79 -61.12
CA PHE A 1481 -45.01 49.49 -61.67
C PHE A 1481 -45.69 50.72 -62.23
N ARG A 1482 -45.55 51.88 -61.58
CA ARG A 1482 -46.19 53.09 -62.07
C ARG A 1482 -45.66 53.47 -63.46
N LEU A 1483 -44.35 53.40 -63.64
CA LEU A 1483 -43.79 53.72 -64.96
C LEU A 1483 -44.20 52.68 -66.00
N LYS A 1484 -44.15 51.39 -65.65
CA LYS A 1484 -44.51 50.37 -66.64
C LYS A 1484 -45.99 50.49 -67.01
N GLY A 1485 -46.81 51.06 -66.13
CA GLY A 1485 -48.21 51.24 -66.45
C GLY A 1485 -48.50 52.56 -67.15
N ALA A 1486 -47.69 53.59 -66.90
CA ALA A 1486 -47.99 54.91 -67.43
C ALA A 1486 -47.25 55.17 -68.73
N TYR A 1487 -46.34 54.29 -69.13
CA TYR A 1487 -45.53 54.57 -70.31
C TYR A 1487 -46.35 54.49 -71.59
N GLU A 1488 -47.23 53.48 -71.71
CA GLU A 1488 -47.81 53.15 -73.01
C GLU A 1488 -48.84 54.17 -73.47
N GLU A 1489 -49.39 54.97 -72.56
CA GLU A 1489 -50.33 55.99 -72.98
C GLU A 1489 -49.67 57.04 -73.86
N GLY A 1490 -48.36 57.25 -73.70
CA GLY A 1490 -47.65 58.12 -74.62
C GLY A 1490 -47.68 57.60 -76.04
N GLN A 1491 -47.40 56.31 -76.23
CA GLN A 1491 -47.50 55.72 -77.55
C GLN A 1491 -48.93 55.75 -78.06
N GLU A 1492 -49.90 55.55 -77.17
CA GLU A 1492 -51.30 55.60 -77.58
C GLU A 1492 -51.67 56.97 -78.13
N GLN A 1493 -51.32 58.04 -77.41
CA GLN A 1493 -51.66 59.38 -77.90
C GLN A 1493 -50.83 59.74 -79.13
N LEU A 1494 -49.59 59.25 -79.22
CA LEU A 1494 -48.82 59.47 -80.45
C LEU A 1494 -49.49 58.82 -81.64
N GLU A 1495 -49.93 57.57 -81.51
CA GLU A 1495 -50.64 56.91 -82.60
C GLU A 1495 -51.92 57.65 -82.95
N ALA A 1496 -52.63 58.15 -81.94
CA ALA A 1496 -53.85 58.91 -82.20
C ALA A 1496 -53.56 60.19 -82.97
N VAL A 1497 -52.46 60.88 -82.63
CA VAL A 1497 -52.27 62.23 -83.14
C VAL A 1497 -51.53 62.23 -84.47
N ARG A 1498 -50.71 61.21 -84.73
CA ARG A 1498 -49.95 61.19 -85.99
C ARG A 1498 -50.87 61.17 -87.20
N ARG A 1499 -51.94 60.35 -87.15
CA ARG A 1499 -52.86 60.31 -88.27
C ARG A 1499 -53.51 61.67 -88.50
N GLU A 1500 -53.94 62.32 -87.41
CA GLU A 1500 -54.62 63.62 -87.46
C GLU A 1500 -53.86 64.67 -88.26
N ASN A 1501 -52.53 64.71 -88.13
CA ASN A 1501 -51.76 65.72 -88.86
C ASN A 1501 -51.95 65.57 -90.36
N LYS A 1502 -51.74 64.36 -90.87
CA LYS A 1502 -51.92 64.10 -92.30
C LYS A 1502 -53.38 64.23 -92.73
N ASN A 1503 -54.33 63.91 -91.85
CA ASN A 1503 -55.73 64.11 -92.20
C ASN A 1503 -56.02 65.59 -92.43
N LEU A 1504 -55.79 66.42 -91.42
CA LEU A 1504 -56.13 67.83 -91.54
C LEU A 1504 -55.28 68.57 -92.56
N ALA A 1505 -54.07 68.11 -92.84
CA ALA A 1505 -53.35 68.64 -93.99
C ALA A 1505 -54.14 68.42 -95.28
N ASP A 1506 -54.80 67.27 -95.39
CA ASP A 1506 -55.58 66.96 -96.58
C ASP A 1506 -56.89 67.72 -96.62
N GLU A 1507 -57.64 67.74 -95.50
CA GLU A 1507 -58.85 68.60 -95.53
C GLU A 1507 -58.53 70.12 -95.54
N VAL A 1508 -57.32 70.66 -95.38
CA VAL A 1508 -57.17 72.10 -95.62
C VAL A 1508 -56.93 72.40 -97.11
N LYS A 1509 -56.24 71.53 -97.84
CA LYS A 1509 -55.89 71.84 -99.22
C LYS A 1509 -57.10 71.78 -100.15
N ASP A 1510 -57.97 70.80 -99.99
CA ASP A 1510 -59.17 70.77 -100.84
C ASP A 1510 -60.07 71.95 -100.50
N LEU A 1511 -60.05 72.41 -99.25
CA LEU A 1511 -60.78 73.62 -98.90
C LEU A 1511 -60.20 74.83 -99.63
N LEU A 1512 -58.88 74.95 -99.69
CA LEU A 1512 -58.27 76.04 -100.44
C LEU A 1512 -58.62 75.96 -101.93
N ASP A 1513 -58.62 74.75 -102.47
CA ASP A 1513 -59.03 74.54 -103.86
C ASP A 1513 -60.48 74.96 -104.08
N GLN A 1514 -61.37 74.61 -103.14
CA GLN A 1514 -62.76 75.03 -103.23
C GLN A 1514 -62.89 76.54 -103.15
N ILE A 1515 -62.07 77.18 -102.33
CA ILE A 1515 -62.04 78.65 -102.29
C ILE A 1515 -61.62 79.24 -103.62
N GLY A 1516 -60.57 78.74 -104.24
CA GLY A 1516 -60.17 79.21 -105.55
C GLY A 1516 -61.27 79.03 -106.57
N GLU A 1517 -61.87 77.84 -106.57
CA GLU A 1517 -62.96 77.54 -107.50
C GLU A 1517 -64.13 78.49 -107.31
N GLY A 1518 -64.60 78.66 -106.07
CA GLY A 1518 -65.72 79.56 -105.81
C GLY A 1518 -65.40 81.00 -106.14
N GLY A 1519 -64.17 81.43 -105.88
CA GLY A 1519 -63.76 82.76 -106.29
C GLY A 1519 -63.79 82.94 -107.79
N ARG A 1520 -63.50 81.87 -108.54
CA ARG A 1520 -63.70 81.95 -109.98
C ARG A 1520 -65.17 81.92 -110.37
N ASN A 1521 -65.99 81.19 -109.61
CA ASN A 1521 -67.41 81.06 -109.94
C ASN A 1521 -68.15 82.37 -109.75
N ILE A 1522 -67.59 83.31 -108.99
CA ILE A 1522 -68.26 84.61 -108.91
C ILE A 1522 -67.86 85.50 -110.09
N HIS A 1523 -66.70 85.26 -110.71
CA HIS A 1523 -66.21 86.18 -111.73
C HIS A 1523 -67.15 86.26 -112.91
N GLU A 1524 -67.73 85.15 -113.35
CA GLU A 1524 -68.70 85.29 -114.43
C GLU A 1524 -69.93 86.05 -113.96
N ILE A 1525 -70.28 86.01 -112.68
CA ILE A 1525 -71.51 86.72 -112.35
C ILE A 1525 -71.24 88.22 -112.24
N GLU A 1526 -70.00 88.65 -111.91
CA GLU A 1526 -69.77 90.09 -112.12
C GLU A 1526 -69.57 90.42 -113.60
N LYS A 1527 -69.10 89.47 -114.42
CA LYS A 1527 -69.16 89.73 -115.87
C LYS A 1527 -70.60 89.97 -116.31
N ALA A 1528 -71.54 89.20 -115.78
CA ALA A 1528 -72.95 89.43 -116.06
C ALA A 1528 -73.40 90.79 -115.54
N ARG A 1529 -72.94 91.19 -114.35
CA ARG A 1529 -73.36 92.47 -113.78
C ARG A 1529 -72.90 93.63 -114.64
N LYS A 1530 -71.60 93.68 -114.96
CA LYS A 1530 -71.09 94.74 -115.83
C LYS A 1530 -71.48 94.57 -117.29
N ARG A 1531 -72.01 93.41 -117.69
CA ARG A 1531 -72.69 93.37 -118.97
C ARG A 1531 -74.04 94.07 -118.88
N LEU A 1532 -74.85 93.73 -117.88
CA LEU A 1532 -76.17 94.33 -117.73
C LEU A 1532 -76.13 95.83 -117.51
N GLU A 1533 -75.22 96.33 -116.67
CA GLU A 1533 -75.09 97.77 -116.56
C GLU A 1533 -74.54 98.38 -117.84
N ALA A 1534 -73.91 97.57 -118.68
CA ALA A 1534 -73.50 98.03 -120.00
C ALA A 1534 -74.58 97.79 -121.04
N GLU A 1535 -75.70 97.16 -120.66
CA GLU A 1535 -76.86 97.12 -121.52
C GLU A 1535 -77.79 98.30 -121.29
N LYS A 1536 -77.74 98.90 -120.10
CA LYS A 1536 -78.69 99.98 -119.81
C LYS A 1536 -78.36 101.23 -120.61
N ASP A 1537 -77.10 101.43 -120.98
CA ASP A 1537 -76.73 102.69 -121.63
C ASP A 1537 -77.21 102.77 -123.08
N GLU A 1538 -77.12 101.69 -123.86
CA GLU A 1538 -77.61 101.80 -125.24
C GLU A 1538 -79.13 101.94 -125.26
N LEU A 1539 -79.83 101.25 -124.36
CA LEU A 1539 -81.28 101.37 -124.31
C LEU A 1539 -81.69 102.75 -123.80
N GLN A 1540 -80.90 103.33 -122.90
CA GLN A 1540 -81.12 104.73 -122.56
C GLN A 1540 -80.98 105.60 -123.80
N ALA A 1541 -79.80 105.59 -124.43
CA ALA A 1541 -79.56 106.45 -125.59
C ALA A 1541 -80.67 106.31 -126.61
N ALA A 1542 -81.11 105.07 -126.86
CA ALA A 1542 -82.26 104.84 -127.73
C ALA A 1542 -83.52 105.50 -127.18
N LEU A 1543 -83.74 105.44 -125.87
CA LEU A 1543 -84.96 106.00 -125.29
C LEU A 1543 -85.01 107.51 -125.43
N GLU A 1544 -83.93 108.19 -125.05
CA GLU A 1544 -83.93 109.65 -125.24
C GLU A 1544 -83.97 110.05 -126.72
N GLU A 1545 -83.26 109.36 -127.61
CA GLU A 1545 -83.38 109.76 -129.02
C GLU A 1545 -84.80 109.51 -129.54
N ALA A 1546 -85.43 108.42 -129.11
CA ALA A 1546 -86.78 108.12 -129.56
C ALA A 1546 -87.79 109.13 -129.03
N GLU A 1547 -87.68 109.50 -127.75
CA GLU A 1547 -88.61 110.50 -127.23
C GLU A 1547 -88.35 111.87 -127.82
N ALA A 1548 -87.10 112.22 -128.14
CA ALA A 1548 -86.83 113.46 -128.85
C ALA A 1548 -87.47 113.43 -130.24
N ALA A 1549 -87.36 112.29 -130.93
CA ALA A 1549 -87.98 112.17 -132.25
C ALA A 1549 -89.50 112.25 -132.19
N LEU A 1550 -90.12 111.61 -131.20
CA LEU A 1550 -91.57 111.62 -131.09
C LEU A 1550 -92.13 112.93 -130.55
N GLU A 1551 -91.41 113.65 -129.69
CA GLU A 1551 -91.92 114.90 -129.17
C GLU A 1551 -92.07 115.94 -130.28
N GLN A 1552 -91.04 116.09 -131.11
CA GLN A 1552 -91.13 117.02 -132.24
C GLN A 1552 -92.18 116.58 -133.25
N GLU A 1553 -92.34 115.26 -133.45
CA GLU A 1553 -93.39 114.79 -134.35
C GLU A 1553 -94.77 115.08 -133.80
N GLU A 1554 -94.94 114.97 -132.48
CA GLU A 1554 -96.21 115.35 -131.87
C GLU A 1554 -96.47 116.84 -132.02
N ASN A 1555 -95.43 117.67 -131.86
CA ASN A 1555 -95.61 119.10 -132.11
C ASN A 1555 -95.99 119.37 -133.56
N LYS A 1556 -95.36 118.66 -134.49
CA LYS A 1556 -95.71 118.79 -135.90
C LYS A 1556 -97.15 118.39 -136.17
N VAL A 1557 -97.59 117.28 -135.59
CA VAL A 1557 -98.97 116.85 -135.74
C VAL A 1557 -99.93 117.89 -135.17
N LEU A 1558 -99.64 118.42 -133.98
CA LEU A 1558 -100.50 119.42 -133.37
C LEU A 1558 -100.58 120.69 -134.19
N ARG A 1559 -99.46 121.16 -134.74
CA ARG A 1559 -99.49 122.39 -135.53
C ARG A 1559 -100.13 122.16 -136.89
N ALA A 1560 -100.10 120.92 -137.38
CA ALA A 1560 -100.64 120.63 -138.70
C ALA A 1560 -102.11 121.00 -138.82
N GLN A 1561 -102.92 120.66 -137.82
CA GLN A 1561 -104.32 121.05 -137.85
C GLN A 1561 -104.47 122.56 -137.77
N LEU A 1562 -103.58 123.23 -137.03
CA LEU A 1562 -103.63 124.69 -136.98
C LEU A 1562 -103.35 125.31 -138.35
N GLU A 1563 -102.34 124.81 -139.06
CA GLU A 1563 -102.07 125.31 -140.41
C GLU A 1563 -103.24 125.02 -141.34
N LEU A 1564 -103.83 123.83 -141.24
CA LEU A 1564 -104.96 123.49 -142.09
C LEU A 1564 -106.18 124.33 -141.78
N SER A 1565 -106.43 124.66 -140.51
CA SER A 1565 -107.58 125.46 -140.13
C SER A 1565 -107.33 126.95 -140.28
N GLN A 1566 -106.09 127.36 -140.52
CA GLN A 1566 -105.79 128.73 -140.90
C GLN A 1566 -106.39 129.09 -142.25
N VAL A 1567 -107.04 128.12 -142.90
CA VAL A 1567 -107.69 128.34 -144.18
C VAL A 1567 -108.76 129.42 -144.11
N ARG A 1568 -109.54 129.49 -143.02
CA ARG A 1568 -110.60 130.49 -142.92
C ARG A 1568 -110.06 131.91 -143.08
N GLN A 1569 -108.88 132.18 -142.53
CA GLN A 1569 -108.27 133.50 -142.65
C GLN A 1569 -107.51 133.66 -143.95
N GLU A 1570 -106.78 132.63 -144.39
CA GLU A 1570 -105.97 132.79 -145.59
C GLU A 1570 -106.81 132.89 -146.86
N ILE A 1571 -107.98 132.25 -146.91
CA ILE A 1571 -108.85 132.41 -148.07
C ILE A 1571 -109.31 133.85 -148.20
N ASP A 1572 -109.72 134.47 -147.09
CA ASP A 1572 -110.06 135.87 -147.10
C ASP A 1572 -108.89 136.74 -147.51
N ARG A 1573 -107.69 136.44 -147.00
CA ARG A 1573 -106.50 137.19 -147.37
C ARG A 1573 -106.25 137.15 -148.88
N ARG A 1574 -106.25 135.95 -149.47
CA ARG A 1574 -105.97 135.85 -150.90
C ARG A 1574 -107.07 136.50 -151.73
N ILE A 1575 -108.35 136.28 -151.38
CA ILE A 1575 -109.42 136.93 -152.11
C ILE A 1575 -109.27 138.45 -152.05
N GLN A 1576 -109.03 139.00 -150.86
CA GLN A 1576 -108.96 140.46 -150.76
C GLN A 1576 -107.76 141.00 -151.52
N GLU A 1577 -106.63 140.30 -151.51
CA GLU A 1577 -105.49 140.86 -152.23
C GLU A 1577 -105.65 140.71 -153.73
N LYS A 1578 -106.50 139.78 -154.17
CA LYS A 1578 -106.77 139.68 -155.60
C LYS A 1578 -107.78 140.73 -156.05
N GLU A 1579 -108.71 141.10 -155.16
CA GLU A 1579 -109.88 141.87 -155.61
C GLU A 1579 -109.53 143.22 -156.21
N GLU A 1580 -108.57 143.94 -155.64
CA GLU A 1580 -108.45 145.38 -155.94
C GLU A 1580 -108.24 145.67 -157.42
N GLU A 1581 -107.72 144.71 -158.19
CA GLU A 1581 -107.48 144.96 -159.60
C GLU A 1581 -108.76 144.80 -160.41
N PHE A 1582 -109.67 143.95 -159.94
CA PHE A 1582 -110.88 143.63 -160.70
C PHE A 1582 -111.88 144.78 -160.78
N GLU A 1583 -112.14 145.50 -159.69
CA GLU A 1583 -113.06 146.63 -159.79
C GLU A 1583 -112.46 147.72 -160.67
N ASN A 1584 -111.14 147.88 -160.64
CA ASN A 1584 -110.51 148.80 -161.58
C ASN A 1584 -110.57 148.28 -163.01
N THR A 1585 -110.66 146.96 -163.20
CA THR A 1585 -110.85 146.45 -164.56
C THR A 1585 -112.24 146.78 -165.09
N ARG A 1586 -113.28 146.56 -164.27
CA ARG A 1586 -114.60 147.10 -164.65
C ARG A 1586 -114.57 148.62 -164.77
N LYS A 1587 -113.69 149.30 -164.04
CA LYS A 1587 -113.54 150.73 -164.23
C LYS A 1587 -112.95 151.07 -165.59
N ASN A 1588 -111.98 150.29 -166.06
CA ASN A 1588 -111.49 150.45 -167.43
C ASN A 1588 -112.61 150.21 -168.44
N HIS A 1589 -113.43 149.19 -168.20
CA HIS A 1589 -114.57 148.96 -169.09
C HIS A 1589 -115.54 150.13 -169.05
N GLN A 1590 -115.81 150.68 -167.88
CA GLN A 1590 -116.80 151.76 -167.78
C GLN A 1590 -116.27 153.04 -168.40
N ARG A 1591 -114.96 153.29 -168.30
CA ARG A 1591 -114.41 154.43 -169.02
C ARG A 1591 -114.32 154.20 -170.52
N ALA A 1592 -114.21 152.96 -170.96
CA ALA A 1592 -114.40 152.67 -172.39
C ALA A 1592 -115.83 153.00 -172.81
N LEU A 1593 -116.80 152.64 -171.96
CA LEU A 1593 -118.18 153.05 -172.21
C LEU A 1593 -118.33 154.57 -172.17
N ASP A 1594 -117.53 155.24 -171.33
CA ASP A 1594 -117.56 156.70 -171.29
C ASP A 1594 -117.02 157.30 -172.58
N SER A 1595 -115.98 156.68 -173.15
CA SER A 1595 -115.51 157.10 -174.47
C SER A 1595 -116.58 156.88 -175.53
N MET A 1596 -117.25 155.73 -175.47
CA MET A 1596 -118.43 155.50 -176.32
C MET A 1596 -119.45 156.62 -176.17
N GLN A 1597 -119.72 157.01 -174.93
CA GLN A 1597 -120.66 158.10 -174.65
C GLN A 1597 -120.16 159.42 -175.24
N ALA A 1598 -118.89 159.74 -175.07
CA ALA A 1598 -118.36 160.99 -175.59
C ALA A 1598 -118.35 161.01 -177.11
N SER A 1599 -118.33 159.82 -177.73
CA SER A 1599 -118.29 159.73 -179.18
C SER A 1599 -119.68 159.53 -179.79
N LEU A 1600 -120.40 158.50 -179.36
CA LEU A 1600 -121.54 158.01 -180.14
C LEU A 1600 -122.69 159.01 -180.24
N GLU A 1601 -123.20 159.56 -179.15
CA GLU A 1601 -124.29 160.50 -179.33
C GLU A 1601 -123.80 161.84 -179.86
N ALA A 1602 -122.54 162.19 -179.62
CA ALA A 1602 -121.98 163.41 -180.20
C ALA A 1602 -121.99 163.32 -181.73
N GLU A 1603 -121.41 162.26 -182.28
CA GLU A 1603 -121.57 162.00 -183.70
C GLU A 1603 -123.02 161.74 -184.07
N ALA A 1604 -123.83 161.21 -183.16
CA ALA A 1604 -125.25 161.07 -183.44
C ALA A 1604 -125.92 162.44 -183.54
N LYS A 1605 -125.50 163.38 -182.68
CA LYS A 1605 -126.00 164.75 -182.84
C LYS A 1605 -125.58 165.36 -184.15
N GLY A 1606 -124.31 165.18 -184.55
CA GLY A 1606 -123.86 165.69 -185.84
C GLY A 1606 -124.57 165.00 -187.00
N LYS A 1607 -124.73 163.68 -186.92
CA LYS A 1607 -125.43 162.96 -187.97
C LYS A 1607 -126.89 163.41 -188.06
N ALA A 1608 -127.52 163.69 -186.92
CA ALA A 1608 -128.88 164.19 -186.93
C ALA A 1608 -128.99 165.54 -187.60
N GLU A 1609 -128.04 166.44 -187.34
CA GLU A 1609 -128.03 167.72 -188.03
C GLU A 1609 -127.85 167.54 -189.54
N ALA A 1610 -126.95 166.65 -189.94
CA ALA A 1610 -126.78 166.36 -191.36
C ALA A 1610 -128.08 165.85 -191.96
N LEU A 1611 -128.74 164.91 -191.28
CA LEU A 1611 -130.00 164.37 -191.77
C LEU A 1611 -131.06 165.46 -191.89
N ARG A 1612 -131.19 166.31 -190.87
CA ARG A 1612 -132.14 167.42 -190.93
C ARG A 1612 -131.87 168.30 -192.13
N MET A 1613 -130.59 168.61 -192.38
CA MET A 1613 -130.23 169.39 -193.56
C MET A 1613 -130.57 168.68 -194.85
N LYS A 1614 -130.56 167.34 -194.87
CA LYS A 1614 -130.96 166.63 -196.09
C LYS A 1614 -132.39 166.93 -196.47
N LYS A 1615 -133.31 166.95 -195.50
CA LYS A 1615 -134.70 167.27 -195.83
C LYS A 1615 -134.84 168.70 -196.36
N LYS A 1616 -134.13 169.66 -195.75
CA LYS A 1616 -134.18 171.02 -196.25
C LYS A 1616 -133.67 171.12 -197.67
N LEU A 1617 -132.52 170.49 -197.95
CA LEU A 1617 -131.94 170.57 -199.29
C LEU A 1617 -132.83 169.89 -200.32
N GLU A 1618 -133.44 168.75 -199.97
CA GLU A 1618 -134.39 168.10 -200.86
C GLU A 1618 -135.62 168.96 -201.10
N ALA A 1619 -136.16 169.60 -200.06
CA ALA A 1619 -137.30 170.49 -200.23
C ALA A 1619 -136.95 171.69 -201.11
N ASP A 1620 -135.70 172.15 -201.07
CA ASP A 1620 -135.27 173.19 -201.99
C ASP A 1620 -135.32 172.74 -203.45
N ILE A 1621 -135.07 171.46 -203.71
CA ILE A 1621 -134.91 170.98 -205.08
C ILE A 1621 -136.22 171.11 -205.86
N ASN A 1622 -137.34 170.73 -205.24
CA ASN A 1622 -138.62 170.82 -205.92
C ASN A 1622 -139.00 172.27 -206.18
N GLU A 1623 -138.75 173.16 -205.22
CA GLU A 1623 -139.00 174.59 -205.44
C GLU A 1623 -138.15 175.11 -206.59
N LEU A 1624 -136.90 174.65 -206.69
CA LEU A 1624 -136.07 175.03 -207.82
C LEU A 1624 -136.67 174.55 -209.13
N GLU A 1625 -137.08 173.28 -209.19
CA GLU A 1625 -137.71 172.74 -210.38
C GLU A 1625 -138.98 173.50 -210.77
N ILE A 1626 -139.69 174.05 -209.78
CA ILE A 1626 -140.86 174.87 -210.10
C ILE A 1626 -140.50 176.07 -210.97
N ALA A 1627 -139.42 176.77 -210.64
CA ALA A 1627 -139.04 177.99 -211.36
C ALA A 1627 -138.25 177.68 -212.64
N LEU A 1628 -137.72 176.46 -212.76
CA LEU A 1628 -136.92 176.13 -213.94
C LEU A 1628 -137.76 176.18 -215.21
N ASP A 1629 -138.74 175.28 -215.32
CA ASP A 1629 -139.57 175.23 -216.52
C ASP A 1629 -140.51 176.41 -216.63
N HIS A 1630 -141.02 176.91 -215.49
CA HIS A 1630 -141.90 178.07 -215.52
C HIS A 1630 -141.20 179.31 -216.06
N ALA A 1631 -139.88 179.37 -215.97
CA ALA A 1631 -139.13 180.50 -216.53
C ALA A 1631 -139.16 180.46 -218.05
N ASN A 1632 -138.65 179.38 -218.65
CA ASN A 1632 -138.53 179.36 -220.10
C ASN A 1632 -139.87 179.22 -220.81
N LYS A 1633 -140.87 178.56 -220.20
CA LYS A 1633 -142.17 178.50 -220.87
C LYS A 1633 -142.80 179.89 -220.93
N ALA A 1634 -142.57 180.73 -219.93
CA ALA A 1634 -143.10 182.08 -219.98
C ALA A 1634 -142.58 182.83 -221.20
N ASN A 1635 -141.27 182.77 -221.42
CA ASN A 1635 -140.70 183.31 -222.66
C ASN A 1635 -141.28 182.61 -223.88
N ALA A 1636 -141.61 181.33 -223.75
CA ALA A 1636 -142.17 180.60 -224.90
C ALA A 1636 -143.48 181.22 -225.36
N GLU A 1637 -144.45 181.39 -224.44
CA GLU A 1637 -145.68 182.05 -224.86
C GLU A 1637 -145.47 183.52 -225.21
N ALA A 1638 -144.50 184.16 -224.56
CA ALA A 1638 -144.16 185.53 -224.95
C ALA A 1638 -143.76 185.59 -226.42
N GLN A 1639 -143.02 184.59 -226.89
CA GLN A 1639 -142.58 184.54 -228.28
C GLN A 1639 -143.74 184.43 -229.26
N LYS A 1640 -144.68 183.51 -229.03
CA LYS A 1640 -145.82 183.44 -229.95
C LYS A 1640 -146.70 184.68 -229.84
N ASN A 1641 -146.74 185.33 -228.68
CA ASN A 1641 -147.39 186.65 -228.63
C ASN A 1641 -146.69 187.65 -229.53
N ILE A 1642 -145.35 187.62 -229.52
CA ILE A 1642 -144.58 188.53 -230.38
C ILE A 1642 -144.92 188.27 -231.84
N LYS A 1643 -144.89 187.01 -232.28
CA LYS A 1643 -145.24 186.73 -233.67
C LYS A 1643 -146.70 187.03 -233.98
N ARG A 1644 -147.60 186.90 -233.01
CA ARG A 1644 -148.98 187.30 -233.23
C ARG A 1644 -149.06 188.80 -233.57
N TYR A 1645 -148.32 189.61 -232.81
CA TYR A 1645 -148.38 191.04 -233.12
C TYR A 1645 -147.65 191.35 -234.41
N GLN A 1646 -146.61 190.57 -234.75
CA GLN A 1646 -146.00 190.71 -236.08
C GLN A 1646 -147.04 190.47 -237.17
N GLN A 1647 -147.84 189.42 -237.01
CA GLN A 1647 -148.87 189.12 -238.01
C GLN A 1647 -149.89 190.26 -238.10
N GLN A 1648 -150.29 190.83 -236.96
CA GLN A 1648 -151.27 191.91 -237.04
C GLN A 1648 -150.63 193.21 -237.56
N LEU A 1649 -149.31 193.33 -237.51
CA LEU A 1649 -148.63 194.53 -237.97
C LEU A 1649 -148.86 194.81 -239.45
N LYS A 1650 -149.03 193.78 -240.28
CA LYS A 1650 -149.16 194.01 -241.72
C LYS A 1650 -150.45 194.75 -242.06
N ASP A 1651 -151.46 194.65 -241.20
CA ASP A 1651 -152.69 195.41 -241.43
C ASP A 1651 -152.42 196.91 -241.41
N ILE A 1652 -151.58 197.38 -240.51
CA ILE A 1652 -151.20 198.79 -240.47
C ILE A 1652 -150.31 199.15 -241.66
N GLN A 1653 -149.40 198.27 -242.04
CA GLN A 1653 -148.44 198.59 -243.10
C GLN A 1653 -149.11 198.71 -244.45
N THR A 1654 -149.99 197.76 -244.80
CA THR A 1654 -150.72 197.85 -246.06
C THR A 1654 -151.65 199.06 -246.07
N ALA A 1655 -152.27 199.36 -244.92
CA ALA A 1655 -153.11 200.54 -244.82
C ALA A 1655 -152.29 201.80 -245.06
N LEU A 1656 -151.08 201.86 -244.50
CA LEU A 1656 -150.19 203.00 -244.75
C LEU A 1656 -149.83 203.10 -246.23
N GLU A 1657 -149.51 201.96 -246.84
CA GLU A 1657 -149.12 201.96 -248.25
C GLU A 1657 -150.24 202.47 -249.14
N GLU A 1658 -151.48 202.03 -248.89
CA GLU A 1658 -152.59 202.51 -249.70
C GLU A 1658 -152.95 203.94 -249.38
N GLU A 1659 -152.80 204.35 -248.11
CA GLU A 1659 -153.25 205.67 -247.72
C GLU A 1659 -152.29 206.76 -248.20
N GLN A 1660 -151.00 206.44 -248.33
CA GLN A 1660 -150.09 207.42 -248.93
C GLN A 1660 -150.50 207.74 -250.36
N ARG A 1661 -150.82 206.70 -251.15
CA ARG A 1661 -151.30 206.91 -252.50
C ARG A 1661 -152.66 207.61 -252.55
N ALA A 1662 -153.53 207.33 -251.58
CA ALA A 1662 -154.79 208.06 -251.51
C ALA A 1662 -154.55 209.54 -251.26
N ARG A 1663 -153.61 209.88 -250.35
CA ARG A 1663 -153.21 211.27 -250.22
C ARG A 1663 -152.79 211.84 -251.55
N ASP A 1664 -151.86 211.16 -252.22
CA ASP A 1664 -151.29 211.71 -253.46
C ASP A 1664 -152.38 211.99 -254.47
N ASP A 1665 -153.20 210.97 -254.76
CA ASP A 1665 -154.31 211.11 -255.70
C ASP A 1665 -155.23 212.27 -255.31
N ALA A 1666 -155.52 212.43 -254.02
CA ALA A 1666 -156.30 213.59 -253.58
C ALA A 1666 -155.60 214.88 -253.96
N ARG A 1667 -154.27 214.91 -253.85
CA ARG A 1667 -153.53 216.13 -254.20
C ARG A 1667 -153.68 216.45 -255.69
N GLU A 1668 -153.48 215.45 -256.57
CA GLU A 1668 -153.67 215.77 -257.99
C GLU A 1668 -155.10 216.18 -258.30
N GLN A 1669 -156.09 215.48 -257.74
CA GLN A 1669 -157.48 215.88 -258.03
C GLN A 1669 -157.79 217.29 -257.56
N LEU A 1670 -157.38 217.64 -256.34
CA LEU A 1670 -157.64 218.99 -255.84
C LEU A 1670 -156.91 220.03 -256.65
N GLY A 1671 -155.67 219.74 -257.06
CA GLY A 1671 -154.93 220.69 -257.87
C GLY A 1671 -155.56 220.91 -259.24
N ILE A 1672 -155.93 219.82 -259.93
CA ILE A 1672 -156.51 219.97 -261.25
C ILE A 1672 -157.89 220.60 -261.19
N SER A 1673 -158.69 220.29 -260.16
CA SER A 1673 -160.01 220.90 -260.08
C SER A 1673 -159.93 222.40 -259.90
N GLU A 1674 -159.00 222.87 -259.07
CA GLU A 1674 -158.89 224.30 -258.83
C GLU A 1674 -158.22 225.01 -260.01
N ARG A 1675 -157.19 224.42 -260.59
CA ARG A 1675 -156.52 225.07 -261.71
C ARG A 1675 -157.39 225.09 -262.96
N ARG A 1676 -158.17 224.03 -263.18
CA ARG A 1676 -159.07 224.01 -264.33
C ARG A 1676 -160.15 225.08 -264.21
N ALA A 1677 -160.55 225.42 -262.98
CA ALA A 1677 -161.47 226.53 -262.78
C ALA A 1677 -160.77 227.88 -262.90
N ASN A 1678 -159.52 227.99 -262.42
CA ASN A 1678 -158.79 229.24 -262.54
C ASN A 1678 -158.48 229.60 -263.98
N ALA A 1679 -158.25 228.61 -264.84
CA ALA A 1679 -158.00 228.91 -266.25
C ALA A 1679 -159.22 229.56 -266.90
N LEU A 1680 -160.41 229.00 -266.67
CA LEU A 1680 -161.61 229.65 -267.20
C LEU A 1680 -161.90 230.95 -266.49
N GLN A 1681 -161.49 231.11 -265.23
CA GLN A 1681 -161.63 232.41 -264.57
C GLN A 1681 -160.78 233.44 -265.28
N ASN A 1682 -159.55 233.07 -265.65
CA ASN A 1682 -158.66 233.95 -266.40
C ASN A 1682 -159.26 234.31 -267.75
N GLU A 1683 -159.86 233.33 -268.44
CA GLU A 1683 -160.61 233.65 -269.65
C GLU A 1683 -161.82 234.52 -269.33
N LEU A 1684 -162.32 234.43 -268.10
CA LEU A 1684 -163.55 235.10 -267.74
C LEU A 1684 -163.34 236.60 -267.54
N GLU A 1685 -162.16 237.00 -267.04
CA GLU A 1685 -161.91 238.45 -267.04
C GLU A 1685 -161.93 239.01 -268.45
N GLU A 1686 -161.32 238.30 -269.40
CA GLU A 1686 -161.35 238.76 -270.79
C GLU A 1686 -162.78 238.79 -271.33
N SER A 1687 -163.57 237.74 -271.03
CA SER A 1687 -164.95 237.73 -271.50
C SER A 1687 -165.77 238.85 -270.89
N ARG A 1688 -165.54 239.16 -269.61
CA ARG A 1688 -166.30 240.24 -268.98
C ARG A 1688 -165.88 241.60 -269.55
N THR A 1689 -164.59 241.78 -269.84
CA THR A 1689 -164.18 243.01 -270.51
C THR A 1689 -164.83 243.13 -271.88
N LEU A 1690 -164.91 242.03 -272.63
CA LEU A 1690 -165.62 242.06 -273.90
C LEU A 1690 -167.09 242.37 -273.72
N LEU A 1691 -167.71 241.92 -272.62
CA LEU A 1691 -169.13 242.23 -272.45
C LEU A 1691 -169.34 243.69 -272.04
N GLU A 1692 -168.42 244.28 -271.27
CA GLU A 1692 -168.54 245.73 -271.08
C GLU A 1692 -168.30 246.49 -272.38
N GLN A 1693 -167.41 246.01 -273.25
CA GLN A 1693 -167.27 246.61 -274.56
C GLN A 1693 -168.58 246.49 -275.35
N ALA A 1694 -169.23 245.33 -275.27
CA ALA A 1694 -170.51 245.15 -275.94
C ALA A 1694 -171.58 246.07 -275.37
N ASP A 1695 -171.54 246.32 -274.06
CA ASP A 1695 -172.48 247.26 -273.45
C ASP A 1695 -172.22 248.69 -273.91
N ARG A 1696 -170.95 249.08 -273.98
CA ARG A 1696 -170.57 250.39 -274.51
C ARG A 1696 -171.00 250.56 -275.96
N GLY A 1697 -170.99 249.48 -276.73
CA GLY A 1697 -171.53 249.53 -278.08
C GLY A 1697 -173.05 249.53 -278.10
N ARG A 1698 -173.67 248.83 -277.15
CA ARG A 1698 -175.12 248.72 -277.07
C ARG A 1698 -175.78 250.04 -276.77
N ARG A 1699 -175.23 250.80 -275.83
CA ARG A 1699 -175.76 252.15 -275.58
C ARG A 1699 -175.70 253.00 -276.83
N GLN A 1700 -174.58 252.95 -277.56
CA GLN A 1700 -174.50 253.68 -278.82
C GLN A 1700 -175.52 253.21 -279.83
N ALA A 1701 -175.61 251.90 -280.07
CA ALA A 1701 -176.52 251.38 -281.08
C ALA A 1701 -177.96 251.78 -280.77
N GLU A 1702 -178.35 251.71 -279.49
CA GLU A 1702 -179.64 252.26 -279.10
C GLU A 1702 -179.73 253.75 -279.38
N GLN A 1703 -178.64 254.50 -279.21
CA GLN A 1703 -178.68 255.93 -279.51
C GLN A 1703 -178.95 256.20 -280.99
N GLU A 1704 -178.22 255.53 -281.89
CA GLU A 1704 -178.53 255.73 -283.31
C GLU A 1704 -179.91 255.20 -283.68
N LEU A 1705 -180.39 254.14 -283.01
CA LEU A 1705 -181.75 253.69 -283.26
C LEU A 1705 -182.77 254.77 -282.90
N ALA A 1706 -182.55 255.46 -281.78
CA ALA A 1706 -183.42 256.56 -281.42
C ALA A 1706 -183.28 257.74 -282.38
N ASP A 1707 -182.05 258.01 -282.82
CA ASP A 1707 -181.77 259.22 -283.59
C ASP A 1707 -182.33 259.14 -285.00
N ALA A 1708 -182.12 258.03 -285.69
CA ALA A 1708 -182.33 257.97 -287.15
C ALA A 1708 -183.79 258.21 -287.52
N HIS A 1709 -184.71 257.52 -286.87
CA HIS A 1709 -186.11 257.58 -287.29
C HIS A 1709 -186.75 258.95 -287.03
N GLU A 1710 -186.27 259.69 -286.04
CA GLU A 1710 -186.89 260.98 -285.71
C GLU A 1710 -186.76 261.97 -286.85
N GLN A 1711 -185.58 262.07 -287.45
CA GLN A 1711 -185.37 263.04 -288.53
C GLN A 1711 -186.26 262.73 -289.73
N LEU A 1712 -186.41 261.45 -290.09
CA LEU A 1712 -187.26 261.10 -291.21
C LEU A 1712 -188.70 261.54 -290.99
N ASN A 1713 -189.27 261.26 -289.82
CA ASN A 1713 -190.64 261.69 -289.54
C ASN A 1713 -190.75 263.22 -289.51
N GLU A 1714 -189.78 263.89 -288.90
CA GLU A 1714 -189.88 265.34 -288.75
C GLU A 1714 -189.73 266.05 -290.09
N VAL A 1715 -189.02 265.44 -291.05
CA VAL A 1715 -188.90 266.07 -292.35
C VAL A 1715 -190.07 265.68 -293.25
N SER A 1716 -190.60 264.47 -293.08
CA SER A 1716 -191.74 264.05 -293.87
C SER A 1716 -192.98 264.86 -293.50
N ALA A 1717 -193.13 265.19 -292.21
CA ALA A 1717 -194.25 266.03 -291.80
C ALA A 1717 -194.17 267.41 -292.45
N GLN A 1718 -192.97 267.98 -292.53
CA GLN A 1718 -192.80 269.29 -293.16
C GLN A 1718 -193.00 269.22 -294.67
N ASN A 1719 -192.69 268.08 -295.27
CA ASN A 1719 -192.77 267.95 -296.73
C ASN A 1719 -194.21 268.07 -297.22
N ALA A 1720 -195.16 267.50 -296.47
CA ALA A 1720 -196.56 267.48 -296.90
C ALA A 1720 -197.15 268.88 -297.05
N SER A 1721 -196.85 269.81 -296.13
CA SER A 1721 -197.32 271.17 -296.29
C SER A 1721 -196.76 271.81 -297.55
N ILE A 1722 -195.52 271.46 -297.92
CA ILE A 1722 -194.96 271.96 -299.17
C ILE A 1722 -195.75 271.41 -300.35
N SER A 1723 -196.21 270.16 -300.27
CA SER A 1723 -197.05 269.62 -301.34
C SER A 1723 -198.41 270.31 -301.40
N ALA A 1724 -198.98 270.64 -300.24
CA ALA A 1724 -200.23 271.41 -300.23
C ALA A 1724 -200.04 272.78 -300.88
N ALA A 1725 -198.94 273.45 -300.55
CA ALA A 1725 -198.61 274.70 -301.22
C ALA A 1725 -198.38 274.49 -302.72
N LYS A 1726 -197.79 273.35 -303.09
CA LYS A 1726 -197.60 273.03 -304.50
C LYS A 1726 -198.94 272.99 -305.23
N ARG A 1727 -199.90 272.28 -304.64
CA ARG A 1727 -201.23 272.20 -305.23
C ARG A 1727 -201.92 273.56 -305.27
N LYS A 1728 -201.79 274.35 -304.20
CA LYS A 1728 -202.40 275.67 -304.21
C LYS A 1728 -201.83 276.55 -305.32
N LEU A 1729 -200.49 276.57 -305.45
CA LEU A 1729 -199.86 277.43 -306.43
C LEU A 1729 -200.14 276.96 -307.86
N GLU A 1730 -200.20 275.64 -308.08
CA GLU A 1730 -200.61 275.20 -309.41
C GLU A 1730 -202.07 275.51 -309.68
N SER A 1731 -202.90 275.58 -308.62
CA SER A 1731 -204.27 276.05 -308.80
C SER A 1731 -204.29 277.50 -309.25
N GLU A 1732 -203.48 278.36 -308.62
CA GLU A 1732 -203.44 279.74 -309.10
C GLU A 1732 -202.85 279.82 -310.52
N LEU A 1733 -201.92 278.93 -310.86
CA LEU A 1733 -201.39 278.91 -312.22
C LEU A 1733 -202.47 278.59 -313.24
N GLN A 1734 -203.24 277.52 -312.99
CA GLN A 1734 -204.32 277.15 -313.90
C GLN A 1734 -205.41 278.21 -313.92
N THR A 1735 -205.61 278.92 -312.82
CA THR A 1735 -206.54 280.03 -312.81
C THR A 1735 -206.03 281.18 -313.66
N LEU A 1736 -204.73 281.50 -313.55
CA LEU A 1736 -204.21 282.71 -314.17
C LEU A 1736 -204.04 282.57 -315.67
N HIS A 1737 -203.60 281.40 -316.15
CA HIS A 1737 -203.53 281.26 -317.61
C HIS A 1737 -204.92 281.23 -318.22
N SER A 1738 -205.89 280.65 -317.50
CA SER A 1738 -207.28 280.72 -317.92
C SER A 1738 -207.77 282.16 -317.94
N ASP A 1739 -207.38 282.97 -316.96
CA ASP A 1739 -207.74 284.39 -316.96
C ASP A 1739 -207.10 285.13 -318.13
N LEU A 1740 -205.87 284.76 -318.48
CA LEU A 1740 -205.22 285.35 -319.65
C LEU A 1740 -206.02 285.06 -320.92
N ASP A 1741 -206.41 283.79 -321.11
CA ASP A 1741 -207.25 283.43 -322.23
C ASP A 1741 -208.61 284.14 -322.17
N GLU A 1742 -209.17 284.28 -320.98
CA GLU A 1742 -210.43 285.00 -320.82
C GLU A 1742 -210.29 286.45 -321.26
N LEU A 1743 -209.20 287.10 -320.88
CA LEU A 1743 -208.97 288.48 -321.29
C LEU A 1743 -208.79 288.57 -322.81
N LEU A 1744 -208.09 287.61 -323.39
CA LEU A 1744 -207.94 287.61 -324.86
C LEU A 1744 -209.28 287.48 -325.56
N ASN A 1745 -210.12 286.55 -325.11
CA ASN A 1745 -211.40 286.36 -325.79
C ASN A 1745 -212.35 287.51 -325.50
N GLU A 1746 -212.23 288.14 -324.33
CA GLU A 1746 -212.98 289.36 -324.07
C GLU A 1746 -212.54 290.49 -324.99
N ALA A 1747 -211.24 290.61 -325.23
CA ALA A 1747 -210.74 291.64 -326.16
C ALA A 1747 -211.29 291.42 -327.55
N LYS A 1748 -211.24 290.18 -328.06
CA LYS A 1748 -211.81 289.95 -329.38
C LYS A 1748 -213.32 290.21 -329.38
N ASN A 1749 -214.05 289.60 -328.42
CA ASN A 1749 -215.49 289.81 -328.36
C ASN A 1749 -215.86 291.29 -328.33
N SER A 1750 -215.01 292.12 -327.73
CA SER A 1750 -215.23 293.56 -327.79
C SER A 1750 -214.95 294.12 -329.17
N GLU A 1751 -213.88 293.67 -329.82
CA GLU A 1751 -213.46 294.36 -331.04
C GLU A 1751 -214.34 293.99 -332.24
N GLU A 1752 -214.82 292.73 -332.32
CA GLU A 1752 -215.63 292.41 -333.50
C GLU A 1752 -216.95 293.18 -333.52
N LYS A 1753 -217.61 293.36 -332.37
CA LYS A 1753 -218.86 294.10 -332.36
C LYS A 1753 -218.62 295.56 -332.71
N ALA A 1754 -217.51 296.13 -332.25
CA ALA A 1754 -217.17 297.49 -332.63
C ALA A 1754 -216.92 297.58 -334.13
N LYS A 1755 -216.25 296.58 -334.70
CA LYS A 1755 -216.02 296.57 -336.14
C LYS A 1755 -217.33 296.53 -336.92
N LYS A 1756 -218.22 295.60 -336.56
CA LYS A 1756 -219.50 295.51 -337.27
C LYS A 1756 -220.33 296.77 -337.07
N ALA A 1757 -220.28 297.34 -335.87
CA ALA A 1757 -220.99 298.59 -335.61
C ALA A 1757 -220.48 299.74 -336.46
N MET A 1758 -219.16 299.91 -336.60
CA MET A 1758 -218.71 301.05 -337.38
C MET A 1758 -218.91 300.82 -338.86
N VAL A 1759 -218.82 299.56 -339.33
CA VAL A 1759 -219.10 299.35 -340.75
C VAL A 1759 -220.59 299.55 -341.04
N ASP A 1760 -221.47 299.15 -340.12
CA ASP A 1760 -222.89 299.44 -340.26
C ASP A 1760 -223.18 300.94 -340.22
N ALA A 1761 -222.47 301.69 -339.39
CA ALA A 1761 -222.58 303.13 -339.44
C ALA A 1761 -222.11 303.68 -340.78
N ALA A 1762 -220.99 303.16 -341.29
CA ALA A 1762 -220.41 303.65 -342.54
C ALA A 1762 -221.32 303.42 -343.74
N ARG A 1763 -221.98 302.26 -343.82
CA ARG A 1763 -222.90 302.04 -344.93
C ARG A 1763 -224.03 303.06 -344.90
N LEU A 1764 -224.64 303.27 -343.73
CA LEU A 1764 -225.65 304.31 -343.63
C LEU A 1764 -225.01 305.70 -343.65
N ALA A 1765 -223.72 305.80 -343.35
CA ALA A 1765 -223.03 307.07 -343.50
C ALA A 1765 -222.97 307.50 -344.95
N ASP A 1766 -222.66 306.57 -345.86
CA ASP A 1766 -222.67 306.93 -347.28
C ASP A 1766 -224.10 307.06 -347.80
N GLU A 1767 -225.03 306.30 -347.23
CA GLU A 1767 -226.44 306.56 -347.53
C GLU A 1767 -226.79 308.01 -347.21
N LEU A 1768 -226.29 308.52 -346.08
CA LEU A 1768 -226.51 309.93 -345.73
C LEU A 1768 -225.80 310.88 -346.70
N ARG A 1769 -224.51 310.65 -346.95
CA ARG A 1769 -223.76 311.63 -347.72
C ARG A 1769 -224.08 311.55 -349.22
N ALA A 1770 -224.85 310.56 -349.64
CA ALA A 1770 -225.31 310.54 -351.03
C ALA A 1770 -226.48 311.49 -351.25
N GLU A 1771 -227.38 311.60 -350.27
CA GLU A 1771 -228.69 312.22 -350.53
C GLU A 1771 -228.65 313.74 -350.41
N GLN A 1772 -227.81 314.29 -349.53
CA GLN A 1772 -227.79 315.74 -349.40
C GLN A 1772 -227.21 316.40 -350.65
N ASP A 1773 -226.36 315.68 -351.38
CA ASP A 1773 -225.89 316.21 -352.66
C ASP A 1773 -227.04 316.34 -353.65
N HIS A 1774 -227.90 315.32 -353.73
CA HIS A 1774 -229.06 315.40 -354.59
C HIS A 1774 -230.01 316.51 -354.13
N ALA A 1775 -230.15 316.66 -352.81
CA ALA A 1775 -230.97 317.74 -352.27
C ALA A 1775 -230.43 319.11 -352.68
N GLN A 1776 -229.12 319.30 -352.61
CA GLN A 1776 -228.53 320.58 -352.98
C GLN A 1776 -228.64 320.83 -354.48
N THR A 1777 -228.51 319.77 -355.29
CA THR A 1777 -228.73 319.92 -356.72
C THR A 1777 -230.17 320.37 -357.00
N GLN A 1778 -231.13 319.77 -356.30
CA GLN A 1778 -232.51 320.21 -356.42
C GLN A 1778 -232.66 321.66 -355.97
N GLU A 1779 -231.99 322.05 -354.90
CA GLU A 1779 -232.10 323.41 -354.38
C GLU A 1779 -231.62 324.43 -355.41
N LYS A 1780 -230.47 324.19 -356.04
CA LYS A 1780 -230.06 325.12 -357.09
C LYS A 1780 -231.02 325.06 -358.27
N LEU A 1781 -231.46 323.85 -358.65
CA LEU A 1781 -232.48 323.74 -359.67
C LEU A 1781 -233.79 324.36 -359.26
N ARG A 1782 -234.13 324.37 -357.96
CA ARG A 1782 -235.37 324.99 -357.53
C ARG A 1782 -235.26 326.51 -357.61
N LYS A 1783 -234.12 327.08 -357.23
CA LYS A 1783 -233.84 328.48 -357.54
C LYS A 1783 -234.00 328.78 -359.03
N ALA A 1784 -233.39 327.95 -359.89
CA ALA A 1784 -233.45 328.19 -361.32
C ALA A 1784 -234.88 328.14 -361.85
N LEU A 1785 -235.67 327.16 -361.44
CA LEU A 1785 -237.06 327.07 -361.89
C LEU A 1785 -237.94 328.18 -361.31
N GLU A 1786 -237.67 328.64 -360.09
CA GLU A 1786 -238.42 329.79 -359.57
C GLU A 1786 -238.13 331.05 -360.37
N GLN A 1787 -236.87 331.30 -360.69
CA GLN A 1787 -236.55 332.43 -361.56
C GLN A 1787 -237.18 332.26 -362.94
N GLN A 1788 -237.15 331.02 -363.46
CA GLN A 1788 -237.73 330.75 -364.77
C GLN A 1788 -239.23 331.02 -364.77
N ILE A 1789 -239.95 330.58 -363.73
CA ILE A 1789 -241.38 330.80 -363.69
C ILE A 1789 -241.71 332.27 -363.46
N LYS A 1790 -240.87 333.02 -362.72
CA LYS A 1790 -241.11 334.46 -362.60
C LYS A 1790 -240.95 335.18 -363.94
N GLU A 1791 -239.84 334.96 -364.64
CA GLU A 1791 -239.68 335.58 -365.95
C GLU A 1791 -240.72 335.09 -366.95
N LEU A 1792 -241.15 333.84 -366.82
CA LEU A 1792 -242.23 333.32 -367.66
C LEU A 1792 -243.55 334.02 -367.37
N GLN A 1793 -243.84 334.31 -366.10
CA GLN A 1793 -245.04 335.07 -365.77
C GLN A 1793 -244.98 336.46 -366.37
N VAL A 1794 -243.80 337.09 -366.31
CA VAL A 1794 -243.64 338.40 -366.96
C VAL A 1794 -243.91 338.29 -368.45
N ARG A 1795 -243.35 337.27 -369.11
CA ARG A 1795 -243.59 337.06 -370.54
C ARG A 1795 -245.05 336.75 -370.84
N LEU A 1796 -245.74 336.01 -369.98
CA LEU A 1796 -247.15 335.71 -370.18
C LEU A 1796 -247.98 336.98 -370.09
N ASP A 1797 -247.68 337.85 -369.13
CA ASP A 1797 -248.36 339.14 -369.08
C ASP A 1797 -248.08 339.97 -370.32
N GLU A 1798 -246.84 339.95 -370.80
CA GLU A 1798 -246.51 340.66 -372.04
C GLU A 1798 -247.34 340.14 -373.21
N ALA A 1799 -247.48 338.82 -373.31
CA ALA A 1799 -248.30 338.24 -374.37
C ALA A 1799 -249.76 338.62 -374.22
N GLU A 1800 -250.27 338.61 -372.98
CA GLU A 1800 -251.65 339.00 -372.73
C GLU A 1800 -251.90 340.44 -373.13
N ALA A 1801 -250.90 341.30 -373.00
CA ALA A 1801 -251.06 342.71 -373.36
C ALA A 1801 -251.39 342.88 -374.85
N ASN A 1802 -250.63 342.22 -375.72
CA ASN A 1802 -250.79 342.45 -377.15
C ASN A 1802 -251.92 341.60 -377.72
N ALA A 1803 -252.39 340.61 -376.95
CA ALA A 1803 -253.50 339.78 -377.40
C ALA A 1803 -254.77 340.61 -377.62
N LEU A 1804 -255.08 341.52 -376.70
CA LEU A 1804 -256.18 342.45 -376.93
C LEU A 1804 -255.86 343.42 -378.06
N LYS A 1805 -254.61 343.86 -378.14
CA LYS A 1805 -254.24 344.91 -379.07
C LYS A 1805 -254.33 344.48 -380.54
N GLY A 1806 -254.06 343.21 -380.84
CA GLY A 1806 -254.12 342.77 -382.23
C GLY A 1806 -255.51 342.88 -382.82
N GLY A 1807 -256.50 342.26 -382.18
CA GLY A 1807 -257.87 342.39 -382.64
C GLY A 1807 -258.34 343.83 -382.58
N LYS A 1808 -257.86 344.58 -381.59
CA LYS A 1808 -258.25 345.98 -381.49
C LYS A 1808 -257.77 346.79 -382.67
N LYS A 1809 -256.52 346.59 -383.10
CA LYS A 1809 -256.01 347.37 -384.24
C LYS A 1809 -256.65 346.90 -385.54
N ALA A 1810 -256.99 345.61 -385.65
CA ALA A 1810 -257.73 345.17 -386.83
C ALA A 1810 -259.12 345.82 -386.88
N ILE A 1811 -259.83 345.80 -385.76
CA ILE A 1811 -261.19 346.33 -385.75
C ILE A 1811 -261.18 347.85 -385.83
N GLN A 1812 -260.07 348.52 -385.48
CA GLN A 1812 -259.98 349.95 -385.71
C GLN A 1812 -260.02 350.27 -387.21
N LYS A 1813 -259.22 349.58 -388.01
CA LYS A 1813 -259.25 349.78 -389.45
C LYS A 1813 -260.62 349.41 -390.01
N LEU A 1814 -261.20 348.32 -389.53
CA LEU A 1814 -262.50 347.95 -390.09
C LEU A 1814 -263.61 348.87 -389.61
N GLU A 1815 -263.47 349.48 -388.43
CA GLU A 1815 -264.40 350.54 -388.02
C GLU A 1815 -264.24 351.77 -388.89
N GLN A 1816 -263.01 352.12 -389.26
CA GLN A 1816 -262.81 353.18 -390.23
C GLN A 1816 -263.53 352.88 -391.53
N ARG A 1817 -263.50 351.62 -391.96
CA ARG A 1817 -264.30 351.23 -393.13
C ARG A 1817 -265.79 351.39 -392.86
N VAL A 1818 -266.26 350.98 -391.69
CA VAL A 1818 -267.69 351.11 -391.35
C VAL A 1818 -268.09 352.57 -391.26
N ARG A 1819 -267.11 353.46 -391.11
CA ARG A 1819 -267.40 354.90 -391.16
C ARG A 1819 -267.46 355.38 -392.60
N GLU A 1820 -266.43 355.08 -393.39
CA GLU A 1820 -266.27 355.71 -394.70
C GLU A 1820 -267.10 355.08 -395.81
N LEU A 1821 -267.41 353.77 -395.72
CA LEU A 1821 -268.15 353.11 -396.79
C LEU A 1821 -269.58 353.64 -396.91
N GLU A 1822 -270.14 354.16 -395.82
CA GLU A 1822 -271.52 354.62 -395.84
C GLU A 1822 -271.67 356.06 -396.29
N ASN A 1823 -270.61 356.87 -396.17
CA ASN A 1823 -270.67 358.24 -396.66
C ASN A 1823 -270.85 358.32 -398.16
N GLU A 1824 -270.31 357.36 -398.91
CA GLU A 1824 -270.53 357.36 -400.34
C GLU A 1824 -272.00 357.18 -400.67
N LEU A 1825 -272.72 356.32 -399.94
CA LEU A 1825 -274.17 356.28 -400.08
C LEU A 1825 -274.81 357.59 -399.61
N ASP A 1826 -274.35 358.11 -398.47
CA ASP A 1826 -274.94 359.33 -397.91
C ASP A 1826 -274.91 360.46 -398.92
N GLY A 1827 -273.93 360.47 -399.81
CA GLY A 1827 -273.93 361.39 -400.94
C GLY A 1827 -274.61 360.84 -402.18
N GLU A 1828 -274.68 359.52 -402.29
CA GLU A 1828 -275.08 358.92 -403.56
C GLU A 1828 -276.59 358.83 -403.70
N GLN A 1829 -277.34 358.60 -402.61
CA GLN A 1829 -278.78 358.74 -402.74
C GLN A 1829 -279.19 360.20 -402.99
N ARG A 1830 -278.43 361.15 -402.45
CA ARG A 1830 -278.65 362.55 -402.84
C ARG A 1830 -278.41 362.75 -404.33
N ARG A 1831 -277.33 362.17 -404.85
CA ARG A 1831 -277.09 362.24 -406.29
C ARG A 1831 -278.19 361.52 -407.07
N HIS A 1832 -278.71 360.42 -406.53
CA HIS A 1832 -279.82 359.72 -407.17
C HIS A 1832 -281.06 360.60 -407.25
N ALA A 1833 -281.37 361.31 -406.17
CA ALA A 1833 -282.48 362.26 -406.19
C ALA A 1833 -282.24 363.36 -407.20
N ASP A 1834 -281.01 363.89 -407.27
CA ASP A 1834 -280.70 364.89 -408.29
C ASP A 1834 -280.89 364.33 -409.69
N ALA A 1835 -280.49 363.08 -409.90
CA ALA A 1835 -280.66 362.44 -411.19
C ALA A 1835 -282.13 362.27 -411.54
N GLN A 1836 -282.96 361.88 -410.58
CA GLN A 1836 -284.39 361.79 -410.86
C GLN A 1836 -285.00 363.15 -411.14
N LYS A 1837 -284.59 364.19 -410.41
CA LYS A 1837 -285.13 365.53 -410.67
C LYS A 1837 -284.72 366.05 -412.04
N ASN A 1838 -283.47 365.85 -412.45
CA ASN A 1838 -283.06 366.37 -413.75
C ASN A 1838 -283.56 365.47 -414.87
N LEU A 1839 -283.84 364.21 -414.58
CA LEU A 1839 -284.60 363.37 -415.50
C LEU A 1839 -285.99 363.96 -415.70
N ARG A 1840 -286.61 364.42 -414.61
CA ARG A 1840 -287.91 365.07 -414.74
C ARG A 1840 -287.83 366.36 -415.56
N LYS A 1841 -286.79 367.16 -415.34
CA LYS A 1841 -286.62 368.38 -416.14
C LYS A 1841 -286.44 368.04 -417.62
N SER A 1842 -285.66 366.99 -417.92
CA SER A 1842 -285.53 366.59 -419.32
C SER A 1842 -286.87 366.12 -419.88
N GLU A 1843 -287.54 365.18 -419.19
CA GLU A 1843 -288.81 364.66 -419.67
C GLU A 1843 -289.88 365.74 -419.75
N ARG A 1844 -289.68 366.87 -419.07
CA ARG A 1844 -290.59 367.99 -419.24
C ARG A 1844 -290.22 368.81 -420.47
N ARG A 1845 -288.99 369.34 -420.51
CA ARG A 1845 -288.62 370.27 -421.56
C ARG A 1845 -288.59 369.62 -422.94
N VAL A 1846 -287.88 368.48 -423.08
CA VAL A 1846 -287.73 367.91 -424.42
C VAL A 1846 -289.07 367.47 -424.96
N LYS A 1847 -289.92 366.87 -424.13
CA LYS A 1847 -291.26 366.49 -424.57
C LYS A 1847 -292.09 367.72 -424.94
N GLU A 1848 -292.09 368.75 -424.09
CA GLU A 1848 -292.90 369.92 -424.34
C GLU A 1848 -292.50 370.64 -425.62
N LEU A 1849 -291.23 370.60 -425.99
CA LEU A 1849 -290.80 371.25 -427.23
C LEU A 1849 -290.90 370.33 -428.43
N SER A 1850 -290.71 369.03 -428.26
CA SER A 1850 -290.83 368.11 -429.39
C SER A 1850 -292.27 367.96 -429.84
N PHE A 1851 -293.20 367.85 -428.88
CA PHE A 1851 -294.61 367.77 -429.26
C PHE A 1851 -295.13 369.12 -429.73
N GLN A 1852 -294.36 370.18 -429.48
CA GLN A 1852 -294.63 371.51 -430.03
C GLN A 1852 -294.04 371.71 -431.41
N SER A 1853 -293.05 370.87 -431.75
CA SER A 1853 -292.37 370.99 -433.04
C SER A 1853 -293.32 370.75 -434.21
N GLU A 1854 -294.20 369.74 -434.09
CA GLU A 1854 -295.10 369.44 -435.20
C GLU A 1854 -296.02 370.59 -435.54
N GLU A 1855 -296.53 371.30 -434.53
CA GLU A 1855 -297.32 372.50 -434.81
C GLU A 1855 -296.48 373.56 -435.50
N ASP A 1856 -295.17 373.58 -435.22
CA ASP A 1856 -294.30 374.57 -435.85
C ASP A 1856 -294.14 374.32 -437.34
N ARG A 1857 -294.22 373.07 -437.77
CA ARG A 1857 -294.16 372.79 -439.21
C ARG A 1857 -295.45 373.13 -439.93
N LYS A 1858 -296.60 372.98 -439.27
CA LYS A 1858 -297.89 373.17 -439.94
C LYS A 1858 -298.17 374.64 -440.23
N ASN A 1859 -297.71 375.57 -439.40
CA ASN A 1859 -298.04 376.97 -439.60
C ASN A 1859 -297.41 377.51 -440.88
N HIS A 1860 -296.33 376.88 -441.35
CA HIS A 1860 -295.68 377.32 -442.58
C HIS A 1860 -296.67 377.32 -443.74
N GLU A 1861 -297.36 376.20 -443.95
CA GLU A 1861 -298.41 376.16 -444.96
C GLU A 1861 -299.51 377.14 -444.64
N ARG A 1862 -299.81 377.35 -443.36
CA ARG A 1862 -300.91 378.24 -442.99
C ARG A 1862 -300.65 379.67 -443.47
N MET A 1863 -299.43 380.19 -443.28
CA MET A 1863 -299.26 381.57 -443.76
C MET A 1863 -298.82 381.59 -445.22
N GLN A 1864 -298.25 380.51 -445.75
CA GLN A 1864 -297.95 380.49 -447.18
C GLN A 1864 -299.23 380.52 -448.01
N ASP A 1865 -300.26 379.76 -447.59
CA ASP A 1865 -301.54 379.83 -448.26
C ASP A 1865 -302.18 381.19 -448.11
N LEU A 1866 -302.06 381.84 -446.94
CA LEU A 1866 -302.55 383.20 -446.79
C LEU A 1866 -301.85 384.18 -447.70
N VAL A 1867 -300.53 384.06 -447.84
CA VAL A 1867 -299.80 384.89 -448.80
C VAL A 1867 -300.28 384.64 -450.22
N ASP A 1868 -300.49 383.38 -450.59
CA ASP A 1868 -300.98 383.07 -451.92
C ASP A 1868 -302.36 383.68 -452.16
N LYS A 1869 -303.26 383.56 -451.18
CA LYS A 1869 -304.59 384.13 -451.31
C LYS A 1869 -304.54 385.65 -451.41
N LEU A 1870 -303.71 386.30 -450.60
CA LEU A 1870 -303.64 387.75 -450.66
C LEU A 1870 -303.03 388.21 -451.97
N GLN A 1871 -302.02 387.49 -452.48
CA GLN A 1871 -301.48 387.80 -453.79
C GLN A 1871 -302.52 387.65 -454.88
N GLN A 1872 -303.32 386.58 -454.82
CA GLN A 1872 -304.38 386.38 -455.82
C GLN A 1872 -305.42 387.48 -455.75
N LYS A 1873 -305.81 387.89 -454.54
CA LYS A 1873 -306.83 388.93 -454.42
C LYS A 1873 -306.28 390.30 -454.82
N ILE A 1874 -304.99 390.54 -454.60
CA ILE A 1874 -304.38 391.74 -455.18
C ILE A 1874 -304.41 391.68 -456.70
N LYS A 1875 -304.13 390.51 -457.27
CA LYS A 1875 -304.21 390.34 -458.71
C LYS A 1875 -305.60 390.69 -459.24
N THR A 1876 -306.63 390.09 -458.67
CA THR A 1876 -308.00 390.36 -459.09
C THR A 1876 -308.45 391.78 -458.76
N TYR A 1877 -307.91 392.40 -457.71
CA TYR A 1877 -308.39 393.74 -457.38
C TYR A 1877 -307.67 394.79 -458.22
N LYS A 1878 -306.47 394.47 -458.70
CA LYS A 1878 -305.90 395.21 -459.83
C LYS A 1878 -306.74 395.05 -461.08
N ARG A 1879 -307.21 393.83 -461.36
CA ARG A 1879 -308.21 393.63 -462.40
C ARG A 1879 -309.49 394.41 -462.17
N GLN A 1880 -309.81 394.73 -460.91
CA GLN A 1880 -310.91 395.62 -460.60
C GLN A 1880 -310.57 397.08 -460.90
N ILE A 1881 -309.36 397.51 -460.56
CA ILE A 1881 -308.98 398.91 -460.76
C ILE A 1881 -308.90 399.27 -462.24
N GLU A 1882 -308.47 398.33 -463.08
CA GLU A 1882 -308.15 398.66 -464.47
C GLU A 1882 -309.33 399.29 -465.20
N GLU A 1883 -310.56 398.91 -464.85
CA GLU A 1883 -311.73 399.53 -465.48
C GLU A 1883 -312.04 400.91 -464.90
N ALA A 1884 -311.60 401.18 -463.66
CA ALA A 1884 -311.91 402.46 -463.04
C ALA A 1884 -311.32 403.63 -463.83
N GLU A 1885 -310.06 403.51 -464.26
CA GLU A 1885 -309.48 404.58 -465.05
C GLU A 1885 -310.07 404.62 -466.45
N GLU A 1886 -310.58 403.50 -466.96
CA GLU A 1886 -311.29 403.54 -468.23
C GLU A 1886 -312.54 404.41 -468.13
N ILE A 1887 -313.32 404.21 -467.08
CA ILE A 1887 -314.53 405.02 -466.88
C ILE A 1887 -314.15 406.46 -466.58
N ALA A 1888 -313.06 406.68 -465.84
CA ALA A 1888 -312.60 408.04 -465.60
C ALA A 1888 -312.23 408.75 -466.89
N ALA A 1889 -311.54 408.05 -467.79
CA ALA A 1889 -311.20 408.64 -469.09
C ALA A 1889 -312.43 408.87 -469.94
N LEU A 1890 -313.38 407.93 -469.91
CA LEU A 1890 -314.63 408.13 -470.61
C LEU A 1890 -315.37 409.35 -470.09
N ASN A 1891 -315.25 409.65 -468.80
CA ASN A 1891 -315.78 410.89 -468.28
C ASN A 1891 -315.13 412.10 -468.93
N LEU A 1892 -313.80 412.11 -469.06
CA LEU A 1892 -313.12 413.22 -469.72
C LEU A 1892 -313.38 413.24 -471.22
N ALA A 1893 -313.47 412.08 -471.85
CA ALA A 1893 -313.80 412.04 -473.27
C ALA A 1893 -315.19 412.60 -473.53
N LYS A 1894 -316.15 412.24 -472.69
CA LYS A 1894 -317.50 412.76 -472.86
C LYS A 1894 -317.58 414.23 -472.48
N PHE A 1895 -316.77 414.67 -471.52
CA PHE A 1895 -316.54 416.11 -471.37
C PHE A 1895 -316.16 416.75 -472.69
N ARG A 1896 -314.98 416.38 -473.22
CA ARG A 1896 -314.47 417.09 -474.40
C ARG A 1896 -315.44 417.02 -475.57
N LYS A 1897 -316.13 415.89 -475.74
CA LYS A 1897 -317.18 415.83 -476.74
C LYS A 1897 -318.29 416.83 -476.43
N ALA A 1898 -318.66 416.96 -475.15
CA ALA A 1898 -319.71 417.88 -474.77
C ALA A 1898 -319.32 419.32 -475.08
N GLN A 1899 -318.09 419.72 -474.76
CA GLN A 1899 -317.68 421.06 -475.18
C GLN A 1899 -317.60 421.19 -476.70
N GLN A 1900 -317.32 420.10 -477.42
CA GLN A 1900 -317.35 420.17 -478.88
C GLN A 1900 -318.74 420.51 -479.39
N GLU A 1901 -319.75 419.73 -478.96
CA GLU A 1901 -321.12 420.11 -479.29
C GLU A 1901 -321.44 421.50 -478.78
N LEU A 1902 -320.80 421.93 -477.68
CA LEU A 1902 -320.98 423.29 -477.20
C LEU A 1902 -320.59 424.29 -478.28
N GLU A 1903 -319.32 424.31 -478.71
CA GLU A 1903 -318.96 425.41 -479.61
C GLU A 1903 -319.71 425.30 -480.93
N GLU A 1904 -320.05 424.08 -481.37
CA GLU A 1904 -320.82 424.05 -482.61
C GLU A 1904 -322.26 424.49 -482.42
N ALA A 1905 -322.80 424.38 -481.21
CA ALA A 1905 -324.21 424.66 -480.98
C ALA A 1905 -324.54 426.13 -481.21
N GLU A 1906 -323.76 427.05 -480.63
CA GLU A 1906 -324.10 428.46 -480.82
C GLU A 1906 -323.93 428.86 -482.28
N GLU A 1907 -322.87 428.40 -482.94
CA GLU A 1907 -322.63 428.80 -484.32
C GLU A 1907 -323.58 428.13 -485.30
N ARG A 1908 -324.31 427.09 -484.88
CA ARG A 1908 -325.46 426.66 -485.67
C ARG A 1908 -326.48 427.78 -485.84
N ALA A 1909 -326.73 428.55 -484.77
CA ALA A 1909 -327.83 429.52 -484.81
C ALA A 1909 -327.32 430.93 -485.04
N ASP A 1910 -326.03 431.19 -484.80
CA ASP A 1910 -325.50 432.53 -484.99
C ASP A 1910 -325.52 432.96 -486.45
N LEU A 1911 -325.22 432.05 -487.38
CA LEU A 1911 -325.33 432.37 -488.79
C LEU A 1911 -326.78 432.68 -489.17
N ALA A 1912 -327.74 431.96 -488.59
CA ALA A 1912 -329.14 432.25 -488.85
C ALA A 1912 -329.57 433.58 -488.23
N GLU A 1913 -328.95 433.97 -487.12
CA GLU A 1913 -329.27 435.26 -486.50
C GLU A 1913 -328.96 436.42 -487.44
N GLN A 1914 -327.96 436.26 -488.28
CA GLN A 1914 -327.67 437.27 -489.31
C GLN A 1914 -328.44 437.00 -490.60
N ALA A 1915 -328.73 435.73 -490.90
CA ALA A 1915 -329.51 435.42 -492.09
C ALA A 1915 -330.91 436.01 -492.01
N ILE A 1916 -331.56 435.93 -490.84
CA ILE A 1916 -332.88 436.51 -490.67
C ILE A 1916 -332.88 438.02 -490.86
N SER A 1917 -331.82 438.70 -490.43
CA SER A 1917 -331.67 440.12 -490.73
C SER A 1917 -331.42 440.37 -492.22
N LYS A 1918 -330.70 439.46 -492.89
CA LYS A 1918 -330.53 439.58 -494.34
C LYS A 1918 -331.87 439.49 -495.05
N PHE A 1919 -332.73 438.55 -494.65
CA PHE A 1919 -334.08 438.50 -495.19
C PHE A 1919 -334.94 439.64 -494.66
N ARG A 1920 -334.63 440.15 -493.47
CA ARG A 1920 -335.34 441.32 -492.96
C ARG A 1920 -335.09 442.54 -493.84
N ALA A 1921 -333.87 442.72 -494.31
CA ALA A 1921 -333.52 443.84 -495.17
C ALA A 1921 -333.86 443.53 -496.62
N ASP B 913 330.96 -445.77 500.95
CA ASP B 913 330.99 -444.31 501.07
C ASP B 913 329.61 -443.71 500.82
N LEU B 914 329.43 -442.46 501.27
CA LEU B 914 328.19 -441.72 501.05
C LEU B 914 328.28 -440.83 499.83
N GLU B 915 329.39 -440.89 499.09
CA GLU B 915 329.59 -440.10 497.88
C GLU B 915 329.01 -440.75 496.64
N ASN B 916 328.47 -441.97 496.77
CA ASN B 916 327.94 -442.68 495.61
C ASN B 916 326.67 -442.04 495.09
N GLN B 917 325.83 -441.54 496.00
CA GLN B 917 324.54 -440.98 495.61
C GLN B 917 324.69 -439.62 494.91
N LEU B 918 325.83 -438.95 495.06
CA LEU B 918 325.99 -437.62 494.49
C LEU B 918 325.89 -437.64 492.96
N ARG B 919 326.51 -438.63 492.32
CA ARG B 919 326.47 -438.71 490.86
C ARG B 919 325.06 -438.97 490.35
N ASP B 920 324.19 -439.56 491.18
CA ASP B 920 322.80 -439.75 490.77
C ASP B 920 322.10 -438.42 490.56
N ILE B 921 322.31 -437.46 491.47
CA ILE B 921 321.72 -436.14 491.33
C ILE B 921 322.52 -435.30 490.32
N GLN B 922 323.80 -435.62 490.12
CA GLN B 922 324.62 -434.83 489.23
C GLN B 922 324.12 -434.87 487.78
N GLU B 923 323.47 -435.97 487.39
CA GLU B 923 322.88 -436.03 486.06
C GLU B 923 321.71 -435.05 485.92
N ARG B 924 320.92 -434.90 486.99
CA ARG B 924 319.74 -434.05 486.92
C ARG B 924 320.10 -432.63 486.53
N LEU B 925 321.06 -432.01 487.25
CA LEU B 925 321.42 -430.63 486.97
C LEU B 925 321.97 -430.47 485.56
N THR B 926 322.83 -431.39 485.13
CA THR B 926 323.44 -431.30 483.80
C THR B 926 322.44 -431.47 482.67
N GLN B 927 321.35 -432.23 482.88
CA GLN B 927 320.35 -432.34 481.83
C GLN B 927 319.72 -431.00 481.50
N GLU B 928 319.20 -430.29 482.50
CA GLU B 928 318.66 -428.96 482.24
C GLU B 928 319.75 -427.94 481.92
N GLU B 929 321.00 -428.16 482.35
CA GLU B 929 322.08 -427.31 481.91
C GLU B 929 322.28 -427.39 480.40
N ASP B 930 322.20 -428.58 479.82
CA ASP B 930 322.26 -428.70 478.37
C ASP B 930 320.99 -428.19 477.72
N ALA B 931 319.84 -428.41 478.34
CA ALA B 931 318.60 -427.88 477.81
C ALA B 931 318.66 -426.36 477.68
N ARG B 932 319.27 -425.68 478.64
CA ARG B 932 319.37 -424.23 478.61
C ARG B 932 320.13 -423.76 477.37
N ASN B 933 321.33 -424.30 477.12
CA ASN B 933 322.10 -423.77 476.00
C ASN B 933 321.57 -424.26 474.66
N GLN B 934 320.97 -425.45 474.60
CA GLN B 934 320.28 -425.81 473.35
C GLN B 934 319.11 -424.87 473.08
N LEU B 935 318.34 -424.49 474.10
CA LEU B 935 317.30 -423.48 473.90
C LEU B 935 317.92 -422.16 473.48
N PHE B 936 319.12 -421.85 473.98
CA PHE B 936 319.76 -420.60 473.58
C PHE B 936 320.13 -420.61 472.10
N GLN B 937 320.65 -421.73 471.59
CA GLN B 937 320.88 -421.81 470.14
C GLN B 937 319.59 -421.80 469.34
N GLN B 938 318.55 -422.50 469.79
CA GLN B 938 317.27 -422.39 469.08
C GLN B 938 316.68 -420.99 469.10
N LYS B 939 317.01 -420.18 470.11
CA LYS B 939 316.73 -418.75 470.03
C LYS B 939 317.66 -418.06 469.04
N LYS B 940 318.92 -418.47 468.99
CA LYS B 940 319.83 -417.95 467.97
C LYS B 940 319.40 -418.37 466.58
N LYS B 941 318.59 -419.42 466.46
CA LYS B 941 317.96 -419.78 465.20
C LYS B 941 316.66 -419.02 464.96
N ALA B 942 316.33 -418.07 465.84
CA ALA B 942 315.05 -417.36 465.75
C ALA B 942 315.19 -415.86 465.98
N ASP B 943 316.42 -415.38 466.21
CA ASP B 943 316.57 -413.96 466.50
C ASP B 943 317.42 -413.21 465.48
N GLN B 944 318.53 -413.79 465.01
CA GLN B 944 319.20 -413.17 463.86
C GLN B 944 318.64 -413.71 462.55
N GLU B 945 317.51 -414.40 462.62
CA GLU B 945 316.80 -414.85 461.43
C GLU B 945 315.53 -414.04 461.29
N ILE B 946 314.89 -413.72 462.42
CA ILE B 946 313.78 -412.78 462.38
C ILE B 946 314.28 -411.37 462.08
N SER B 947 315.54 -411.08 462.41
CA SER B 947 316.11 -409.79 462.06
C SER B 947 316.22 -409.61 460.55
N GLY B 948 316.65 -410.65 459.83
CA GLY B 948 316.72 -410.56 458.39
C GLY B 948 315.38 -410.36 457.74
N LEU B 949 314.34 -411.02 458.25
CA LEU B 949 313.01 -410.87 457.68
C LEU B 949 312.39 -409.53 458.07
N LYS B 950 312.68 -409.02 459.26
CA LYS B 950 312.19 -407.70 459.61
C LYS B 950 312.92 -406.60 458.86
N LYS B 951 314.16 -406.86 458.42
CA LYS B 951 314.78 -405.98 457.43
C LYS B 951 314.02 -406.01 456.11
N ASP B 952 313.63 -407.21 455.66
CA ASP B 952 312.81 -407.33 454.47
C ASP B 952 311.52 -406.55 454.59
N ILE B 953 311.01 -406.36 455.81
CA ILE B 953 309.82 -405.54 456.00
C ILE B 953 310.03 -404.16 455.38
N GLU B 954 311.04 -403.42 455.83
CA GLU B 954 311.25 -402.09 455.27
C GLU B 954 311.76 -402.15 453.83
N ASP B 955 312.53 -403.17 453.46
CA ASP B 955 312.98 -403.24 452.07
C ASP B 955 311.80 -403.35 451.10
N LEU B 956 311.02 -404.41 451.21
CA LEU B 956 309.89 -404.57 450.30
C LEU B 956 308.76 -403.61 450.66
N GLU B 957 308.84 -402.96 451.82
CA GLU B 957 307.94 -401.86 452.12
C GLU B 957 308.27 -400.63 451.28
N LEU B 958 309.55 -400.30 451.13
CA LEU B 958 309.92 -399.27 450.15
C LEU B 958 309.57 -399.70 448.73
N ASN B 959 309.68 -400.98 448.40
CA ASN B 959 309.26 -401.41 447.07
C ASN B 959 307.76 -401.18 446.84
N VAL B 960 306.92 -401.66 447.75
CA VAL B 960 305.48 -401.42 447.60
C VAL B 960 305.18 -399.94 447.74
N GLN B 961 305.99 -399.21 448.50
CA GLN B 961 305.85 -397.76 448.58
C GLN B 961 305.99 -397.14 447.21
N LYS B 962 307.18 -397.33 446.59
CA LYS B 962 307.37 -396.98 445.18
C LYS B 962 306.12 -397.26 444.38
N ALA B 963 305.54 -398.46 444.57
CA ALA B 963 304.29 -398.78 443.89
C ALA B 963 303.21 -397.73 444.17
N GLU B 964 302.93 -397.41 445.45
CA GLU B 964 301.74 -396.56 445.64
C GLU B 964 302.00 -395.11 445.24
N GLN B 965 303.20 -394.55 445.48
CA GLN B 965 303.30 -393.16 445.03
C GLN B 965 303.46 -393.08 443.51
N ASP B 966 304.04 -394.09 442.86
CA ASP B 966 304.03 -394.07 441.40
C ASP B 966 302.62 -394.17 440.85
N LYS B 967 301.76 -394.97 441.50
CA LYS B 967 300.35 -394.98 441.14
C LYS B 967 299.70 -393.62 441.39
N ALA B 968 300.02 -392.98 442.51
CA ALA B 968 299.32 -391.77 442.93
C ALA B 968 299.71 -390.56 442.10
N THR B 969 300.94 -390.52 441.60
CA THR B 969 301.42 -389.34 440.89
C THR B 969 300.55 -388.99 439.69
N LYS B 970 299.97 -389.99 439.02
CA LYS B 970 299.16 -389.71 437.86
C LYS B 970 297.67 -389.95 438.07
N ASP B 971 297.25 -390.29 439.30
CA ASP B 971 295.82 -390.33 439.60
C ASP B 971 295.17 -388.97 439.43
N HIS B 972 295.94 -387.89 439.60
CA HIS B 972 295.36 -386.56 439.47
C HIS B 972 295.08 -386.21 438.02
N GLN B 973 295.76 -386.87 437.08
CA GLN B 973 295.55 -386.57 435.67
C GLN B 973 294.18 -387.02 435.19
N ILE B 974 293.62 -388.10 435.75
CA ILE B 974 292.28 -388.47 435.31
C ILE B 974 291.28 -387.38 435.69
N ARG B 975 291.49 -386.74 436.83
CA ARG B 975 290.66 -385.60 437.22
C ARG B 975 290.95 -384.39 436.33
N ASN B 976 292.21 -384.17 435.98
CA ASN B 976 292.54 -383.03 435.12
C ASN B 976 291.91 -383.14 433.74
N LEU B 977 291.97 -384.33 433.14
CA LEU B 977 291.34 -384.55 431.85
C LEU B 977 289.84 -384.31 431.91
N ASN B 978 289.18 -384.77 432.98
CA ASN B 978 287.80 -384.38 433.22
C ASN B 978 287.65 -382.86 433.32
N ASP B 979 288.64 -382.18 433.89
CA ASP B 979 288.57 -380.73 433.97
C ASP B 979 288.54 -380.10 432.58
N GLU B 980 289.41 -380.50 431.66
CA GLU B 980 289.33 -379.79 430.38
C GLU B 980 288.21 -380.32 429.50
N ILE B 981 287.71 -381.53 429.73
CA ILE B 981 286.52 -381.92 428.96
C ILE B 981 285.31 -381.12 429.44
N ALA B 982 285.25 -380.84 430.75
CA ALA B 982 284.24 -379.92 431.26
C ALA B 982 284.50 -378.49 430.77
N HIS B 983 285.75 -378.17 430.48
CA HIS B 983 286.06 -376.89 429.84
C HIS B 983 285.58 -376.84 428.39
N GLN B 984 285.60 -377.97 427.71
CA GLN B 984 285.26 -378.04 426.29
C GLN B 984 283.77 -378.22 426.03
N ASP B 985 283.02 -378.82 426.96
CA ASP B 985 281.64 -379.14 426.68
C ASP B 985 280.79 -377.88 426.50
N GLU B 986 281.00 -376.88 427.36
CA GLU B 986 280.19 -375.66 427.30
C GLU B 986 280.56 -374.78 426.12
N LEU B 987 281.78 -374.90 425.58
CA LEU B 987 282.10 -374.21 424.34
C LEU B 987 281.19 -374.68 423.22
N ILE B 988 280.97 -375.99 423.12
CA ILE B 988 280.02 -376.54 422.17
C ILE B 988 278.63 -375.93 422.37
N ASN B 989 278.14 -375.87 423.61
CA ASN B 989 276.81 -375.34 423.86
C ASN B 989 276.70 -373.88 423.43
N LYS B 990 277.61 -373.03 423.91
CA LYS B 990 277.50 -371.62 423.55
C LYS B 990 277.62 -371.41 422.05
N LEU B 991 278.57 -372.09 421.40
CA LEU B 991 278.76 -371.88 419.98
C LEU B 991 277.60 -372.44 419.17
N ASN B 992 276.93 -373.48 419.65
CA ASN B 992 275.63 -373.84 419.09
C ASN B 992 274.64 -372.70 419.23
N LYS B 993 274.64 -371.98 420.36
CA LYS B 993 273.72 -370.85 420.45
C LYS B 993 274.00 -369.79 419.38
N GLU B 994 275.25 -369.30 419.27
CA GLU B 994 275.42 -368.23 418.29
C GLU B 994 275.39 -368.76 416.86
N LYS B 995 275.62 -370.07 416.67
CA LYS B 995 275.49 -370.61 415.31
C LYS B 995 274.03 -370.59 414.87
N LYS B 996 273.12 -371.03 415.73
CA LYS B 996 271.70 -370.87 415.40
C LYS B 996 271.30 -369.40 415.27
N MET B 997 271.82 -368.53 416.13
CA MET B 997 271.46 -367.10 416.01
C MET B 997 271.89 -366.52 414.68
N GLN B 998 273.12 -366.77 414.26
CA GLN B 998 273.52 -366.45 412.90
C GLN B 998 272.60 -367.12 411.90
N GLY B 999 272.12 -368.32 412.22
CA GLY B 999 271.15 -368.98 411.35
C GLY B 999 269.91 -368.15 411.09
N GLU B 1000 269.26 -367.65 412.16
CA GLU B 1000 268.11 -366.80 411.90
C GLU B 1000 268.52 -365.53 411.17
N THR B 1001 269.66 -364.95 411.52
CA THR B 1001 270.00 -363.64 410.94
C THR B 1001 270.11 -363.70 409.42
N ASN B 1002 270.74 -364.75 408.88
CA ASN B 1002 270.91 -364.80 407.43
C ASN B 1002 269.60 -365.03 406.70
N GLN B 1003 268.63 -365.71 407.32
CA GLN B 1003 267.33 -365.71 406.67
C GLN B 1003 266.70 -364.33 406.70
N LYS B 1004 266.58 -363.71 407.89
CA LYS B 1004 265.89 -362.44 408.00
C LYS B 1004 266.42 -361.44 406.99
N THR B 1005 267.74 -361.24 406.99
CA THR B 1005 268.35 -360.38 405.98
C THR B 1005 267.95 -360.80 404.58
N GLY B 1006 267.82 -362.10 404.36
CA GLY B 1006 267.34 -362.58 403.07
C GLY B 1006 265.97 -362.04 402.71
N GLU B 1007 265.03 -362.05 403.67
CA GLU B 1007 263.70 -361.55 403.33
C GLU B 1007 263.64 -360.04 403.18
N GLU B 1008 264.34 -359.25 404.01
CA GLU B 1008 264.25 -357.83 403.65
C GLU B 1008 264.97 -357.55 402.34
N LEU B 1009 266.01 -358.32 401.99
CA LEU B 1009 266.61 -358.16 400.68
C LEU B 1009 265.63 -358.54 399.57
N GLN B 1010 264.87 -359.62 399.75
CA GLN B 1010 263.93 -360.03 398.71
C GLN B 1010 262.83 -358.99 398.53
N ALA B 1011 262.31 -358.45 399.63
CA ALA B 1011 261.40 -357.31 399.52
C ALA B 1011 262.08 -356.15 398.82
N ALA B 1012 263.39 -355.99 399.03
CA ALA B 1012 264.13 -354.94 398.33
C ALA B 1012 264.06 -355.14 396.83
N GLU B 1013 264.43 -356.32 396.31
CA GLU B 1013 264.33 -356.45 394.85
C GLU B 1013 262.90 -356.46 394.37
N ASP B 1014 261.93 -356.80 395.22
CA ASP B 1014 260.53 -356.68 394.83
C ASP B 1014 260.17 -355.22 394.54
N LYS B 1015 260.46 -354.34 395.49
CA LYS B 1015 260.24 -352.92 395.25
C LYS B 1015 261.13 -352.38 394.14
N ILE B 1016 262.34 -352.95 393.97
CA ILE B 1016 263.22 -352.54 392.89
C ILE B 1016 262.59 -352.82 391.54
N ASN B 1017 262.01 -354.01 391.38
CA ASN B 1017 261.34 -354.34 390.13
C ASN B 1017 260.12 -353.47 389.90
N HIS B 1018 259.35 -353.21 390.98
CA HIS B 1018 258.20 -352.31 390.83
C HIS B 1018 258.64 -350.92 390.34
N LEU B 1019 259.64 -350.34 391.00
CA LEU B 1019 260.10 -349.00 390.65
C LEU B 1019 260.78 -348.98 389.29
N ASN B 1020 261.49 -350.05 388.93
CA ASN B 1020 262.05 -350.13 387.59
C ASN B 1020 260.98 -350.17 386.52
N LYS B 1021 259.91 -350.94 386.73
CA LYS B 1021 258.81 -350.93 385.77
C LYS B 1021 258.22 -349.54 385.62
N VAL B 1022 257.84 -348.90 386.74
CA VAL B 1022 257.19 -347.60 386.63
C VAL B 1022 258.16 -346.56 386.06
N LYS B 1023 259.43 -346.59 386.47
CA LYS B 1023 260.41 -345.64 386.00
C LYS B 1023 260.69 -345.80 384.51
N ALA B 1024 260.88 -347.04 384.05
CA ALA B 1024 261.08 -347.26 382.62
C ALA B 1024 259.85 -346.84 381.83
N LYS B 1025 258.66 -347.00 382.40
CA LYS B 1025 257.47 -346.52 381.73
C LYS B 1025 257.46 -345.00 381.60
N LEU B 1026 257.86 -344.30 382.67
CA LEU B 1026 257.74 -342.83 382.67
C LEU B 1026 258.92 -342.11 382.04
N GLU B 1027 260.08 -342.74 381.92
CA GLU B 1027 261.23 -342.07 381.30
C GLU B 1027 260.97 -341.78 379.83
N GLN B 1028 260.55 -342.78 379.07
CA GLN B 1028 260.17 -342.56 377.68
C GLN B 1028 258.92 -341.71 377.56
N THR B 1029 258.06 -341.71 378.59
CA THR B 1029 256.85 -340.90 378.55
C THR B 1029 257.18 -339.42 378.39
N LEU B 1030 258.13 -338.92 379.19
CA LEU B 1030 258.58 -337.55 379.01
C LEU B 1030 259.18 -337.34 377.64
N ASP B 1031 259.98 -338.30 377.16
CA ASP B 1031 260.58 -338.17 375.84
C ASP B 1031 259.53 -338.12 374.75
N GLU B 1032 258.51 -338.98 374.85
CA GLU B 1032 257.49 -339.01 373.80
C GLU B 1032 256.54 -337.83 373.89
N LEU B 1033 256.39 -337.21 375.06
CA LEU B 1033 255.52 -336.02 375.13
C LEU B 1033 256.31 -334.76 374.80
N GLU B 1034 257.64 -334.84 374.83
CA GLU B 1034 258.45 -333.70 374.45
C GLU B 1034 258.25 -333.28 373.00
N ASP B 1035 257.85 -334.20 372.12
CA ASP B 1035 257.62 -333.85 370.73
C ASP B 1035 256.46 -332.88 370.58
N SER B 1036 255.53 -332.89 371.53
CA SER B 1036 254.36 -332.03 371.45
C SER B 1036 254.74 -330.55 371.40
N LEU B 1037 255.81 -330.16 372.08
CA LEU B 1037 256.18 -328.75 372.14
C LEU B 1037 256.38 -328.16 370.76
N GLU B 1038 257.36 -328.67 370.01
CA GLU B 1038 257.67 -328.13 368.70
C GLU B 1038 256.53 -328.30 367.71
N ARG B 1039 255.84 -329.45 367.77
CA ARG B 1039 254.75 -329.66 366.84
C ARG B 1039 253.63 -328.64 367.06
N GLU B 1040 253.29 -328.36 368.32
CA GLU B 1040 252.28 -327.34 368.56
C GLU B 1040 252.79 -325.95 368.21
N LYS B 1041 254.08 -325.68 368.45
CA LYS B 1041 254.63 -324.38 368.10
C LYS B 1041 254.49 -324.11 366.61
N LYS B 1042 254.78 -325.11 365.77
CA LYS B 1042 254.60 -324.87 364.34
C LYS B 1042 253.13 -324.98 363.92
N VAL B 1043 252.30 -325.70 364.68
CA VAL B 1043 250.89 -325.80 364.36
C VAL B 1043 250.18 -324.45 364.59
N ARG B 1044 250.55 -323.73 365.63
CA ARG B 1044 249.91 -322.42 365.83
C ARG B 1044 250.33 -321.43 364.75
N GLY B 1045 251.63 -321.35 364.45
CA GLY B 1045 252.14 -320.23 363.67
C GLY B 1045 251.45 -320.07 362.33
N ASP B 1046 251.29 -321.17 361.58
CA ASP B 1046 250.62 -321.06 360.30
C ASP B 1046 249.14 -320.76 360.47
N VAL B 1047 248.53 -321.17 361.59
CA VAL B 1047 247.16 -320.77 361.88
C VAL B 1047 247.01 -319.27 362.08
N GLU B 1048 247.86 -318.63 362.89
CA GLU B 1048 247.78 -317.18 362.98
C GLU B 1048 248.15 -316.50 361.65
N LYS B 1049 249.10 -317.06 360.90
CA LYS B 1049 249.42 -316.49 359.60
C LYS B 1049 248.24 -316.53 358.65
N SER B 1050 247.50 -317.64 358.60
CA SER B 1050 246.27 -317.69 357.84
C SER B 1050 245.24 -316.72 358.39
N LYS B 1051 245.16 -316.59 359.71
CA LYS B 1051 244.24 -315.61 360.29
C LYS B 1051 244.50 -314.22 359.73
N ARG B 1052 245.77 -313.77 359.77
CA ARG B 1052 246.07 -312.39 359.36
C ARG B 1052 245.58 -312.11 357.95
N LYS B 1053 245.83 -313.03 357.01
CA LYS B 1053 245.31 -312.81 355.66
C LYS B 1053 243.79 -312.90 355.63
N VAL B 1054 243.20 -313.64 356.58
CA VAL B 1054 241.73 -313.67 356.64
C VAL B 1054 241.17 -312.31 356.99
N GLU B 1055 241.66 -311.67 358.06
CA GLU B 1055 241.10 -310.34 358.35
C GLU B 1055 241.59 -309.31 357.34
N GLY B 1056 242.72 -309.56 356.66
CA GLY B 1056 243.07 -308.71 355.53
C GLY B 1056 242.04 -308.76 354.43
N ASP B 1057 241.57 -309.97 354.09
CA ASP B 1057 240.48 -310.13 353.15
C ASP B 1057 239.22 -309.45 353.67
N LEU B 1058 238.94 -309.60 354.97
CA LEU B 1058 237.80 -308.92 355.58
C LEU B 1058 237.86 -307.41 355.39
N LYS B 1059 239.01 -306.80 355.67
CA LYS B 1059 239.16 -305.36 355.44
C LYS B 1059 238.96 -305.02 353.98
N LEU B 1060 239.76 -305.63 353.09
CA LEU B 1060 239.70 -305.26 351.68
C LEU B 1060 238.27 -305.36 351.16
N THR B 1061 237.53 -306.38 351.61
CA THR B 1061 236.10 -306.43 351.30
C THR B 1061 235.33 -305.28 351.93
N GLN B 1062 235.66 -304.88 353.15
CA GLN B 1062 234.91 -303.79 353.79
C GLN B 1062 235.05 -302.49 353.01
N GLU B 1063 236.29 -302.07 352.73
CA GLU B 1063 236.43 -300.85 351.94
C GLU B 1063 236.01 -301.02 350.48
N ALA B 1064 236.12 -302.22 349.91
CA ALA B 1064 235.58 -302.43 348.57
C ALA B 1064 234.08 -302.19 348.56
N VAL B 1065 233.37 -302.77 349.52
CA VAL B 1065 231.92 -302.57 349.61
C VAL B 1065 231.59 -301.11 349.82
N ALA B 1066 232.32 -300.43 350.73
CA ALA B 1066 232.07 -299.03 350.97
C ALA B 1066 232.24 -298.18 349.71
N ASP B 1067 233.32 -298.44 348.96
CA ASP B 1067 233.48 -297.77 347.68
C ASP B 1067 232.34 -298.11 346.74
N LEU B 1068 231.81 -299.33 346.83
CA LEU B 1068 230.68 -299.71 345.99
C LEU B 1068 229.42 -298.92 346.32
N GLU B 1069 229.06 -298.78 347.60
CA GLU B 1069 227.84 -298.01 347.83
C GLU B 1069 228.04 -296.52 347.57
N ARG B 1070 229.24 -295.98 347.80
CA ARG B 1070 229.41 -294.59 347.39
C ARG B 1070 229.31 -294.45 345.87
N ASN B 1071 229.97 -295.34 345.11
CA ASN B 1071 229.83 -295.34 343.65
C ASN B 1071 228.38 -295.46 343.22
N LYS B 1072 227.56 -296.18 343.98
CA LYS B 1072 226.12 -296.17 343.72
C LYS B 1072 225.59 -294.74 343.65
N LYS B 1073 225.97 -293.90 344.61
CA LYS B 1073 225.47 -292.53 344.61
C LYS B 1073 226.11 -291.67 343.52
N GLU B 1074 227.42 -291.81 343.26
CA GLU B 1074 227.97 -291.01 342.16
C GLU B 1074 227.35 -291.38 340.81
N LEU B 1075 227.09 -292.68 340.57
CA LEU B 1075 226.47 -293.05 339.31
C LEU B 1075 224.99 -292.66 339.28
N GLU B 1076 224.30 -292.76 340.40
CA GLU B 1076 222.90 -292.37 340.45
C GLU B 1076 222.74 -290.86 340.37
N GLN B 1077 223.81 -290.11 340.62
CA GLN B 1077 223.75 -288.67 340.40
C GLN B 1077 223.35 -288.36 338.96
N THR B 1078 224.00 -289.02 338.01
CA THR B 1078 223.62 -288.88 336.61
C THR B 1078 222.22 -289.40 336.35
N ILE B 1079 221.84 -290.51 337.00
CA ILE B 1079 220.51 -291.07 336.80
C ILE B 1079 219.44 -290.06 337.18
N GLN B 1080 219.56 -289.44 338.35
CA GLN B 1080 218.59 -288.45 338.76
C GLN B 1080 218.72 -287.14 337.97
N ARG B 1081 219.89 -286.78 337.45
CA ARG B 1081 219.88 -285.64 336.52
C ARG B 1081 219.08 -285.97 335.27
N LYS B 1082 219.60 -286.90 334.46
CA LYS B 1082 219.15 -287.04 333.09
C LYS B 1082 217.90 -287.90 332.97
N ASP B 1083 217.26 -288.23 334.10
CA ASP B 1083 215.81 -288.50 334.06
C ASP B 1083 215.04 -287.22 333.78
N LYS B 1084 215.51 -286.09 334.30
CA LYS B 1084 214.74 -284.85 334.29
C LYS B 1084 215.01 -283.96 333.08
N GLU B 1085 216.26 -283.57 332.82
CA GLU B 1085 216.47 -282.66 331.69
C GLU B 1085 216.11 -283.33 330.37
N LEU B 1086 216.23 -284.65 330.28
CA LEU B 1086 215.68 -285.36 329.12
C LEU B 1086 214.17 -285.20 329.07
N SER B 1087 213.49 -285.30 330.22
CA SER B 1087 212.06 -285.06 330.25
C SER B 1087 211.72 -283.63 329.89
N SER B 1088 212.50 -282.65 330.38
CA SER B 1088 212.23 -281.26 330.06
C SER B 1088 212.43 -280.98 328.57
N ILE B 1089 213.46 -281.57 327.96
CA ILE B 1089 213.67 -281.33 326.54
C ILE B 1089 212.60 -282.05 325.72
N THR B 1090 212.11 -283.20 326.19
CA THR B 1090 210.93 -283.77 325.54
C THR B 1090 209.73 -282.85 325.65
N ALA B 1091 209.53 -282.23 326.81
CA ALA B 1091 208.42 -281.31 327.00
C ALA B 1091 208.52 -280.11 326.07
N LYS B 1092 209.72 -279.54 325.93
CA LYS B 1092 209.90 -278.43 325.01
C LYS B 1092 210.01 -278.90 323.57
N LEU B 1093 210.05 -280.22 323.36
CA LEU B 1093 210.10 -280.73 321.99
C LEU B 1093 208.76 -280.58 321.28
N GLU B 1094 207.67 -280.53 322.05
CA GLU B 1094 206.38 -280.21 321.43
C GLU B 1094 206.33 -278.74 321.01
N ASP B 1095 207.20 -277.90 321.57
CA ASP B 1095 207.25 -276.51 321.14
C ASP B 1095 207.61 -276.40 319.67
N GLU B 1096 208.59 -277.18 319.21
CA GLU B 1096 208.87 -277.15 317.78
C GLU B 1096 207.81 -277.89 316.96
N GLN B 1097 207.19 -278.94 317.50
CA GLN B 1097 206.08 -279.56 316.79
C GLN B 1097 204.90 -278.63 316.61
N VAL B 1098 204.72 -277.63 317.46
CA VAL B 1098 203.62 -276.68 317.27
C VAL B 1098 204.08 -275.46 316.49
N VAL B 1099 205.35 -275.07 316.61
CA VAL B 1099 205.82 -273.95 315.81
C VAL B 1099 205.84 -274.35 314.34
N VAL B 1100 206.14 -275.61 314.03
CA VAL B 1100 206.08 -276.03 312.64
C VAL B 1100 204.64 -276.02 312.13
N LEU B 1101 203.67 -276.36 312.99
CA LEU B 1101 202.27 -276.28 312.58
C LEU B 1101 201.86 -274.84 312.28
N LYS B 1102 202.25 -273.89 313.14
CA LYS B 1102 201.91 -272.51 312.82
C LYS B 1102 202.70 -272.03 311.61
N HIS B 1103 203.85 -272.66 311.34
CA HIS B 1103 204.56 -272.39 310.09
C HIS B 1103 203.76 -272.82 308.88
N GLN B 1104 203.17 -274.02 308.91
CA GLN B 1104 202.29 -274.38 307.80
C GLN B 1104 201.09 -273.45 307.72
N ARG B 1105 200.56 -273.02 308.87
CA ARG B 1105 199.43 -272.10 308.84
C ARG B 1105 199.80 -270.79 308.17
N GLN B 1106 200.96 -270.22 308.50
CA GLN B 1106 201.38 -268.99 307.86
C GLN B 1106 201.75 -269.22 306.40
N ILE B 1107 202.26 -270.39 306.05
CA ILE B 1107 202.39 -270.70 304.63
C ILE B 1107 201.03 -270.63 303.94
N LYS B 1108 200.03 -271.28 304.52
CA LYS B 1108 198.70 -271.33 303.92
C LYS B 1108 198.13 -269.92 303.71
N GLU B 1109 198.21 -269.08 304.74
CA GLU B 1109 197.73 -267.71 304.57
C GLU B 1109 198.59 -266.95 303.56
N LEU B 1110 199.88 -267.29 303.41
CA LEU B 1110 200.66 -266.54 302.44
C LEU B 1110 200.35 -266.94 301.01
N GLN B 1111 200.03 -268.21 300.70
CA GLN B 1111 199.57 -268.40 299.32
C GLN B 1111 198.16 -267.84 299.15
N ALA B 1112 197.38 -267.74 300.24
CA ALA B 1112 196.14 -267.00 300.14
C ALA B 1112 196.38 -265.54 299.74
N ARG B 1113 197.37 -264.90 300.36
CA ARG B 1113 197.76 -263.55 299.95
C ARG B 1113 198.31 -263.52 298.54
N ILE B 1114 199.05 -264.56 298.12
CA ILE B 1114 199.51 -264.65 296.74
C ILE B 1114 198.35 -264.63 295.77
N GLU B 1115 197.34 -265.46 296.02
CA GLU B 1115 196.18 -265.51 295.13
C GLU B 1115 195.43 -264.20 295.13
N GLU B 1116 195.32 -263.56 296.30
CA GLU B 1116 194.70 -262.25 296.36
C GLU B 1116 195.47 -261.21 295.56
N LEU B 1117 196.80 -261.22 295.64
CA LEU B 1117 197.60 -260.20 294.97
C LEU B 1117 197.70 -260.44 293.47
N GLU B 1118 197.63 -261.69 293.03
CA GLU B 1118 197.72 -261.99 291.61
C GLU B 1118 196.47 -261.56 290.84
N GLU B 1119 195.33 -261.47 291.53
CA GLU B 1119 194.07 -261.20 290.85
C GLU B 1119 194.01 -259.77 290.29
N GLU B 1120 194.34 -258.77 291.11
CA GLU B 1120 194.14 -257.39 290.69
C GLU B 1120 195.24 -256.89 289.77
N VAL B 1121 196.43 -257.50 289.82
CA VAL B 1121 197.52 -257.02 288.98
C VAL B 1121 197.22 -257.27 287.51
N GLU B 1122 196.82 -258.50 287.15
CA GLU B 1122 196.57 -258.81 285.75
C GLU B 1122 195.31 -258.14 285.21
N ALA B 1123 194.32 -257.92 286.08
CA ALA B 1123 193.11 -257.23 285.64
C ALA B 1123 193.44 -255.85 285.08
N GLU B 1124 194.27 -255.10 285.79
CA GLU B 1124 194.73 -253.81 285.28
C GLU B 1124 195.59 -253.99 284.04
N ARG B 1125 196.34 -255.09 283.94
CA ARG B 1125 197.15 -255.32 282.74
C ARG B 1125 196.27 -255.40 281.50
N GLN B 1126 195.21 -256.22 281.53
CA GLN B 1126 194.36 -256.26 280.35
C GLN B 1126 193.46 -255.02 280.21
N ALA B 1127 193.13 -254.36 281.31
CA ALA B 1127 192.41 -253.10 281.21
C ALA B 1127 193.21 -252.05 280.45
N ARG B 1128 194.54 -252.04 280.67
CA ARG B 1128 195.41 -251.26 279.80
C ARG B 1128 195.52 -251.86 278.41
N ALA B 1129 195.58 -253.19 278.29
CA ALA B 1129 195.72 -253.82 276.97
C ALA B 1129 194.64 -253.33 276.03
N LYS B 1130 193.42 -253.18 276.53
CA LYS B 1130 192.38 -252.49 275.77
C LYS B 1130 192.63 -250.99 275.70
N ALA B 1131 193.25 -250.40 276.73
CA ALA B 1131 193.35 -248.94 276.82
C ALA B 1131 194.24 -248.36 275.71
N GLU B 1132 195.45 -248.89 275.53
CA GLU B 1132 196.32 -248.24 274.53
C GLU B 1132 195.77 -248.41 273.12
N LYS B 1133 195.14 -249.54 272.81
CA LYS B 1133 194.54 -249.66 271.48
C LYS B 1133 193.34 -248.73 271.32
N GLN B 1134 192.57 -248.49 272.39
CA GLN B 1134 191.52 -247.48 272.29
C GLN B 1134 192.11 -246.09 272.06
N ARG B 1135 193.24 -245.80 272.71
CA ARG B 1135 193.88 -244.51 272.47
C ARG B 1135 194.47 -244.42 271.06
N ALA B 1136 194.88 -245.54 270.48
CA ALA B 1136 195.28 -245.53 269.08
C ALA B 1136 194.10 -245.29 268.16
N ASP B 1137 192.93 -245.86 268.50
CA ASP B 1137 191.71 -245.54 267.78
C ASP B 1137 191.42 -244.06 267.85
N LEU B 1138 191.54 -243.47 269.03
CA LEU B 1138 191.40 -242.02 269.18
C LEU B 1138 192.46 -241.25 268.41
N ALA B 1139 193.68 -241.79 268.31
CA ALA B 1139 194.73 -241.13 267.54
C ALA B 1139 194.36 -241.05 266.07
N ARG B 1140 193.96 -242.16 265.45
CA ARG B 1140 193.52 -242.08 264.06
C ARG B 1140 192.24 -241.25 263.94
N GLU B 1141 191.42 -241.24 264.98
CA GLU B 1141 190.26 -240.35 265.02
C GLU B 1141 190.67 -238.88 264.99
N LEU B 1142 191.84 -238.55 265.54
CA LEU B 1142 192.32 -237.17 265.48
C LEU B 1142 192.51 -236.71 264.03
N GLU B 1143 193.19 -237.52 263.22
CA GLU B 1143 193.37 -237.10 261.84
C GLU B 1143 192.11 -237.26 261.00
N GLU B 1144 191.19 -238.16 261.37
CA GLU B 1144 189.95 -238.20 260.60
C GLU B 1144 189.09 -236.97 260.90
N LEU B 1145 189.12 -236.47 262.14
CA LEU B 1145 188.40 -235.23 262.42
C LEU B 1145 189.12 -234.02 261.82
N GLY B 1146 190.45 -234.06 261.80
CA GLY B 1146 191.21 -232.94 261.28
C GLY B 1146 191.00 -232.71 259.80
N GLU B 1147 190.98 -233.79 259.00
CA GLU B 1147 190.75 -233.65 257.57
C GLU B 1147 189.32 -233.23 257.26
N ARG B 1148 188.37 -233.59 258.14
CA ARG B 1148 186.97 -233.26 257.90
C ARG B 1148 186.65 -231.82 258.25
N LEU B 1149 187.52 -231.14 259.00
CA LEU B 1149 187.24 -229.78 259.42
C LEU B 1149 187.23 -228.82 258.22
N GLU B 1150 188.25 -228.91 257.35
CA GLU B 1150 188.34 -227.97 256.25
C GLU B 1150 187.31 -228.23 255.15
N GLU B 1151 186.75 -229.44 255.09
CA GLU B 1151 185.70 -229.70 254.12
C GLU B 1151 184.46 -228.88 254.44
N ALA B 1152 184.16 -228.68 255.72
CA ALA B 1152 183.05 -227.80 256.08
C ALA B 1152 183.28 -226.38 255.60
N GLY B 1153 184.50 -225.85 255.79
CA GLY B 1153 184.80 -224.52 255.28
C GLY B 1153 184.75 -224.43 253.77
N GLY B 1154 185.22 -225.48 253.09
CA GLY B 1154 185.11 -225.52 251.64
C GLY B 1154 183.69 -225.53 251.12
N ALA B 1155 182.80 -226.32 251.74
CA ALA B 1155 181.40 -226.29 251.36
C ALA B 1155 180.78 -224.95 251.69
N THR B 1156 181.14 -224.36 252.84
CA THR B 1156 180.66 -223.03 253.20
C THR B 1156 181.03 -222.01 252.13
N SER B 1157 182.29 -222.03 251.69
CA SER B 1157 182.70 -221.12 250.63
C SER B 1157 181.91 -221.36 249.35
N ALA B 1158 181.84 -222.61 248.90
CA ALA B 1158 181.22 -222.92 247.61
C ALA B 1158 179.76 -222.50 247.59
N GLN B 1159 179.01 -222.75 248.67
CA GLN B 1159 177.63 -222.27 248.70
C GLN B 1159 177.60 -220.74 248.67
N ILE B 1160 178.62 -220.08 249.21
CA ILE B 1160 178.67 -218.63 249.11
C ILE B 1160 178.84 -218.16 247.67
N GLU B 1161 179.76 -218.77 246.90
CA GLU B 1161 179.84 -218.34 245.50
C GLU B 1161 178.58 -218.69 244.72
N LEU B 1162 177.94 -219.83 245.03
CA LEU B 1162 176.66 -220.13 244.40
C LEU B 1162 175.62 -219.06 244.70
N ASN B 1163 175.52 -218.65 245.96
CA ASN B 1163 174.66 -217.54 246.32
C ASN B 1163 175.03 -216.26 245.60
N LYS B 1164 176.32 -215.95 245.44
CA LYS B 1164 176.74 -214.75 244.74
C LYS B 1164 176.31 -214.75 243.27
N LYS B 1165 176.48 -215.88 242.58
CA LYS B 1165 175.85 -215.98 241.26
C LYS B 1165 174.35 -215.81 241.34
N ARG B 1166 173.73 -216.23 242.44
CA ARG B 1166 172.28 -216.05 242.56
C ARG B 1166 171.90 -214.57 242.71
N GLU B 1167 172.68 -213.79 243.46
CA GLU B 1167 172.37 -212.36 243.49
C GLU B 1167 172.73 -211.68 242.17
N ALA B 1168 173.70 -212.23 241.43
CA ALA B 1168 173.95 -211.72 240.08
C ALA B 1168 172.72 -211.93 239.20
N GLU B 1169 172.12 -213.13 239.28
CA GLU B 1169 170.85 -213.38 238.62
C GLU B 1169 169.74 -212.46 239.12
N LEU B 1170 169.72 -212.16 240.42
CA LEU B 1170 168.73 -211.22 240.95
C LEU B 1170 168.91 -209.84 240.36
N SER B 1171 170.17 -209.39 240.24
CA SER B 1171 170.44 -208.09 239.63
C SER B 1171 169.99 -208.06 238.17
N LYS B 1172 170.24 -209.14 237.43
CA LYS B 1172 169.72 -209.23 236.06
C LYS B 1172 168.20 -209.23 236.07
N LEU B 1173 167.60 -209.86 237.07
CA LEU B 1173 166.14 -209.87 237.23
C LEU B 1173 165.59 -208.45 237.41
N ARG B 1174 166.29 -207.63 238.20
CA ARG B 1174 165.90 -206.22 238.33
C ARG B 1174 165.85 -205.56 236.97
N ARG B 1175 166.72 -205.96 236.04
CA ARG B 1175 166.70 -205.42 234.68
C ARG B 1175 165.56 -206.04 233.88
N ASP B 1176 164.65 -206.75 234.55
CA ASP B 1176 163.43 -207.21 233.93
C ASP B 1176 162.22 -206.67 234.69
N LEU B 1177 162.41 -206.31 235.96
CA LEU B 1177 161.29 -205.88 236.78
C LEU B 1177 160.74 -204.53 236.33
N GLU B 1178 161.55 -203.46 236.45
CA GLU B 1178 161.05 -202.13 236.12
C GLU B 1178 160.75 -201.99 234.64
N GLU B 1179 161.30 -202.88 233.81
CA GLU B 1179 161.01 -202.88 232.39
C GLU B 1179 159.69 -203.60 232.11
N ALA B 1180 159.40 -203.84 230.83
CA ALA B 1180 158.21 -204.57 230.40
C ALA B 1180 156.92 -203.86 230.81
N ASN B 1181 156.61 -203.85 232.10
CA ASN B 1181 155.35 -203.29 232.59
C ASN B 1181 155.21 -201.82 232.25
N ILE B 1182 156.12 -201.00 232.78
CA ILE B 1182 156.05 -199.56 232.55
C ILE B 1182 156.24 -199.19 231.09
N GLN B 1183 157.13 -199.88 230.37
CA GLN B 1183 157.29 -199.61 228.94
C GLN B 1183 156.00 -199.89 228.18
N HIS B 1184 155.33 -200.99 228.49
CA HIS B 1184 154.05 -201.27 227.84
C HIS B 1184 152.97 -200.27 228.25
N GLU B 1185 152.96 -199.82 229.50
CA GLU B 1185 152.01 -198.78 229.87
C GLU B 1185 152.25 -197.50 229.08
N SER B 1186 153.52 -197.12 228.92
CA SER B 1186 153.85 -195.95 228.11
C SER B 1186 153.40 -196.13 226.67
N THR B 1187 153.64 -197.31 226.10
CA THR B 1187 153.23 -197.55 224.71
C THR B 1187 151.72 -197.56 224.54
N LEU B 1188 150.97 -198.14 225.48
CA LEU B 1188 149.52 -198.09 225.36
C LEU B 1188 149.01 -196.67 225.49
N ALA B 1189 149.59 -195.87 226.40
CA ALA B 1189 149.21 -194.46 226.47
C ALA B 1189 149.51 -193.75 225.16
N ASN B 1190 150.68 -194.05 224.57
CA ASN B 1190 151.06 -193.51 223.27
C ASN B 1190 150.02 -193.82 222.20
N LEU B 1191 149.64 -195.10 222.08
CA LEU B 1191 148.67 -195.49 221.08
C LEU B 1191 147.30 -194.87 221.35
N ARG B 1192 146.93 -194.72 222.62
CA ARG B 1192 145.67 -194.06 222.94
C ARG B 1192 145.68 -192.60 222.52
N LYS B 1193 146.81 -191.90 222.73
CA LYS B 1193 146.88 -190.51 222.28
C LYS B 1193 146.78 -190.39 220.78
N LYS B 1194 147.55 -191.19 220.02
CA LYS B 1194 147.43 -191.11 218.56
C LYS B 1194 146.10 -191.65 218.04
N HIS B 1195 145.40 -192.48 218.81
CA HIS B 1195 144.04 -192.82 218.41
C HIS B 1195 143.08 -191.65 218.65
N ASN B 1196 143.17 -191.01 219.81
CA ASN B 1196 142.33 -189.85 220.10
C ASN B 1196 142.61 -188.71 219.13
N ASP B 1197 143.83 -188.63 218.59
CA ASP B 1197 144.13 -187.68 217.53
C ASP B 1197 143.27 -187.91 216.30
N ALA B 1198 143.11 -189.16 215.87
CA ALA B 1198 142.25 -189.45 214.74
C ALA B 1198 140.79 -189.13 215.05
N VAL B 1199 140.41 -189.24 216.32
CA VAL B 1199 139.05 -188.88 216.71
C VAL B 1199 138.78 -187.41 216.42
N ALA B 1200 139.70 -186.53 216.83
CA ALA B 1200 139.56 -185.11 216.52
C ALA B 1200 139.68 -184.86 215.02
N GLU B 1201 140.58 -185.59 214.35
CA GLU B 1201 140.77 -185.40 212.91
C GLU B 1201 139.47 -185.66 212.16
N MET B 1202 138.75 -186.72 212.54
CA MET B 1202 137.49 -187.03 211.88
C MET B 1202 136.33 -186.20 212.39
N ALA B 1203 136.38 -185.77 213.66
CA ALA B 1203 135.35 -184.87 214.17
C ALA B 1203 135.44 -183.50 213.51
N GLU B 1204 136.61 -183.14 212.98
CA GLU B 1204 136.71 -181.93 212.18
C GLU B 1204 135.80 -182.00 210.97
N GLN B 1205 135.77 -183.15 210.29
CA GLN B 1205 134.90 -183.32 209.13
C GLN B 1205 133.45 -183.09 209.49
N VAL B 1206 133.04 -183.52 210.69
CA VAL B 1206 131.72 -183.19 211.19
C VAL B 1206 131.52 -181.68 211.23
N ASP B 1207 132.55 -180.95 211.66
CA ASP B 1207 132.46 -179.49 211.73
C ASP B 1207 132.30 -178.88 210.34
N GLN B 1208 133.12 -179.31 209.37
CA GLN B 1208 132.96 -178.73 208.03
C GLN B 1208 131.60 -179.07 207.43
N LEU B 1209 131.12 -180.29 207.60
CA LEU B 1209 129.81 -180.61 207.02
C LEU B 1209 128.69 -179.88 207.73
N ASN B 1210 128.81 -179.69 209.04
CA ASN B 1210 127.80 -178.93 209.77
C ASN B 1210 127.79 -177.47 209.37
N LYS B 1211 128.96 -176.86 209.15
CA LYS B 1211 128.95 -175.47 208.69
C LYS B 1211 128.47 -175.36 207.25
N LEU B 1212 128.73 -176.37 206.43
CA LEU B 1212 128.14 -176.40 205.10
C LEU B 1212 126.62 -176.44 205.17
N LYS B 1213 126.07 -177.28 206.05
CA LYS B 1213 124.63 -177.24 206.29
C LYS B 1213 124.18 -175.87 206.78
N ALA B 1214 124.89 -175.33 207.77
CA ALA B 1214 124.49 -174.07 208.40
C ALA B 1214 124.36 -172.96 207.37
N LYS B 1215 125.28 -172.90 206.41
CA LYS B 1215 125.13 -171.95 205.33
C LYS B 1215 124.06 -172.41 204.33
N ALA B 1216 123.95 -173.72 204.10
CA ALA B 1216 123.14 -174.22 202.98
C ALA B 1216 121.66 -173.98 203.20
N GLU B 1217 121.10 -174.47 204.30
CA GLU B 1217 119.66 -174.24 204.50
C GLU B 1217 119.30 -172.75 204.61
N LYS B 1218 120.08 -171.94 205.32
CA LYS B 1218 119.72 -170.53 205.39
C LYS B 1218 119.80 -169.86 204.02
N GLU B 1219 120.81 -170.22 203.22
CA GLU B 1219 120.98 -169.72 201.85
C GLU B 1219 119.77 -170.07 200.99
N LYS B 1220 119.36 -171.35 201.02
CA LYS B 1220 118.12 -171.72 200.37
C LYS B 1220 116.96 -170.88 200.87
N ASN B 1221 116.95 -170.55 202.16
CA ASN B 1221 115.84 -169.78 202.71
C ASN B 1221 115.73 -168.39 202.09
N GLU B 1222 116.83 -167.61 202.07
CA GLU B 1222 116.64 -166.27 201.50
C GLU B 1222 116.39 -166.37 200.01
N TYR B 1223 116.90 -167.41 199.36
CA TYR B 1223 116.64 -167.49 197.93
C TYR B 1223 115.22 -167.93 197.60
N TYR B 1224 114.59 -168.78 198.43
CA TYR B 1224 113.16 -168.98 198.26
C TYR B 1224 112.38 -167.69 198.51
N GLY B 1225 112.78 -166.94 199.53
CA GLY B 1225 112.11 -165.68 199.80
C GLY B 1225 112.18 -164.71 198.64
N GLN B 1226 113.37 -164.54 198.05
CA GLN B 1226 113.46 -163.62 196.93
C GLN B 1226 112.85 -164.22 195.67
N LEU B 1227 112.76 -165.55 195.58
CA LEU B 1227 111.93 -166.14 194.53
C LEU B 1227 110.50 -165.66 194.65
N ASN B 1228 109.97 -165.67 195.87
CA ASN B 1228 108.60 -165.22 196.09
C ASN B 1228 108.46 -163.75 195.74
N ASP B 1229 109.45 -162.93 196.12
CA ASP B 1229 109.40 -161.50 195.80
C ASP B 1229 109.38 -161.28 194.29
N LEU B 1230 110.25 -161.98 193.56
CA LEU B 1230 110.31 -161.76 192.11
C LEU B 1230 109.09 -162.36 191.41
N ARG B 1231 108.52 -163.44 191.95
CA ARG B 1231 107.28 -163.95 191.39
C ARG B 1231 106.15 -162.96 191.59
N ALA B 1232 106.11 -162.30 192.75
CA ALA B 1232 105.14 -161.22 192.93
C ALA B 1232 105.36 -160.12 191.92
N GLY B 1233 106.62 -159.76 191.65
CA GLY B 1233 106.91 -158.78 190.62
C GLY B 1233 106.45 -159.24 189.24
N VAL B 1234 106.68 -160.50 188.89
CA VAL B 1234 106.31 -161.01 187.58
C VAL B 1234 104.80 -161.09 187.43
N ASP B 1235 104.11 -161.43 188.51
CA ASP B 1235 102.65 -161.31 188.52
C ASP B 1235 102.22 -159.87 188.31
N HIS B 1236 102.93 -158.92 188.92
CA HIS B 1236 102.59 -157.51 188.76
C HIS B 1236 102.69 -157.07 187.31
N ILE B 1237 103.77 -157.45 186.63
CA ILE B 1237 104.03 -156.90 185.29
C ILE B 1237 102.96 -157.35 184.31
N THR B 1238 102.36 -158.51 184.54
CA THR B 1238 101.29 -158.97 183.67
C THR B 1238 100.07 -158.07 183.75
N ASN B 1239 99.80 -157.52 184.93
CA ASN B 1239 98.62 -156.67 185.11
C ASN B 1239 98.69 -155.41 184.26
N GLU B 1240 99.84 -154.72 184.25
CA GLU B 1240 99.90 -153.49 183.48
C GLU B 1240 99.95 -153.77 181.98
N LYS B 1241 100.51 -154.90 181.56
CA LYS B 1241 100.34 -155.29 180.16
C LYS B 1241 98.86 -155.42 179.84
N ALA B 1242 98.17 -156.35 180.51
CA ALA B 1242 96.76 -156.59 180.22
C ALA B 1242 95.92 -155.32 180.30
N ALA B 1243 96.34 -154.35 181.12
CA ALA B 1243 95.67 -153.06 181.12
C ALA B 1243 96.03 -152.23 179.89
N GLN B 1244 97.28 -152.30 179.43
CA GLN B 1244 97.74 -151.38 178.40
C GLN B 1244 97.39 -151.83 176.99
N GLU B 1245 97.21 -153.13 176.73
CA GLU B 1245 96.76 -153.46 175.37
C GLU B 1245 95.39 -152.85 175.08
N LYS B 1246 94.55 -152.70 176.10
CA LYS B 1246 93.24 -152.10 175.88
C LYS B 1246 93.37 -150.69 175.33
N ILE B 1247 94.16 -149.84 175.99
CA ILE B 1247 94.36 -148.50 175.47
C ILE B 1247 95.10 -148.53 174.14
N ALA B 1248 96.04 -149.46 173.96
CA ALA B 1248 96.76 -149.56 172.71
C ALA B 1248 95.81 -149.78 171.53
N LYS B 1249 94.80 -150.62 171.73
CA LYS B 1249 93.82 -150.82 170.66
C LYS B 1249 92.87 -149.62 170.54
N GLN B 1250 92.17 -149.26 171.62
CA GLN B 1250 91.12 -148.26 171.48
C GLN B 1250 91.63 -146.88 171.13
N LEU B 1251 92.76 -146.43 171.69
CA LEU B 1251 93.25 -145.10 171.36
C LEU B 1251 93.62 -144.96 169.88
N GLN B 1252 94.25 -145.99 169.30
CA GLN B 1252 94.56 -145.91 167.88
C GLN B 1252 93.31 -146.08 167.02
N HIS B 1253 92.38 -146.95 167.44
CA HIS B 1253 91.16 -147.11 166.67
C HIS B 1253 90.34 -145.83 166.65
N THR B 1254 90.36 -145.08 167.76
CA THR B 1254 89.64 -143.81 167.81
C THR B 1254 90.19 -142.83 166.78
N LEU B 1255 91.51 -142.72 166.68
CA LEU B 1255 92.10 -141.82 165.70
C LEU B 1255 91.99 -142.36 164.27
N ASN B 1256 91.70 -143.66 164.12
CA ASN B 1256 91.58 -144.23 162.79
C ASN B 1256 90.47 -143.56 161.98
N GLU B 1257 89.32 -143.29 162.59
CA GLU B 1257 88.25 -142.67 161.83
C GLU B 1257 88.48 -141.17 161.63
N VAL B 1258 89.05 -140.48 162.62
CA VAL B 1258 89.26 -139.05 162.45
C VAL B 1258 90.32 -138.79 161.38
N GLN B 1259 91.34 -139.63 161.28
CA GLN B 1259 92.29 -139.45 160.18
C GLN B 1259 91.64 -139.74 158.84
N SER B 1260 90.67 -140.65 158.79
CA SER B 1260 89.95 -140.89 157.54
C SER B 1260 89.10 -139.67 157.16
N LYS B 1261 88.45 -139.05 158.14
CA LYS B 1261 87.74 -137.80 157.85
C LYS B 1261 88.71 -136.70 157.40
N LEU B 1262 89.89 -136.63 158.02
CA LEU B 1262 90.89 -135.65 157.58
C LEU B 1262 91.31 -135.92 156.13
N ASP B 1263 91.48 -137.20 155.78
CA ASP B 1263 91.75 -137.55 154.39
C ASP B 1263 90.60 -137.17 153.46
N GLU B 1264 89.36 -137.37 153.89
CA GLU B 1264 88.23 -136.94 153.07
C GLU B 1264 88.30 -135.44 152.83
N THR B 1265 88.57 -134.66 153.87
CA THR B 1265 88.71 -133.22 153.72
C THR B 1265 89.86 -132.87 152.78
N ASN B 1266 90.99 -133.56 152.87
CA ASN B 1266 92.12 -133.17 152.04
C ASN B 1266 91.95 -133.57 150.57
N ARG B 1267 91.26 -134.68 150.27
CA ARG B 1267 90.87 -134.92 148.89
C ARG B 1267 89.85 -133.89 148.40
N THR B 1268 88.90 -133.50 149.25
CA THR B 1268 88.00 -132.42 148.84
C THR B 1268 88.74 -131.12 148.60
N LEU B 1269 89.88 -130.92 149.26
CA LEU B 1269 90.70 -129.74 148.98
C LEU B 1269 91.33 -129.78 147.59
N ASN B 1270 91.44 -130.95 146.97
CA ASN B 1270 92.12 -131.06 145.68
C ASN B 1270 91.28 -130.53 144.53
N ASP B 1271 90.09 -131.10 144.33
CA ASP B 1271 89.22 -130.64 143.25
C ASP B 1271 88.80 -129.18 143.42
N PHE B 1272 88.87 -128.66 144.65
CA PHE B 1272 88.60 -127.24 144.85
C PHE B 1272 89.60 -126.37 144.11
N ASP B 1273 90.87 -126.79 144.08
CA ASP B 1273 91.87 -126.02 143.35
C ASP B 1273 91.57 -126.00 141.85
N ALA B 1274 91.19 -127.16 141.30
CA ALA B 1274 90.80 -127.21 139.89
C ALA B 1274 89.58 -126.34 139.62
N SER B 1275 88.58 -126.39 140.50
CA SER B 1275 87.42 -125.52 140.35
C SER B 1275 87.83 -124.06 140.39
N LYS B 1276 88.72 -123.69 141.31
CA LYS B 1276 89.19 -122.30 141.37
C LYS B 1276 89.84 -121.90 140.05
N LYS B 1277 90.79 -122.70 139.58
CA LYS B 1277 91.52 -122.30 138.38
C LYS B 1277 90.61 -122.23 137.16
N LYS B 1278 89.74 -123.21 136.95
CA LYS B 1278 88.83 -123.11 135.81
C LYS B 1278 87.89 -121.91 135.97
N LEU B 1279 87.12 -121.88 137.06
CA LEU B 1279 86.12 -120.84 137.24
C LEU B 1279 86.75 -119.45 137.21
N SER B 1280 88.05 -119.36 137.47
CA SER B 1280 88.77 -118.12 137.22
C SER B 1280 89.02 -117.92 135.72
N ILE B 1281 89.46 -118.97 135.01
CA ILE B 1281 89.91 -118.74 133.64
C ILE B 1281 88.75 -118.40 132.72
N GLU B 1282 87.58 -119.04 132.85
CA GLU B 1282 86.53 -118.62 131.92
C GLU B 1282 86.11 -117.19 132.18
N ASN B 1283 86.08 -116.75 133.45
CA ASN B 1283 85.64 -115.40 133.76
C ASN B 1283 86.46 -114.37 133.02
N SER B 1284 87.77 -114.57 132.94
CA SER B 1284 88.61 -113.68 132.14
C SER B 1284 88.22 -113.68 130.68
N ASP B 1285 87.88 -114.84 130.12
CA ASP B 1285 87.30 -114.88 128.78
C ASP B 1285 86.03 -114.04 128.71
N LEU B 1286 85.13 -114.22 129.67
CA LEU B 1286 83.93 -113.40 129.78
C LEU B 1286 84.24 -111.92 129.95
N LEU B 1287 85.34 -111.58 130.65
CA LEU B 1287 85.71 -110.18 130.79
C LEU B 1287 86.01 -109.53 129.44
N ARG B 1288 86.88 -110.15 128.62
CA ARG B 1288 87.18 -109.44 127.39
C ARG B 1288 86.05 -109.61 126.39
N GLN B 1289 85.21 -110.64 126.54
CA GLN B 1289 83.94 -110.67 125.82
C GLN B 1289 83.13 -109.41 126.10
N LEU B 1290 82.93 -109.11 127.39
CA LEU B 1290 82.30 -107.85 127.79
C LEU B 1290 83.04 -106.66 127.21
N GLU B 1291 84.37 -106.74 127.09
CA GLU B 1291 85.15 -105.66 126.51
C GLU B 1291 84.74 -105.35 125.07
N GLU B 1292 84.71 -106.37 124.18
CA GLU B 1292 84.23 -106.00 122.85
C GLU B 1292 82.77 -105.60 122.89
N ALA B 1293 82.03 -106.07 123.90
CA ALA B 1293 80.65 -105.64 124.03
C ALA B 1293 80.56 -104.13 124.18
N GLU B 1294 81.28 -103.53 125.15
CA GLU B 1294 81.09 -102.09 125.27
C GLU B 1294 81.78 -101.37 124.13
N SER B 1295 82.84 -101.93 123.56
CA SER B 1295 83.44 -101.26 122.41
C SER B 1295 82.47 -101.16 121.24
N GLN B 1296 81.84 -102.27 120.86
CA GLN B 1296 80.85 -102.24 119.80
C GLN B 1296 79.68 -101.34 120.16
N VAL B 1297 79.18 -101.41 121.40
CA VAL B 1297 78.07 -100.57 121.81
C VAL B 1297 78.44 -99.09 121.69
N SER B 1298 79.63 -98.74 122.14
CA SER B 1298 80.06 -97.34 122.09
C SER B 1298 80.19 -96.85 120.65
N GLN B 1299 80.87 -97.61 119.81
CA GLN B 1299 81.02 -97.18 118.43
C GLN B 1299 79.68 -97.07 117.70
N LEU B 1300 78.77 -98.02 117.93
CA LEU B 1300 77.46 -97.90 117.32
C LEU B 1300 76.66 -96.75 117.93
N SER B 1301 76.95 -96.38 119.17
CA SER B 1301 76.24 -95.25 119.76
C SER B 1301 76.68 -93.95 119.10
N LYS B 1302 77.99 -93.76 118.90
CA LYS B 1302 78.41 -92.58 118.15
C LYS B 1302 77.89 -92.58 116.71
N ILE B 1303 77.92 -93.72 116.02
CA ILE B 1303 77.41 -93.71 114.66
C ILE B 1303 75.90 -93.44 114.66
N LYS B 1304 75.19 -93.95 115.66
CA LYS B 1304 73.74 -93.71 115.76
C LYS B 1304 73.45 -92.23 115.98
N ILE B 1305 74.22 -91.59 116.86
CA ILE B 1305 74.05 -90.15 117.06
C ILE B 1305 74.34 -89.39 115.77
N SER B 1306 75.43 -89.74 115.09
CA SER B 1306 75.80 -89.06 113.86
C SER B 1306 74.73 -89.21 112.79
N LEU B 1307 74.16 -90.41 112.66
CA LEU B 1307 73.13 -90.61 111.65
C LEU B 1307 71.81 -89.96 112.05
N THR B 1308 71.48 -89.93 113.34
CA THR B 1308 70.25 -89.30 113.77
C THR B 1308 70.29 -87.79 113.59
N THR B 1309 71.45 -87.18 113.80
CA THR B 1309 71.56 -85.74 113.54
C THR B 1309 71.34 -85.44 112.06
N GLN B 1310 71.91 -86.25 111.17
CA GLN B 1310 71.80 -85.97 109.74
C GLN B 1310 70.48 -86.46 109.16
N LEU B 1311 69.78 -87.35 109.86
CA LEU B 1311 68.43 -87.72 109.45
C LEU B 1311 67.50 -86.52 109.52
N GLU B 1312 67.48 -85.83 110.67
CA GLU B 1312 66.63 -84.67 110.82
C GLU B 1312 66.96 -83.58 109.82
N ASP B 1313 68.23 -83.41 109.47
CA ASP B 1313 68.58 -82.43 108.45
C ASP B 1313 67.91 -82.74 107.12
N THR B 1314 68.00 -84.00 106.68
CA THR B 1314 67.36 -84.39 105.43
C THR B 1314 65.85 -84.22 105.49
N LYS B 1315 65.23 -84.65 106.59
CA LYS B 1315 63.78 -84.50 106.71
C LYS B 1315 63.36 -83.04 106.67
N ARG B 1316 64.06 -82.17 107.40
CA ARG B 1316 63.73 -80.76 107.38
C ARG B 1316 63.95 -80.15 106.00
N LEU B 1317 65.07 -80.47 105.35
CA LEU B 1317 65.34 -79.92 104.03
C LEU B 1317 64.29 -80.34 103.01
N ALA B 1318 63.85 -81.59 103.09
CA ALA B 1318 62.82 -82.06 102.16
C ALA B 1318 61.47 -81.38 102.37
N ASP B 1319 61.31 -80.66 103.48
CA ASP B 1319 60.00 -80.11 103.81
C ASP B 1319 59.73 -78.79 103.09
N GLU B 1320 60.75 -77.91 102.99
CA GLU B 1320 60.50 -76.57 102.47
C GLU B 1320 60.04 -76.62 101.03
N GLU B 1321 60.36 -77.70 100.30
CA GLU B 1321 59.92 -77.78 98.91
C GLU B 1321 58.43 -78.04 98.83
N SER B 1322 57.85 -78.67 99.86
CA SER B 1322 56.40 -78.79 99.89
C SER B 1322 55.73 -77.42 99.91
N ARG B 1323 56.20 -76.52 100.78
CA ARG B 1323 55.66 -75.16 100.78
C ARG B 1323 56.01 -74.38 99.52
N GLU B 1324 57.22 -74.54 98.98
CA GLU B 1324 57.54 -73.83 97.76
C GLU B 1324 56.66 -74.29 96.61
N ARG B 1325 56.36 -75.59 96.54
CA ARG B 1325 55.44 -76.11 95.55
C ARG B 1325 54.01 -75.64 95.82
N ALA B 1326 53.61 -75.51 97.08
CA ALA B 1326 52.27 -74.98 97.36
C ALA B 1326 52.13 -73.55 96.86
N THR B 1327 53.10 -72.69 97.19
CA THR B 1327 53.08 -71.32 96.68
C THR B 1327 53.16 -71.30 95.17
N LEU B 1328 53.94 -72.20 94.58
CA LEU B 1328 54.09 -72.23 93.13
C LEU B 1328 52.79 -72.71 92.47
N LEU B 1329 52.04 -73.58 93.16
CA LEU B 1329 50.70 -73.94 92.73
C LEU B 1329 49.75 -72.75 92.78
N GLY B 1330 49.82 -71.97 93.86
CA GLY B 1330 49.03 -70.75 93.90
C GLY B 1330 49.38 -69.80 92.76
N LYS B 1331 50.61 -69.87 92.28
CA LYS B 1331 51.08 -69.05 91.16
C LYS B 1331 51.22 -69.82 89.86
N PHE B 1332 50.73 -71.06 89.76
CA PHE B 1332 50.19 -71.48 88.47
C PHE B 1332 48.95 -70.67 88.12
N ARG B 1333 48.01 -70.59 89.06
CA ARG B 1333 46.71 -69.98 88.80
C ARG B 1333 46.81 -68.53 88.40
N ASN B 1334 47.96 -67.90 88.63
CA ASN B 1334 48.26 -66.65 87.94
C ASN B 1334 48.67 -66.91 86.50
N LEU B 1335 49.64 -67.80 86.27
CA LEU B 1335 50.27 -67.88 84.96
C LEU B 1335 49.34 -68.46 83.89
N GLU B 1336 48.69 -69.60 84.17
CA GLU B 1336 47.84 -70.18 83.13
C GLU B 1336 46.59 -69.34 82.92
N HIS B 1337 46.02 -68.81 84.00
CA HIS B 1337 44.85 -67.95 83.85
C HIS B 1337 45.19 -66.70 83.05
N ASP B 1338 46.37 -66.11 83.30
CA ASP B 1338 46.77 -64.94 82.53
C ASP B 1338 47.08 -65.26 81.08
N LEU B 1339 47.70 -66.40 80.77
CA LEU B 1339 47.96 -66.71 79.37
C LEU B 1339 46.64 -67.01 78.64
N ASP B 1340 45.72 -67.72 79.29
CA ASP B 1340 44.39 -67.88 78.72
C ASP B 1340 43.68 -66.54 78.53
N ASN B 1341 43.81 -65.63 79.48
CA ASN B 1341 43.22 -64.31 79.34
C ASN B 1341 43.84 -63.55 78.18
N LEU B 1342 45.16 -63.62 78.04
CA LEU B 1342 45.87 -62.93 76.98
C LEU B 1342 45.55 -63.50 75.60
N ARG B 1343 45.23 -64.79 75.51
CA ARG B 1343 44.66 -65.31 74.27
C ARG B 1343 43.42 -64.53 73.87
N GLU B 1344 42.47 -64.41 74.80
CA GLU B 1344 41.28 -63.60 74.51
C GLU B 1344 41.65 -62.15 74.25
N GLN B 1345 42.69 -61.65 74.93
CA GLN B 1345 43.11 -60.25 74.78
C GLN B 1345 43.56 -59.95 73.35
N VAL B 1346 44.38 -60.81 72.77
CA VAL B 1346 44.74 -60.63 71.36
C VAL B 1346 43.52 -60.86 70.49
N GLU B 1347 42.60 -61.72 70.94
CA GLU B 1347 41.41 -61.98 70.13
C GLU B 1347 40.52 -60.76 69.98
N GLU B 1348 40.22 -60.02 71.08
CA GLU B 1348 39.27 -58.93 70.87
C GLU B 1348 39.94 -57.81 70.09
N GLU B 1349 41.25 -57.65 70.28
CA GLU B 1349 41.99 -56.65 69.51
C GLU B 1349 41.96 -56.97 68.02
N ALA B 1350 42.20 -58.23 67.66
CA ALA B 1350 42.14 -58.62 66.26
C ALA B 1350 40.74 -58.45 65.70
N GLU B 1351 39.72 -58.84 66.48
CA GLU B 1351 38.34 -58.73 65.99
C GLU B 1351 37.92 -57.26 65.86
N GLY B 1352 38.36 -56.42 66.79
CA GLY B 1352 38.08 -55.00 66.67
C GLY B 1352 38.72 -54.38 65.46
N LYS B 1353 40.00 -54.70 65.22
CA LYS B 1353 40.62 -54.29 63.97
C LYS B 1353 39.77 -54.73 62.79
N ALA B 1354 39.65 -56.04 62.60
CA ALA B 1354 39.06 -56.60 61.39
C ALA B 1354 37.56 -56.34 61.28
N ASP B 1355 36.92 -55.80 62.32
CA ASP B 1355 35.56 -55.32 62.12
C ASP B 1355 35.52 -53.83 61.87
N LEU B 1356 35.87 -53.04 62.90
CA LEU B 1356 35.54 -51.62 62.86
C LEU B 1356 36.51 -50.87 61.96
N GLN B 1357 37.78 -51.27 61.92
CA GLN B 1357 38.70 -50.55 61.06
C GLN B 1357 38.43 -50.78 59.59
N ARG B 1358 38.24 -52.04 59.17
CA ARG B 1358 37.97 -52.28 57.77
C ARG B 1358 36.61 -51.72 57.36
N GLN B 1359 35.60 -51.79 58.23
CA GLN B 1359 34.29 -51.29 57.80
C GLN B 1359 34.33 -49.80 57.48
N LEU B 1360 34.95 -48.98 58.34
CA LEU B 1360 34.94 -47.56 58.03
C LEU B 1360 36.08 -47.16 57.11
N SER B 1361 37.13 -47.99 56.99
CA SER B 1361 38.15 -47.71 55.98
C SER B 1361 37.58 -47.89 54.58
N LYS B 1362 36.83 -48.98 54.36
CA LYS B 1362 36.19 -49.11 53.07
C LYS B 1362 35.00 -48.16 52.94
N ALA B 1363 34.40 -47.75 54.06
CA ALA B 1363 33.42 -46.67 53.99
C ALA B 1363 34.03 -45.37 53.47
N ASN B 1364 35.21 -44.99 53.95
CA ASN B 1364 35.92 -43.83 53.42
C ASN B 1364 36.46 -44.05 52.01
N ALA B 1365 36.84 -45.27 51.66
CA ALA B 1365 37.21 -45.55 50.28
C ALA B 1365 36.03 -45.38 49.34
N GLU B 1366 34.84 -45.84 49.74
CA GLU B 1366 33.63 -45.59 48.96
C GLU B 1366 33.29 -44.10 48.95
N ALA B 1367 33.53 -43.42 50.07
CA ALA B 1367 33.39 -41.97 50.10
C ALA B 1367 34.32 -41.31 49.08
N GLN B 1368 35.49 -41.89 48.85
CA GLN B 1368 36.34 -41.43 47.75
C GLN B 1368 35.72 -41.73 46.40
N VAL B 1369 35.05 -42.88 46.28
CA VAL B 1369 34.28 -43.15 45.06
C VAL B 1369 33.15 -42.14 44.92
N TRP B 1370 32.51 -41.79 46.03
CA TRP B 1370 31.53 -40.71 46.02
C TRP B 1370 32.16 -39.40 45.54
N ARG B 1371 33.40 -39.12 45.98
CA ARG B 1371 34.14 -37.95 45.53
C ARG B 1371 34.32 -37.97 44.02
N SER B 1372 34.72 -39.12 43.48
CA SER B 1372 34.88 -39.25 42.04
C SER B 1372 33.57 -38.98 41.32
N LYS B 1373 32.47 -39.53 41.84
CA LYS B 1373 31.15 -39.21 41.31
C LYS B 1373 30.84 -37.72 41.46
N TYR B 1374 31.44 -37.05 42.45
CA TYR B 1374 31.34 -35.59 42.52
C TYR B 1374 31.99 -34.93 41.32
N GLU B 1375 33.29 -35.14 41.13
CA GLU B 1375 33.92 -34.42 40.02
C GLU B 1375 33.24 -34.76 38.70
N SER B 1376 32.98 -36.05 38.44
CA SER B 1376 32.45 -36.44 37.13
C SER B 1376 31.23 -35.60 36.76
N ASP B 1377 30.12 -35.81 37.46
CA ASP B 1377 28.90 -35.10 37.10
C ASP B 1377 28.94 -33.62 37.46
N GLY B 1378 29.27 -33.27 38.71
CA GLY B 1378 29.13 -31.89 39.15
C GLY B 1378 30.11 -30.97 38.45
N VAL B 1379 31.08 -31.53 37.72
CA VAL B 1379 31.84 -30.67 36.83
C VAL B 1379 31.30 -30.79 35.41
N ALA B 1380 31.37 -31.98 34.80
CA ALA B 1380 31.08 -32.09 33.37
C ALA B 1380 29.72 -31.46 33.02
N ARG B 1381 28.69 -31.75 33.81
CA ARG B 1381 27.39 -31.13 33.56
C ARG B 1381 27.46 -29.62 33.75
N SER B 1382 28.21 -29.17 34.75
CA SER B 1382 28.13 -27.79 35.22
C SER B 1382 28.99 -26.84 34.41
N GLU B 1383 29.73 -27.35 33.43
CA GLU B 1383 30.24 -26.41 32.43
C GLU B 1383 29.59 -26.59 31.06
N GLU B 1384 29.20 -27.81 30.68
CA GLU B 1384 28.41 -27.96 29.46
C GLU B 1384 27.17 -27.07 29.52
N LEU B 1385 26.35 -27.26 30.56
CA LEU B 1385 25.14 -26.48 30.70
C LEU B 1385 25.40 -25.01 31.00
N GLU B 1386 26.47 -24.69 31.71
CA GLU B 1386 26.75 -23.29 32.01
C GLU B 1386 27.20 -22.53 30.76
N GLU B 1387 28.05 -23.15 29.94
CA GLU B 1387 28.40 -22.55 28.65
C GLU B 1387 27.19 -22.46 27.75
N ALA B 1388 26.29 -23.45 27.78
CA ALA B 1388 25.05 -23.33 27.04
C ALA B 1388 24.24 -22.11 27.48
N LYS B 1389 24.05 -21.95 28.80
CA LYS B 1389 23.25 -20.82 29.28
C LYS B 1389 23.93 -19.51 28.93
N ARG B 1390 25.26 -19.43 29.02
CA ARG B 1390 25.96 -18.20 28.71
C ARG B 1390 25.88 -17.85 27.24
N LYS B 1391 26.05 -18.84 26.35
CA LYS B 1391 25.85 -18.58 24.93
C LYS B 1391 24.43 -18.14 24.65
N LEU B 1392 23.48 -18.64 25.43
CA LEU B 1392 22.09 -18.27 25.17
C LEU B 1392 21.72 -16.94 25.80
N GLN B 1393 22.41 -16.49 26.85
CA GLN B 1393 22.30 -15.08 27.23
C GLN B 1393 23.02 -14.18 26.24
N ALA B 1394 24.04 -14.69 25.55
CA ALA B 1394 24.61 -13.94 24.44
C ALA B 1394 23.60 -13.78 23.31
N ARG B 1395 22.86 -14.84 23.00
CA ARG B 1395 21.74 -14.73 22.06
C ARG B 1395 20.68 -13.77 22.61
N LEU B 1396 20.49 -13.77 23.92
CA LEU B 1396 19.60 -12.81 24.56
C LEU B 1396 20.06 -11.38 24.32
N ALA B 1397 21.36 -11.14 24.41
CA ALA B 1397 21.92 -9.82 24.12
C ALA B 1397 21.78 -9.46 22.65
N GLU B 1398 22.00 -10.41 21.73
CA GLU B 1398 21.74 -10.13 20.32
C GLU B 1398 20.29 -9.79 20.05
N ALA B 1399 19.35 -10.47 20.70
CA ALA B 1399 17.94 -10.13 20.54
C ALA B 1399 17.65 -8.74 21.12
N GLU B 1400 18.20 -8.44 22.30
CA GLU B 1400 18.04 -7.10 22.85
C GLU B 1400 18.63 -6.04 21.92
N GLU B 1401 19.66 -6.39 21.16
CA GLU B 1401 20.15 -5.47 20.13
C GLU B 1401 19.13 -5.32 19.01
N THR B 1402 18.77 -6.44 18.37
CA THR B 1402 17.96 -6.37 17.15
C THR B 1402 16.57 -5.79 17.41
N ILE B 1403 15.84 -6.36 18.37
CA ILE B 1403 14.44 -5.97 18.55
C ILE B 1403 14.36 -4.53 19.05
N GLU B 1404 15.28 -4.14 19.94
CA GLU B 1404 15.22 -2.78 20.49
C GLU B 1404 15.73 -1.75 19.50
N SER B 1405 16.67 -2.11 18.62
CA SER B 1405 17.07 -1.19 17.57
C SER B 1405 15.97 -1.03 16.55
N LEU B 1406 15.29 -2.12 16.19
CA LEU B 1406 14.18 -2.03 15.25
C LEU B 1406 12.93 -1.41 15.86
N ASN B 1407 12.83 -1.34 17.20
CA ASN B 1407 11.70 -0.67 17.82
C ASN B 1407 11.64 0.79 17.43
N GLN B 1408 12.80 1.46 17.38
CA GLN B 1408 12.84 2.85 16.94
C GLN B 1408 12.32 3.00 15.51
N LYS B 1409 12.72 2.10 14.63
CA LYS B 1409 12.18 2.09 13.27
C LYS B 1409 10.68 1.83 13.26
N CYS B 1410 10.20 0.92 14.11
CA CYS B 1410 8.76 0.65 14.21
C CYS B 1410 8.01 1.89 14.67
N ILE B 1411 8.54 2.58 15.68
CA ILE B 1411 7.93 3.82 16.12
C ILE B 1411 7.90 4.87 15.03
N GLY B 1412 9.00 5.02 14.28
CA GLY B 1412 9.02 5.98 13.19
C GLY B 1412 8.03 5.64 12.08
N LEU B 1413 7.94 4.37 11.72
CA LEU B 1413 7.07 3.95 10.63
C LEU B 1413 5.59 3.97 11.00
N GLU B 1414 5.24 3.56 12.21
CA GLU B 1414 3.84 3.41 12.55
C GLU B 1414 3.13 4.76 12.57
N LYS B 1415 3.82 5.81 13.02
CA LYS B 1415 3.23 7.14 12.98
C LYS B 1415 3.11 7.67 11.57
N THR B 1416 4.13 7.44 10.72
CA THR B 1416 4.08 8.01 9.38
C THR B 1416 3.08 7.29 8.49
N LYS B 1417 2.75 6.03 8.80
CA LYS B 1417 1.63 5.39 8.12
C LYS B 1417 0.38 6.25 8.21
N GLN B 1418 -0.06 6.53 9.44
CA GLN B 1418 -1.25 7.35 9.65
C GLN B 1418 -1.04 8.79 9.20
N ARG B 1419 0.18 9.32 9.30
CA ARG B 1419 0.44 10.68 8.82
C ARG B 1419 0.17 10.79 7.32
N LEU B 1420 0.76 9.90 6.53
CA LEU B 1420 0.53 9.93 5.09
C LEU B 1420 -0.89 9.51 4.73
N SER B 1421 -1.50 8.63 5.52
CA SER B 1421 -2.90 8.28 5.30
C SER B 1421 -3.80 9.50 5.48
N THR B 1422 -3.60 10.26 6.54
CA THR B 1422 -4.32 11.51 6.73
C THR B 1422 -4.01 12.52 5.64
N GLU B 1423 -2.76 12.58 5.17
CA GLU B 1423 -2.44 13.46 4.07
C GLU B 1423 -3.23 13.11 2.82
N VAL B 1424 -3.34 11.81 2.50
CA VAL B 1424 -4.09 11.44 1.31
C VAL B 1424 -5.60 11.63 1.51
N GLU B 1425 -6.12 11.43 2.73
CA GLU B 1425 -7.52 11.78 2.96
C GLU B 1425 -7.74 13.27 2.75
N ASP B 1426 -6.81 14.11 3.17
CA ASP B 1426 -6.87 15.53 2.84
C ASP B 1426 -6.81 15.74 1.34
N LEU B 1427 -5.97 14.96 0.65
CA LEU B 1427 -5.81 15.07 -0.79
C LEU B 1427 -7.10 14.79 -1.56
N GLN B 1428 -7.90 13.81 -1.13
CA GLN B 1428 -9.21 13.62 -1.76
C GLN B 1428 -10.08 14.86 -1.63
N LEU B 1429 -9.87 15.67 -0.59
CA LEU B 1429 -10.57 16.95 -0.54
C LEU B 1429 -10.16 17.90 -1.66
N GLU B 1430 -8.88 17.95 -2.02
CA GLU B 1430 -8.48 18.67 -3.23
C GLU B 1430 -9.08 18.07 -4.48
N VAL B 1431 -9.19 16.75 -4.57
CA VAL B 1431 -9.86 16.12 -5.70
C VAL B 1431 -11.29 16.63 -5.81
N ASP B 1432 -12.02 16.63 -4.69
CA ASP B 1432 -13.39 17.11 -4.68
C ASP B 1432 -13.50 18.58 -5.06
N ARG B 1433 -12.67 19.45 -4.47
CA ARG B 1433 -12.72 20.87 -4.78
C ARG B 1433 -12.41 21.14 -6.25
N ALA B 1434 -11.34 20.53 -6.77
CA ALA B 1434 -10.97 20.72 -8.16
C ALA B 1434 -12.05 20.19 -9.09
N ASN B 1435 -12.65 19.03 -8.76
CA ASN B 1435 -13.72 18.51 -9.58
C ASN B 1435 -14.93 19.41 -9.59
N ALA B 1436 -15.34 19.97 -8.44
CA ALA B 1436 -16.45 20.90 -8.41
C ALA B 1436 -16.16 22.12 -9.26
N ILE B 1437 -15.00 22.74 -9.03
CA ILE B 1437 -14.67 23.96 -9.75
C ILE B 1437 -14.59 23.72 -11.25
N ALA B 1438 -13.94 22.63 -11.66
CA ALA B 1438 -13.84 22.32 -13.09
C ALA B 1438 -15.20 21.99 -13.68
N ASN B 1439 -15.92 21.05 -13.08
CA ASN B 1439 -17.23 20.68 -13.60
C ASN B 1439 -18.20 21.85 -13.61
N ALA B 1440 -17.85 22.95 -12.95
CA ALA B 1440 -18.51 24.21 -13.26
C ALA B 1440 -17.88 24.89 -14.47
N ALA B 1441 -16.56 25.03 -14.46
CA ALA B 1441 -15.88 25.94 -15.39
C ALA B 1441 -15.93 25.44 -16.83
N GLU B 1442 -15.44 24.22 -17.09
CA GLU B 1442 -15.49 23.75 -18.47
C GLU B 1442 -16.86 23.22 -18.86
N LYS B 1443 -17.78 23.03 -17.91
CA LYS B 1443 -19.17 22.82 -18.33
C LYS B 1443 -19.74 24.11 -18.90
N LYS B 1444 -19.47 25.24 -18.24
CA LYS B 1444 -19.76 26.54 -18.85
C LYS B 1444 -19.15 26.63 -20.24
N GLN B 1445 -17.92 26.16 -20.42
CA GLN B 1445 -17.27 26.30 -21.71
C GLN B 1445 -17.80 25.31 -22.74
N LYS B 1446 -18.27 24.14 -22.30
CA LYS B 1446 -18.89 23.20 -23.21
C LYS B 1446 -20.30 23.63 -23.58
N ALA B 1447 -20.85 24.61 -22.88
CA ALA B 1447 -22.03 25.31 -23.38
C ALA B 1447 -21.64 26.49 -24.28
N PHE B 1448 -20.56 27.18 -23.92
CA PHE B 1448 -20.18 28.37 -24.67
C PHE B 1448 -19.51 28.03 -25.99
N ASP B 1449 -19.03 26.80 -26.18
CA ASP B 1449 -18.57 26.41 -27.51
C ASP B 1449 -19.74 26.38 -28.48
N LYS B 1450 -20.88 25.85 -28.06
CA LYS B 1450 -22.11 25.97 -28.83
C LYS B 1450 -22.56 27.41 -28.98
N ILE B 1451 -22.39 28.22 -27.93
CA ILE B 1451 -22.68 29.66 -28.05
C ILE B 1451 -21.86 30.30 -29.17
N ILE B 1452 -20.54 30.06 -29.18
CA ILE B 1452 -19.69 30.48 -30.28
C ILE B 1452 -20.17 29.86 -31.59
N GLY B 1453 -20.75 28.66 -31.53
CA GLY B 1453 -21.32 28.07 -32.73
C GLY B 1453 -22.44 28.89 -33.33
N GLU B 1454 -23.41 29.33 -32.51
CA GLU B 1454 -24.45 30.17 -33.11
C GLU B 1454 -23.89 31.53 -33.50
N TRP B 1455 -22.86 32.02 -32.79
CA TRP B 1455 -22.23 33.27 -33.19
C TRP B 1455 -21.63 33.16 -34.59
N LYS B 1456 -20.86 32.10 -34.82
CA LYS B 1456 -20.24 31.75 -36.09
C LYS B 1456 -21.26 31.52 -37.20
N LEU B 1457 -22.41 30.95 -36.91
CA LEU B 1457 -23.41 30.82 -37.96
C LEU B 1457 -24.17 32.12 -38.21
N LYS B 1458 -24.45 32.89 -37.15
CA LYS B 1458 -25.20 34.13 -37.32
C LYS B 1458 -24.41 35.15 -38.13
N VAL B 1459 -23.09 35.20 -37.97
CA VAL B 1459 -22.32 36.20 -38.70
C VAL B 1459 -22.47 36.02 -40.21
N ASP B 1460 -22.29 34.78 -40.70
CA ASP B 1460 -22.43 34.58 -42.14
C ASP B 1460 -23.90 34.58 -42.55
N ASP B 1461 -24.81 34.15 -41.68
CA ASP B 1461 -26.23 34.18 -42.04
C ASP B 1461 -26.69 35.61 -42.29
N LEU B 1462 -26.23 36.56 -41.46
CA LEU B 1462 -26.54 37.96 -41.75
C LEU B 1462 -25.73 38.50 -42.92
N ALA B 1463 -24.48 38.05 -43.08
CA ALA B 1463 -23.66 38.58 -44.17
C ALA B 1463 -24.21 38.18 -45.54
N ALA B 1464 -24.90 37.04 -45.60
CA ALA B 1464 -25.31 36.48 -46.88
C ALA B 1464 -26.27 37.37 -47.66
N GLU B 1465 -27.28 37.94 -47.01
CA GLU B 1465 -28.34 38.60 -47.76
C GLU B 1465 -27.99 40.05 -48.09
N LEU B 1466 -27.04 40.64 -47.35
CA LEU B 1466 -26.74 42.05 -47.54
C LEU B 1466 -26.33 42.36 -48.96
N ASP B 1467 -25.23 41.74 -49.42
CA ASP B 1467 -24.71 42.05 -50.75
C ASP B 1467 -25.70 41.68 -51.84
N ALA B 1468 -26.38 40.53 -51.69
CA ALA B 1468 -27.34 40.12 -52.70
C ALA B 1468 -28.49 41.11 -52.81
N SER B 1469 -29.07 41.50 -51.68
CA SER B 1469 -30.17 42.46 -51.70
C SER B 1469 -29.75 43.81 -52.25
N GLN B 1470 -28.58 44.30 -51.85
CA GLN B 1470 -28.13 45.57 -52.39
C GLN B 1470 -27.85 45.50 -53.89
N LYS B 1471 -27.26 44.41 -54.36
CA LYS B 1471 -27.00 44.27 -55.80
C LYS B 1471 -28.31 44.22 -56.58
N GLU B 1472 -29.29 43.46 -56.07
CA GLU B 1472 -30.59 43.42 -56.72
C GLU B 1472 -31.26 44.79 -56.71
N CYS B 1473 -31.07 45.55 -55.62
CA CYS B 1473 -31.58 46.92 -55.58
C CYS B 1473 -30.94 47.78 -56.65
N ARG B 1474 -29.63 47.64 -56.86
CA ARG B 1474 -28.98 48.37 -57.96
C ARG B 1474 -29.54 47.95 -59.32
N ASN B 1475 -29.76 46.65 -59.52
CA ASN B 1475 -30.35 46.18 -60.77
C ASN B 1475 -31.73 46.79 -61.00
N TYR B 1476 -32.57 46.86 -59.97
CA TYR B 1476 -33.86 47.54 -60.12
C TYR B 1476 -33.65 49.02 -60.41
N SER B 1477 -32.69 49.65 -59.72
CA SER B 1477 -32.45 51.07 -59.85
C SER B 1477 -32.03 51.47 -61.26
N THR B 1478 -31.34 50.57 -61.97
CA THR B 1478 -30.85 50.91 -63.31
C THR B 1478 -31.96 51.37 -64.25
N GLU B 1479 -33.18 50.84 -64.08
CA GLU B 1479 -34.19 50.99 -65.12
C GLU B 1479 -34.90 52.34 -65.07
N LEU B 1480 -34.92 53.01 -63.91
CA LEU B 1480 -35.78 54.17 -63.73
C LEU B 1480 -35.39 55.33 -64.63
N PHE B 1481 -34.08 55.63 -64.69
CA PHE B 1481 -33.65 56.95 -65.14
C PHE B 1481 -33.93 57.15 -66.62
N ARG B 1482 -33.88 56.09 -67.42
CA ARG B 1482 -34.14 56.23 -68.85
C ARG B 1482 -35.56 56.68 -69.15
N LEU B 1483 -36.51 56.48 -68.25
CA LEU B 1483 -37.90 56.75 -68.56
C LEU B 1483 -38.34 58.18 -68.24
N LYS B 1484 -37.66 58.87 -67.32
CA LYS B 1484 -38.05 60.24 -67.04
C LYS B 1484 -37.86 61.16 -68.23
N GLY B 1485 -36.70 61.07 -68.89
CA GLY B 1485 -36.48 61.88 -70.08
C GLY B 1485 -37.43 61.55 -71.20
N ALA B 1486 -37.72 60.25 -71.39
CA ALA B 1486 -38.69 59.84 -72.40
C ALA B 1486 -40.07 60.42 -72.08
N TYR B 1487 -40.47 60.39 -70.81
CA TYR B 1487 -41.77 60.93 -70.42
C TYR B 1487 -41.83 62.43 -70.64
N GLU B 1488 -40.75 63.14 -70.31
CA GLU B 1488 -40.71 64.59 -70.51
C GLU B 1488 -40.79 64.95 -71.99
N GLU B 1489 -40.01 64.25 -72.83
CA GLU B 1489 -40.04 64.53 -74.26
C GLU B 1489 -41.40 64.16 -74.85
N GLY B 1490 -41.99 63.07 -74.36
CA GLY B 1490 -43.35 62.75 -74.77
C GLY B 1490 -44.32 63.87 -74.45
N GLN B 1491 -44.22 64.41 -73.24
CA GLN B 1491 -45.07 65.56 -72.90
C GLN B 1491 -44.83 66.73 -73.85
N GLU B 1492 -43.57 67.06 -74.15
CA GLU B 1492 -43.34 68.24 -74.97
C GLU B 1492 -43.87 68.04 -76.39
N GLN B 1493 -43.64 66.87 -77.00
CA GLN B 1493 -44.21 66.69 -78.33
C GLN B 1493 -45.73 66.67 -78.30
N LEU B 1494 -46.33 66.01 -77.30
CA LEU B 1494 -47.79 65.93 -77.30
C LEU B 1494 -48.41 67.30 -77.10
N GLU B 1495 -47.86 68.12 -76.21
CA GLU B 1495 -48.41 69.46 -76.01
C GLU B 1495 -48.19 70.32 -77.24
N ALA B 1496 -47.01 70.21 -77.87
CA ALA B 1496 -46.76 71.00 -79.07
C ALA B 1496 -47.73 70.62 -80.19
N VAL B 1497 -47.92 69.33 -80.41
CA VAL B 1497 -48.80 68.90 -81.50
C VAL B 1497 -50.25 69.20 -81.17
N ARG B 1498 -50.64 69.16 -79.90
CA ARG B 1498 -52.03 69.45 -79.58
C ARG B 1498 -52.33 70.94 -79.65
N ARG B 1499 -51.35 71.81 -79.39
CA ARG B 1499 -51.60 73.23 -79.63
C ARG B 1499 -51.53 73.57 -81.11
N GLU B 1500 -50.66 72.90 -81.87
CA GLU B 1500 -50.68 73.14 -83.31
C GLU B 1500 -51.90 72.51 -83.97
N ASN B 1501 -52.54 71.54 -83.33
CA ASN B 1501 -53.81 71.04 -83.81
C ASN B 1501 -54.87 72.14 -83.80
N LYS B 1502 -54.94 72.90 -82.70
CA LYS B 1502 -55.94 73.94 -82.59
C LYS B 1502 -55.53 75.22 -83.30
N ASN B 1503 -54.22 75.49 -83.46
CA ASN B 1503 -53.85 76.72 -84.13
C ASN B 1503 -53.96 76.61 -85.64
N LEU B 1504 -54.44 75.47 -86.15
CA LEU B 1504 -54.86 75.33 -87.53
C LEU B 1504 -56.32 74.89 -87.65
N ALA B 1505 -56.78 74.03 -86.74
CA ALA B 1505 -58.16 73.57 -86.76
C ALA B 1505 -59.13 74.70 -86.46
N ASP B 1506 -58.78 75.59 -85.52
CA ASP B 1506 -59.66 76.72 -85.23
C ASP B 1506 -59.84 77.59 -86.47
N GLU B 1507 -58.77 77.80 -87.22
CA GLU B 1507 -58.89 78.50 -88.50
C GLU B 1507 -59.72 77.73 -89.51
N VAL B 1508 -59.85 76.41 -89.34
CA VAL B 1508 -60.72 75.64 -90.23
C VAL B 1508 -62.17 76.06 -90.04
N LYS B 1509 -62.60 76.30 -88.80
CA LYS B 1509 -63.99 76.70 -88.59
C LYS B 1509 -64.29 78.05 -89.23
N ASP B 1510 -63.40 79.04 -89.10
CA ASP B 1510 -63.68 80.31 -89.75
C ASP B 1510 -63.42 80.25 -91.25
N LEU B 1511 -62.64 79.26 -91.71
CA LEU B 1511 -62.59 79.01 -93.15
C LEU B 1511 -63.93 78.54 -93.66
N LEU B 1512 -64.57 77.60 -92.97
CA LEU B 1512 -65.94 77.22 -93.31
C LEU B 1512 -66.90 78.39 -93.17
N ASP B 1513 -66.68 79.26 -92.18
CA ASP B 1513 -67.50 80.45 -92.01
C ASP B 1513 -67.41 81.39 -93.20
N GLN B 1514 -66.20 81.64 -93.71
CA GLN B 1514 -66.06 82.49 -94.88
C GLN B 1514 -66.55 81.78 -96.14
N ILE B 1515 -66.46 80.45 -96.19
CA ILE B 1515 -67.13 79.71 -97.25
C ILE B 1515 -68.62 79.99 -97.24
N GLY B 1516 -69.24 79.90 -96.06
CA GLY B 1516 -70.67 80.17 -95.97
C GLY B 1516 -71.01 81.61 -96.30
N GLU B 1517 -70.16 82.55 -95.87
CA GLU B 1517 -70.38 83.96 -96.18
C GLU B 1517 -70.31 84.20 -97.67
N GLY B 1518 -69.33 83.58 -98.36
CA GLY B 1518 -69.28 83.67 -99.80
C GLY B 1518 -70.48 83.04 -100.46
N GLY B 1519 -70.91 81.88 -99.98
CA GLY B 1519 -72.08 81.24 -100.55
C GLY B 1519 -73.33 82.08 -100.40
N ARG B 1520 -73.49 82.76 -99.26
CA ARG B 1520 -74.71 83.55 -99.05
C ARG B 1520 -74.63 84.88 -99.80
N ASN B 1521 -73.43 85.44 -99.99
CA ASN B 1521 -73.34 86.65 -100.80
C ASN B 1521 -73.55 86.32 -102.27
N ILE B 1522 -73.19 85.10 -102.68
CA ILE B 1522 -73.65 84.61 -103.97
C ILE B 1522 -75.17 84.62 -104.04
N HIS B 1523 -75.86 84.22 -102.97
CA HIS B 1523 -77.31 84.28 -102.97
C HIS B 1523 -77.85 85.70 -103.10
N GLU B 1524 -77.28 86.68 -102.40
CA GLU B 1524 -77.81 88.03 -102.51
C GLU B 1524 -77.50 88.64 -103.88
N ILE B 1525 -76.37 88.27 -104.50
CA ILE B 1525 -76.15 88.74 -105.86
C ILE B 1525 -77.09 88.04 -106.84
N GLU B 1526 -77.49 86.79 -106.59
CA GLU B 1526 -78.58 86.22 -107.37
C GLU B 1526 -79.87 87.00 -107.19
N LYS B 1527 -80.18 87.41 -105.95
CA LYS B 1527 -81.35 88.24 -105.73
C LYS B 1527 -81.25 89.55 -106.51
N ALA B 1528 -80.06 90.14 -106.57
CA ALA B 1528 -79.85 91.32 -107.40
C ALA B 1528 -80.11 91.00 -108.86
N ARG B 1529 -79.70 89.81 -109.32
CA ARG B 1529 -80.02 89.39 -110.67
C ARG B 1529 -81.52 89.35 -110.89
N LYS B 1530 -82.27 88.78 -109.94
CA LYS B 1530 -83.72 88.70 -110.06
C LYS B 1530 -84.33 90.06 -110.37
N ARG B 1531 -83.76 91.13 -109.80
CA ARG B 1531 -84.12 92.46 -110.26
C ARG B 1531 -83.73 92.66 -111.73
N LEU B 1532 -82.48 92.32 -112.07
CA LEU B 1532 -81.92 92.72 -113.35
C LEU B 1532 -82.75 92.23 -114.53
N GLU B 1533 -83.11 90.94 -114.55
CA GLU B 1533 -83.96 90.48 -115.64
C GLU B 1533 -85.33 91.14 -115.58
N ALA B 1534 -85.83 91.42 -114.38
CA ALA B 1534 -87.12 92.08 -114.27
C ALA B 1534 -87.09 93.47 -114.91
N GLU B 1535 -86.12 94.31 -114.53
CA GLU B 1535 -86.06 95.63 -115.14
C GLU B 1535 -85.76 95.56 -116.63
N LYS B 1536 -84.88 94.65 -117.07
CA LYS B 1536 -84.57 94.60 -118.50
C LYS B 1536 -85.79 94.18 -119.31
N ASP B 1537 -86.56 93.21 -118.79
CA ASP B 1537 -87.77 92.81 -119.49
C ASP B 1537 -88.80 93.93 -119.51
N GLU B 1538 -88.98 94.63 -118.39
CA GLU B 1538 -89.92 95.75 -118.37
C GLU B 1538 -89.52 96.83 -119.36
N LEU B 1539 -88.25 97.26 -119.33
CA LEU B 1539 -87.83 98.32 -120.22
C LEU B 1539 -87.89 97.89 -121.67
N GLN B 1540 -87.59 96.63 -121.97
CA GLN B 1540 -87.70 96.17 -123.35
C GLN B 1540 -89.13 96.16 -123.84
N ALA B 1541 -90.03 95.51 -123.08
CA ALA B 1541 -91.44 95.45 -123.45
C ALA B 1541 -92.05 96.84 -123.58
N ALA B 1542 -91.57 97.81 -122.81
CA ALA B 1542 -91.99 99.18 -123.04
C ALA B 1542 -91.35 99.74 -124.31
N LEU B 1543 -90.02 99.83 -124.32
CA LEU B 1543 -89.32 100.60 -125.34
C LEU B 1543 -89.57 100.05 -126.72
N GLU B 1544 -89.06 98.86 -127.05
CA GLU B 1544 -89.02 98.54 -128.48
C GLU B 1544 -90.43 98.53 -129.07
N GLU B 1545 -91.34 97.78 -128.46
CA GLU B 1545 -92.73 97.73 -128.90
C GLU B 1545 -93.37 99.12 -128.95
N ALA B 1546 -93.51 99.79 -127.80
CA ALA B 1546 -94.29 101.02 -127.76
C ALA B 1546 -93.68 102.10 -128.65
N GLU B 1547 -92.39 102.39 -128.51
CA GLU B 1547 -91.84 103.51 -129.27
C GLU B 1547 -91.76 103.19 -130.76
N ALA B 1548 -91.38 101.97 -131.15
CA ALA B 1548 -91.35 101.64 -132.56
C ALA B 1548 -92.75 101.74 -133.17
N ALA B 1549 -93.75 101.15 -132.50
CA ALA B 1549 -95.10 101.23 -133.03
C ALA B 1549 -95.58 102.67 -133.12
N LEU B 1550 -95.50 103.43 -132.03
CA LEU B 1550 -95.95 104.82 -132.06
C LEU B 1550 -95.22 105.63 -133.12
N GLU B 1551 -93.94 105.34 -133.35
CA GLU B 1551 -93.23 105.99 -134.44
C GLU B 1551 -93.86 105.64 -135.77
N GLN B 1552 -94.31 104.39 -135.93
CA GLN B 1552 -94.96 104.00 -137.17
C GLN B 1552 -96.33 104.67 -137.36
N GLU B 1553 -97.18 104.69 -136.33
CA GLU B 1553 -98.43 105.44 -136.50
C GLU B 1553 -98.17 106.93 -136.72
N GLU B 1554 -97.16 107.52 -136.10
CA GLU B 1554 -96.93 108.93 -136.42
C GLU B 1554 -96.35 109.13 -137.83
N ASN B 1555 -95.62 108.15 -138.36
CA ASN B 1555 -95.26 108.20 -139.78
C ASN B 1555 -96.50 108.18 -140.65
N LYS B 1556 -97.46 107.30 -140.34
CA LYS B 1556 -98.70 107.23 -141.12
C LYS B 1556 -99.46 108.54 -141.02
N VAL B 1557 -99.48 109.12 -139.81
CA VAL B 1557 -100.13 110.41 -139.60
C VAL B 1557 -99.44 111.51 -140.40
N LEU B 1558 -98.11 111.42 -140.55
CA LEU B 1558 -97.41 112.40 -141.38
C LEU B 1558 -97.93 112.38 -142.81
N ARG B 1559 -98.12 111.18 -143.37
CA ARG B 1559 -98.70 111.08 -144.70
C ARG B 1559 -100.12 111.61 -144.73
N ALA B 1560 -100.91 111.27 -143.70
CA ALA B 1560 -102.32 111.69 -143.68
C ALA B 1560 -102.43 113.21 -143.62
N GLN B 1561 -101.59 113.87 -142.82
CA GLN B 1561 -101.71 115.31 -142.62
C GLN B 1561 -101.00 116.11 -143.70
N LEU B 1562 -99.76 115.74 -144.03
CA LEU B 1562 -99.01 116.49 -145.04
C LEU B 1562 -99.72 116.49 -146.39
N GLU B 1563 -100.49 115.46 -146.70
CA GLU B 1563 -101.24 115.44 -147.95
C GLU B 1563 -102.34 116.50 -147.95
N LEU B 1564 -102.88 116.81 -146.77
CA LEU B 1564 -103.93 117.82 -146.68
C LEU B 1564 -103.43 119.19 -147.10
N SER B 1565 -102.12 119.43 -147.01
CA SER B 1565 -101.55 120.64 -147.59
C SER B 1565 -101.81 120.68 -149.09
N GLN B 1566 -101.58 119.56 -149.78
CA GLN B 1566 -101.95 119.50 -151.18
C GLN B 1566 -103.46 119.63 -151.36
N VAL B 1567 -104.25 119.16 -150.39
CA VAL B 1567 -105.70 119.28 -150.49
C VAL B 1567 -106.12 120.75 -150.53
N ARG B 1568 -105.56 121.56 -149.63
CA ARG B 1568 -105.78 123.00 -149.74
C ARG B 1568 -105.15 123.58 -150.99
N GLN B 1569 -104.10 122.93 -151.51
CA GLN B 1569 -103.54 123.36 -152.78
C GLN B 1569 -104.53 123.23 -153.93
N GLU B 1570 -105.29 122.13 -154.01
CA GLU B 1570 -106.30 122.12 -155.06
C GLU B 1570 -107.37 123.19 -154.84
N ILE B 1571 -107.69 123.54 -153.60
CA ILE B 1571 -108.66 124.61 -153.39
C ILE B 1571 -108.13 125.95 -153.92
N ASP B 1572 -106.89 126.31 -153.55
CA ASP B 1572 -106.35 127.55 -154.08
C ASP B 1572 -106.18 127.48 -155.58
N ARG B 1573 -105.95 126.29 -156.13
CA ARG B 1573 -105.98 126.12 -157.59
C ARG B 1573 -107.36 126.42 -158.14
N ARG B 1574 -108.42 125.97 -157.46
CA ARG B 1574 -109.77 126.22 -157.93
C ARG B 1574 -110.06 127.71 -158.00
N ILE B 1575 -109.68 128.46 -156.96
CA ILE B 1575 -109.75 129.91 -157.05
C ILE B 1575 -108.82 130.45 -158.15
N GLN B 1576 -107.72 129.77 -158.44
CA GLN B 1576 -106.90 130.16 -159.58
C GLN B 1576 -107.65 130.04 -160.91
N GLU B 1577 -108.37 128.95 -161.15
CA GLU B 1577 -109.17 128.91 -162.37
C GLU B 1577 -110.33 129.89 -162.30
N LYS B 1578 -110.82 130.17 -161.09
CA LYS B 1578 -111.86 131.19 -160.95
C LYS B 1578 -111.38 132.55 -161.44
N GLU B 1579 -110.16 132.93 -161.09
CA GLU B 1579 -109.62 134.20 -161.58
C GLU B 1579 -109.16 134.10 -163.04
N GLU B 1580 -108.73 132.92 -163.48
CA GLU B 1580 -108.38 132.72 -164.89
C GLU B 1580 -109.60 132.80 -165.79
N GLU B 1581 -110.79 132.51 -165.28
CA GLU B 1581 -112.01 132.68 -166.06
C GLU B 1581 -112.21 134.13 -166.46
N PHE B 1582 -111.66 135.07 -165.68
CA PHE B 1582 -111.82 136.49 -165.98
C PHE B 1582 -111.10 136.87 -167.28
N GLU B 1583 -110.12 136.07 -167.70
CA GLU B 1583 -109.51 136.25 -169.01
C GLU B 1583 -110.51 136.10 -170.15
N ASN B 1584 -111.28 135.01 -170.14
CA ASN B 1584 -112.32 134.84 -171.13
C ASN B 1584 -113.32 136.01 -171.04
N THR B 1585 -113.57 136.48 -169.82
CA THR B 1585 -114.55 137.55 -169.62
C THR B 1585 -114.10 138.86 -170.26
N ARG B 1586 -112.87 139.30 -169.99
CA ARG B 1586 -112.49 140.60 -170.54
C ARG B 1586 -112.19 140.46 -172.02
N LYS B 1587 -111.88 139.25 -172.48
CA LYS B 1587 -111.87 139.01 -173.92
C LYS B 1587 -113.27 139.18 -174.53
N ASN B 1588 -114.31 138.69 -173.84
CA ASN B 1588 -115.67 138.91 -174.32
C ASN B 1588 -115.98 140.39 -174.44
N HIS B 1589 -115.75 141.16 -173.37
CA HIS B 1589 -116.13 142.56 -173.48
C HIS B 1589 -115.17 143.33 -174.37
N GLN B 1590 -113.96 142.80 -174.61
CA GLN B 1590 -113.08 143.42 -175.59
C GLN B 1590 -113.62 143.26 -177.00
N ARG B 1591 -114.10 142.05 -177.35
CA ARG B 1591 -114.71 141.91 -178.66
C ARG B 1591 -116.01 142.69 -178.75
N ALA B 1592 -116.68 142.89 -177.61
CA ALA B 1592 -117.84 143.78 -177.59
C ALA B 1592 -117.45 145.22 -177.90
N LEU B 1593 -116.36 145.70 -177.31
CA LEU B 1593 -115.86 147.03 -177.62
C LEU B 1593 -115.45 147.14 -179.08
N ASP B 1594 -114.86 146.07 -179.63
CA ASP B 1594 -114.55 146.02 -181.04
C ASP B 1594 -115.79 146.09 -181.91
N SER B 1595 -116.87 145.42 -181.53
CA SER B 1595 -118.13 145.51 -182.27
C SER B 1595 -118.69 146.94 -182.20
N MET B 1596 -118.59 147.58 -181.04
CA MET B 1596 -119.01 148.97 -180.92
C MET B 1596 -118.19 149.88 -181.84
N GLN B 1597 -116.88 149.67 -181.88
CA GLN B 1597 -116.04 150.46 -182.78
C GLN B 1597 -116.39 150.19 -184.24
N ALA B 1598 -116.69 148.95 -184.58
CA ALA B 1598 -117.12 148.63 -185.94
C ALA B 1598 -118.42 149.32 -186.28
N SER B 1599 -119.37 149.38 -185.34
CA SER B 1599 -120.60 150.14 -185.55
C SER B 1599 -120.29 151.62 -185.78
N LEU B 1600 -119.33 152.15 -185.01
CA LEU B 1600 -118.88 153.52 -185.24
C LEU B 1600 -118.30 153.70 -186.64
N GLU B 1601 -117.64 152.67 -187.17
CA GLU B 1601 -116.94 152.80 -188.45
C GLU B 1601 -117.87 153.18 -189.59
N ALA B 1602 -119.02 152.52 -189.71
CA ALA B 1602 -119.90 152.75 -190.85
C ALA B 1602 -120.43 154.19 -190.86
N GLU B 1603 -120.71 154.73 -189.67
CA GLU B 1603 -121.17 156.10 -189.60
C GLU B 1603 -120.12 157.09 -190.08
N ALA B 1604 -118.84 156.76 -189.91
CA ALA B 1604 -117.80 157.65 -190.43
C ALA B 1604 -117.92 157.78 -191.95
N LYS B 1605 -118.09 156.67 -192.65
CA LYS B 1605 -118.31 156.71 -194.08
C LYS B 1605 -119.61 157.43 -194.43
N GLY B 1606 -120.66 157.19 -193.63
CA GLY B 1606 -121.93 157.87 -193.87
C GLY B 1606 -121.80 159.38 -193.78
N LYS B 1607 -121.09 159.87 -192.77
CA LYS B 1607 -120.90 161.32 -192.62
C LYS B 1607 -119.95 161.86 -193.67
N ALA B 1608 -118.95 161.09 -194.10
CA ALA B 1608 -118.10 161.52 -195.19
C ALA B 1608 -118.91 161.69 -196.47
N GLU B 1609 -119.86 160.77 -196.70
CA GLU B 1609 -120.77 160.90 -197.83
C GLU B 1609 -121.60 162.17 -197.74
N ALA B 1610 -122.12 162.50 -196.56
CA ALA B 1610 -122.89 163.74 -196.41
C ALA B 1610 -122.00 164.97 -196.64
N LEU B 1611 -120.76 164.92 -196.15
CA LEU B 1611 -119.83 166.02 -196.40
C LEU B 1611 -119.60 166.21 -197.89
N ARG B 1612 -119.34 165.13 -198.62
CA ARG B 1612 -119.14 165.26 -200.05
C ARG B 1612 -120.39 165.79 -200.74
N MET B 1613 -121.55 165.26 -200.36
CA MET B 1613 -122.82 165.63 -200.95
C MET B 1613 -123.18 167.09 -200.74
N LYS B 1614 -122.99 167.64 -199.53
CA LYS B 1614 -123.39 169.01 -199.28
C LYS B 1614 -122.56 170.00 -200.09
N LYS B 1615 -121.23 169.82 -200.13
CA LYS B 1615 -120.43 170.71 -200.97
C LYS B 1615 -120.63 170.48 -202.46
N LYS B 1616 -121.00 169.27 -202.90
CA LYS B 1616 -121.35 169.10 -204.31
C LYS B 1616 -122.65 169.82 -204.63
N LEU B 1617 -123.63 169.75 -203.73
CA LEU B 1617 -124.90 170.40 -204.02
C LEU B 1617 -124.81 171.91 -203.84
N GLU B 1618 -123.79 172.42 -203.14
CA GLU B 1618 -123.53 173.85 -203.21
C GLU B 1618 -123.15 174.28 -204.62
N ALA B 1619 -122.31 173.51 -205.30
CA ALA B 1619 -122.02 173.80 -206.71
C ALA B 1619 -123.28 173.64 -207.56
N ASP B 1620 -124.10 172.62 -207.25
CA ASP B 1620 -125.34 172.45 -207.99
C ASP B 1620 -126.26 173.67 -207.84
N ILE B 1621 -126.45 174.14 -206.61
CA ILE B 1621 -127.31 175.29 -206.37
C ILE B 1621 -126.72 176.55 -206.99
N ASN B 1622 -125.39 176.70 -206.99
CA ASN B 1622 -124.80 177.86 -207.64
C ASN B 1622 -125.04 177.85 -209.16
N GLU B 1623 -124.86 176.69 -209.82
CA GLU B 1623 -125.06 176.66 -211.26
C GLU B 1623 -126.53 176.83 -211.62
N LEU B 1624 -127.46 176.22 -210.88
CA LEU B 1624 -128.85 176.46 -211.18
C LEU B 1624 -129.26 177.88 -210.83
N GLU B 1625 -128.61 178.49 -209.83
CA GLU B 1625 -128.89 179.88 -209.49
C GLU B 1625 -128.46 180.81 -210.61
N ILE B 1626 -127.29 180.59 -211.20
CA ILE B 1626 -126.90 181.43 -212.33
C ILE B 1626 -127.77 181.13 -213.55
N ALA B 1627 -128.22 179.89 -213.73
CA ALA B 1627 -129.14 179.60 -214.82
C ALA B 1627 -130.45 180.36 -214.66
N LEU B 1628 -131.00 180.37 -213.44
CA LEU B 1628 -132.25 181.10 -213.21
C LEU B 1628 -132.02 182.61 -213.31
N ASP B 1629 -130.83 183.09 -212.94
CA ASP B 1629 -130.51 184.49 -213.15
C ASP B 1629 -130.52 184.84 -214.63
N HIS B 1630 -129.94 183.97 -215.46
CA HIS B 1630 -129.97 184.19 -216.90
C HIS B 1630 -131.40 184.17 -217.45
N ALA B 1631 -132.21 183.23 -216.96
CA ALA B 1631 -133.62 183.20 -217.38
C ALA B 1631 -134.35 184.47 -216.96
N ASN B 1632 -134.04 184.97 -215.76
CA ASN B 1632 -134.63 186.22 -215.29
C ASN B 1632 -134.22 187.38 -216.19
N LYS B 1633 -132.95 187.45 -216.57
CA LYS B 1633 -132.51 188.50 -217.50
C LYS B 1633 -133.23 188.42 -218.83
N ALA B 1634 -133.36 187.21 -219.39
CA ALA B 1634 -134.03 187.06 -220.67
C ALA B 1634 -135.49 187.47 -220.59
N ASN B 1635 -136.21 186.99 -219.57
CA ASN B 1635 -137.62 187.34 -219.45
C ASN B 1635 -137.79 188.82 -219.14
N ALA B 1636 -136.86 189.40 -218.37
CA ALA B 1636 -136.90 190.83 -218.09
C ALA B 1636 -136.74 191.65 -219.36
N GLU B 1637 -135.80 191.25 -220.21
CA GLU B 1637 -135.71 191.86 -221.53
C GLU B 1637 -137.00 191.67 -222.31
N ALA B 1638 -137.69 190.55 -222.09
CA ALA B 1638 -138.95 190.31 -222.80
C ALA B 1638 -140.02 191.31 -222.40
N GLN B 1639 -140.26 191.50 -221.10
CA GLN B 1639 -141.36 192.41 -220.77
C GLN B 1639 -141.01 193.87 -221.01
N LYS B 1640 -139.73 194.26 -220.85
CA LYS B 1640 -139.37 195.62 -221.20
C LYS B 1640 -139.61 195.89 -222.67
N ASN B 1641 -139.25 194.91 -223.52
CA ASN B 1641 -139.55 195.01 -224.94
C ASN B 1641 -141.05 195.13 -225.17
N ILE B 1642 -141.86 194.31 -224.50
CA ILE B 1642 -143.29 194.35 -224.78
C ILE B 1642 -143.90 195.66 -224.28
N LYS B 1643 -143.31 196.26 -223.23
CA LYS B 1643 -143.76 197.59 -222.83
C LYS B 1643 -143.44 198.65 -223.88
N ARG B 1644 -142.19 198.72 -224.34
CA ARG B 1644 -141.87 199.65 -225.42
C ARG B 1644 -142.71 199.34 -226.66
N TYR B 1645 -143.21 198.11 -226.72
CA TYR B 1645 -143.72 197.57 -227.96
C TYR B 1645 -145.21 197.86 -228.09
N GLN B 1646 -145.95 197.68 -227.00
CA GLN B 1646 -147.27 198.28 -226.86
C GLN B 1646 -147.21 199.80 -226.85
N GLN B 1647 -146.10 200.39 -226.42
CA GLN B 1647 -145.91 201.83 -226.63
C GLN B 1647 -145.91 202.17 -228.11
N GLN B 1648 -145.23 201.35 -228.92
CA GLN B 1648 -145.29 201.53 -230.37
C GLN B 1648 -146.71 201.37 -230.89
N LEU B 1649 -147.46 200.40 -230.38
CA LEU B 1649 -148.88 200.32 -230.73
C LEU B 1649 -149.62 201.62 -230.42
N LYS B 1650 -149.45 202.16 -229.21
CA LYS B 1650 -150.15 203.37 -228.83
C LYS B 1650 -149.76 204.54 -229.71
N ASP B 1651 -148.47 204.65 -230.04
CA ASP B 1651 -148.01 205.71 -230.93
C ASP B 1651 -148.59 205.56 -232.34
N ILE B 1652 -148.63 204.34 -232.88
CA ILE B 1652 -149.06 204.16 -234.26
C ILE B 1652 -150.57 204.37 -234.38
N GLN B 1653 -151.33 203.99 -233.35
CA GLN B 1653 -152.79 204.13 -233.46
C GLN B 1653 -153.19 205.60 -233.53
N THR B 1654 -152.44 206.49 -232.88
CA THR B 1654 -152.77 207.91 -232.91
C THR B 1654 -152.63 208.49 -234.32
N ALA B 1655 -151.55 208.15 -235.02
CA ALA B 1655 -151.40 208.60 -236.40
C ALA B 1655 -152.50 208.04 -237.29
N LEU B 1656 -152.84 206.77 -237.10
CA LEU B 1656 -153.91 206.15 -237.89
C LEU B 1656 -155.23 206.88 -237.70
N GLU B 1657 -155.59 207.17 -236.44
CA GLU B 1657 -156.87 207.83 -236.18
C GLU B 1657 -156.86 209.27 -236.64
N GLU B 1658 -155.71 209.96 -236.55
CA GLU B 1658 -155.62 211.32 -237.06
C GLU B 1658 -155.78 211.33 -238.58
N GLU B 1659 -155.13 210.39 -239.27
CA GLU B 1659 -155.24 210.35 -240.72
C GLU B 1659 -156.61 209.90 -241.19
N GLN B 1660 -157.31 209.07 -240.40
CA GLN B 1660 -158.67 208.71 -240.77
C GLN B 1660 -159.57 209.95 -240.83
N ARG B 1661 -159.40 210.87 -239.89
CA ARG B 1661 -160.04 212.18 -240.01
C ARG B 1661 -159.50 212.94 -241.21
N ALA B 1662 -158.19 212.87 -241.45
CA ALA B 1662 -157.57 213.64 -242.52
C ALA B 1662 -157.94 213.15 -243.91
N ARG B 1663 -158.62 212.01 -244.02
CA ARG B 1663 -159.04 211.56 -245.34
C ARG B 1663 -160.35 212.22 -245.77
N ASP B 1664 -161.38 212.16 -244.92
CA ASP B 1664 -162.72 212.55 -245.34
C ASP B 1664 -162.79 214.03 -245.70
N ASP B 1665 -161.97 214.85 -245.05
CA ASP B 1665 -161.99 216.28 -245.35
C ASP B 1665 -161.59 216.55 -246.80
N ALA B 1666 -160.57 215.86 -247.30
CA ALA B 1666 -160.17 216.03 -248.70
C ALA B 1666 -161.27 215.55 -249.65
N ARG B 1667 -161.90 214.42 -249.33
CA ARG B 1667 -162.96 213.91 -250.20
C ARG B 1667 -164.13 214.89 -250.28
N GLU B 1668 -164.51 215.50 -249.15
CA GLU B 1668 -165.60 216.46 -249.19
C GLU B 1668 -165.17 217.78 -249.80
N GLN B 1669 -163.88 218.14 -249.65
CA GLN B 1669 -163.39 219.37 -250.25
C GLN B 1669 -163.36 219.27 -251.77
N LEU B 1670 -163.10 218.07 -252.29
CA LEU B 1670 -163.19 217.87 -253.74
C LEU B 1670 -164.59 218.17 -254.25
N GLY B 1671 -165.62 217.66 -253.55
CA GLY B 1671 -166.98 217.96 -253.91
C GLY B 1671 -167.35 219.43 -253.76
N ILE B 1672 -166.84 220.09 -252.71
CA ILE B 1672 -167.06 221.52 -252.57
C ILE B 1672 -166.46 222.28 -253.75
N SER B 1673 -165.24 221.90 -254.16
CA SER B 1673 -164.59 222.57 -255.28
C SER B 1673 -165.32 222.31 -256.59
N GLU B 1674 -165.87 221.10 -256.76
CA GLU B 1674 -166.48 220.74 -258.03
C GLU B 1674 -167.76 221.52 -258.31
N ARG B 1675 -168.41 222.06 -257.29
CA ARG B 1675 -169.67 222.79 -257.53
C ARG B 1675 -169.43 224.03 -258.37
N ARG B 1676 -168.48 224.88 -257.96
CA ARG B 1676 -168.15 226.04 -258.78
C ARG B 1676 -167.59 225.60 -260.13
N ALA B 1677 -166.78 224.54 -260.14
CA ALA B 1677 -166.19 224.07 -261.38
C ALA B 1677 -167.26 223.73 -262.42
N ASN B 1678 -168.26 222.93 -262.06
CA ASN B 1678 -169.28 222.54 -263.03
C ASN B 1678 -170.35 223.60 -263.22
N ALA B 1679 -170.44 224.59 -262.32
CA ALA B 1679 -171.30 225.73 -262.60
C ALA B 1679 -170.65 226.68 -263.61
N LEU B 1680 -169.31 226.71 -263.64
CA LEU B 1680 -168.63 227.68 -264.47
C LEU B 1680 -168.69 227.38 -265.96
N GLN B 1681 -168.81 226.12 -266.38
CA GLN B 1681 -169.05 225.88 -267.79
C GLN B 1681 -170.40 226.46 -268.22
N ASN B 1682 -171.44 226.27 -267.40
CA ASN B 1682 -172.72 226.88 -267.69
C ASN B 1682 -172.61 228.40 -267.71
N GLU B 1683 -171.80 228.95 -266.82
CA GLU B 1683 -171.51 230.39 -266.87
C GLU B 1683 -170.88 230.78 -268.21
N LEU B 1684 -169.96 229.95 -268.72
CA LEU B 1684 -169.37 230.21 -270.03
C LEU B 1684 -170.41 230.20 -271.14
N GLU B 1685 -171.30 229.20 -271.16
CA GLU B 1685 -172.31 229.19 -272.22
C GLU B 1685 -173.29 230.36 -272.09
N GLU B 1686 -173.66 230.76 -270.88
CA GLU B 1686 -174.55 231.92 -270.76
C GLU B 1686 -173.85 233.21 -271.16
N SER B 1687 -172.55 233.33 -270.89
CA SER B 1687 -171.82 234.48 -271.43
C SER B 1687 -171.79 234.44 -272.95
N ARG B 1688 -171.58 233.25 -273.53
CA ARG B 1688 -171.56 233.12 -274.97
C ARG B 1688 -172.88 233.55 -275.59
N THR B 1689 -174.00 233.10 -275.01
CA THR B 1689 -175.29 233.50 -275.56
C THR B 1689 -175.61 234.96 -275.28
N LEU B 1690 -175.08 235.54 -274.20
CA LEU B 1690 -175.22 236.97 -274.01
C LEU B 1690 -174.52 237.76 -275.11
N LEU B 1691 -173.30 237.35 -275.46
CA LEU B 1691 -172.62 237.98 -276.58
C LEU B 1691 -173.39 237.78 -277.88
N GLU B 1692 -173.93 236.57 -278.08
CA GLU B 1692 -174.71 236.29 -279.29
C GLU B 1692 -175.94 237.18 -279.40
N GLN B 1693 -176.70 237.34 -278.32
CA GLN B 1693 -177.87 238.21 -278.36
C GLN B 1693 -177.51 239.68 -278.43
N ALA B 1694 -176.36 240.09 -277.88
CA ALA B 1694 -175.89 241.45 -278.06
C ALA B 1694 -175.56 241.72 -279.53
N ASP B 1695 -174.95 240.74 -280.19
CA ASP B 1695 -174.57 240.89 -281.59
C ASP B 1695 -175.78 240.95 -282.52
N ARG B 1696 -176.87 240.25 -282.17
CA ARG B 1696 -178.07 240.32 -282.98
C ARG B 1696 -178.64 241.73 -283.02
N GLY B 1697 -178.70 242.40 -281.87
CA GLY B 1697 -179.12 243.79 -281.86
C GLY B 1697 -178.18 244.69 -282.62
N ARG B 1698 -176.88 244.40 -282.59
CA ARG B 1698 -175.92 245.18 -283.36
C ARG B 1698 -176.17 245.05 -284.86
N ARG B 1699 -176.39 243.82 -285.32
CA ARG B 1699 -176.71 243.60 -286.73
C ARG B 1699 -178.01 244.30 -287.11
N GLN B 1700 -179.02 244.21 -286.24
CA GLN B 1700 -180.29 244.87 -286.53
C GLN B 1700 -180.12 246.38 -286.61
N ALA B 1701 -179.34 246.97 -285.71
CA ALA B 1701 -179.09 248.40 -285.76
C ALA B 1701 -178.36 248.79 -287.03
N GLU B 1702 -177.35 248.00 -287.42
CA GLU B 1702 -176.63 248.32 -288.66
C GLU B 1702 -177.54 248.24 -289.88
N GLN B 1703 -178.39 247.21 -289.96
CA GLN B 1703 -179.26 247.11 -291.13
C GLN B 1703 -180.36 248.17 -291.10
N GLU B 1704 -180.78 248.62 -289.92
CA GLU B 1704 -181.80 249.65 -289.84
C GLU B 1704 -181.22 251.02 -290.22
N LEU B 1705 -179.97 251.30 -289.82
CA LEU B 1705 -179.36 252.57 -290.20
C LEU B 1705 -179.18 252.68 -291.70
N ALA B 1706 -178.87 251.55 -292.36
CA ALA B 1706 -178.78 251.57 -293.82
C ALA B 1706 -180.10 251.97 -294.46
N ASP B 1707 -181.22 251.42 -294.01
CA ASP B 1707 -182.52 251.83 -294.51
C ASP B 1707 -182.82 253.29 -294.18
N ALA B 1708 -182.42 253.74 -292.98
CA ALA B 1708 -182.66 255.12 -292.60
C ALA B 1708 -181.90 256.09 -293.50
N HIS B 1709 -180.64 255.80 -293.81
CA HIS B 1709 -179.91 256.63 -294.76
C HIS B 1709 -180.46 256.50 -296.17
N GLU B 1710 -180.94 255.33 -296.56
CA GLU B 1710 -181.61 255.21 -297.86
C GLU B 1710 -182.84 256.11 -297.93
N GLN B 1711 -183.56 256.24 -296.81
CA GLN B 1711 -184.64 257.21 -296.72
C GLN B 1711 -184.14 258.64 -296.89
N LEU B 1712 -182.92 258.94 -296.44
CA LEU B 1712 -182.39 260.28 -296.58
C LEU B 1712 -182.11 260.66 -298.03
N ASN B 1713 -181.81 259.68 -298.89
CA ASN B 1713 -181.54 259.97 -300.29
C ASN B 1713 -182.77 260.56 -300.98
N GLU B 1714 -183.92 259.92 -300.80
CA GLU B 1714 -185.15 260.43 -301.41
C GLU B 1714 -185.58 261.76 -300.83
N VAL B 1715 -185.37 261.99 -299.53
CA VAL B 1715 -185.69 263.30 -298.96
C VAL B 1715 -184.94 264.40 -299.70
N SER B 1716 -183.63 264.22 -299.89
CA SER B 1716 -182.85 265.18 -300.67
C SER B 1716 -183.33 265.25 -302.10
N ALA B 1717 -183.75 264.12 -302.67
CA ALA B 1717 -184.23 264.13 -304.06
C ALA B 1717 -185.45 265.03 -304.22
N GLN B 1718 -186.50 264.82 -303.41
CA GLN B 1718 -187.66 265.69 -303.56
C GLN B 1718 -187.37 267.11 -303.07
N ASN B 1719 -186.43 267.29 -302.14
CA ASN B 1719 -186.08 268.65 -301.75
C ASN B 1719 -185.49 269.44 -302.92
N ALA B 1720 -184.51 268.85 -303.61
CA ALA B 1720 -183.94 269.51 -304.79
C ALA B 1720 -184.98 269.69 -305.88
N SER B 1721 -185.82 268.67 -306.12
CA SER B 1721 -186.84 268.80 -307.16
C SER B 1721 -187.83 269.91 -306.84
N ILE B 1722 -188.28 269.98 -305.58
CA ILE B 1722 -189.29 270.97 -305.21
C ILE B 1722 -188.69 272.37 -305.26
N SER B 1723 -187.43 272.52 -304.85
CA SER B 1723 -186.80 273.84 -304.97
C SER B 1723 -186.66 274.26 -306.43
N ALA B 1724 -186.22 273.34 -307.30
CA ALA B 1724 -186.03 273.67 -308.71
C ALA B 1724 -187.36 274.05 -309.36
N ALA B 1725 -188.41 273.27 -309.09
CA ALA B 1725 -189.73 273.61 -309.62
C ALA B 1725 -190.26 274.90 -309.02
N LYS B 1726 -190.00 275.13 -307.73
CA LYS B 1726 -190.54 276.30 -307.05
C LYS B 1726 -189.98 277.57 -307.68
N ARG B 1727 -188.65 277.74 -307.61
CA ARG B 1727 -188.07 279.01 -308.05
C ARG B 1727 -188.55 279.38 -309.45
N LYS B 1728 -188.58 278.39 -310.35
CA LYS B 1728 -189.15 278.62 -311.67
C LYS B 1728 -190.61 279.06 -311.60
N LEU B 1729 -191.43 278.38 -310.80
CA LEU B 1729 -192.86 278.70 -310.83
C LEU B 1729 -193.15 280.08 -310.27
N GLU B 1730 -192.48 280.50 -309.19
CA GLU B 1730 -192.61 281.91 -308.82
C GLU B 1730 -192.08 282.84 -309.91
N SER B 1731 -191.08 282.42 -310.68
CA SER B 1731 -190.64 283.30 -311.76
C SER B 1731 -191.78 283.58 -312.74
N GLU B 1732 -192.44 282.51 -313.25
CA GLU B 1732 -193.53 282.85 -314.18
C GLU B 1732 -194.72 283.47 -313.46
N LEU B 1733 -194.90 283.17 -312.17
CA LEU B 1733 -196.00 283.80 -311.44
C LEU B 1733 -195.84 285.31 -311.39
N GLN B 1734 -194.67 285.80 -310.95
CA GLN B 1734 -194.48 287.24 -310.91
C GLN B 1734 -194.40 287.86 -312.30
N THR B 1735 -193.90 287.14 -313.30
CA THR B 1735 -193.93 287.69 -314.65
C THR B 1735 -195.37 287.85 -315.14
N LEU B 1736 -196.24 286.89 -314.81
CA LEU B 1736 -197.59 286.88 -315.36
C LEU B 1736 -198.56 287.73 -314.57
N HIS B 1737 -198.28 288.03 -313.30
CA HIS B 1737 -199.19 288.88 -312.53
C HIS B 1737 -199.39 290.24 -313.19
N SER B 1738 -198.33 290.80 -313.79
CA SER B 1738 -198.43 292.13 -314.37
C SER B 1738 -199.16 292.13 -315.71
N ASP B 1739 -199.03 291.07 -316.51
CA ASP B 1739 -199.53 291.08 -317.88
C ASP B 1739 -201.04 291.30 -317.97
N LEU B 1740 -201.79 290.98 -316.92
CA LEU B 1740 -203.24 291.12 -316.97
C LEU B 1740 -203.64 292.59 -317.12
N ASP B 1741 -202.90 293.49 -316.46
CA ASP B 1741 -203.34 294.88 -316.37
C ASP B 1741 -203.33 295.57 -317.72
N GLU B 1742 -202.24 295.42 -318.50
CA GLU B 1742 -202.15 296.10 -319.78
C GLU B 1742 -203.21 295.63 -320.76
N LEU B 1743 -203.43 294.32 -320.84
CA LEU B 1743 -204.48 293.79 -321.70
C LEU B 1743 -205.87 294.20 -321.23
N LEU B 1744 -206.09 294.28 -319.92
CA LEU B 1744 -207.37 294.79 -319.43
C LEU B 1744 -207.57 296.25 -319.82
N ASN B 1745 -206.52 297.07 -319.72
CA ASN B 1745 -206.62 298.46 -320.13
C ASN B 1745 -206.89 298.58 -321.62
N GLU B 1746 -206.28 297.72 -322.43
CA GLU B 1746 -206.58 297.70 -323.85
C GLU B 1746 -208.03 297.31 -324.11
N ALA B 1747 -208.55 296.35 -323.33
CA ALA B 1747 -209.94 295.95 -323.47
C ALA B 1747 -210.89 297.10 -323.16
N LYS B 1748 -210.58 297.88 -322.11
CA LYS B 1748 -211.42 299.05 -321.81
C LYS B 1748 -211.55 299.93 -323.03
N ASN B 1749 -210.41 300.31 -323.63
CA ASN B 1749 -210.47 301.09 -324.86
C ASN B 1749 -211.28 300.39 -325.93
N SER B 1750 -211.21 299.05 -325.97
CA SER B 1750 -212.03 298.33 -326.93
C SER B 1750 -213.51 298.64 -326.73
N GLU B 1751 -214.00 298.69 -325.48
CA GLU B 1751 -215.42 299.04 -325.40
C GLU B 1751 -215.67 300.54 -325.60
N GLU B 1752 -214.74 301.44 -325.23
CA GLU B 1752 -215.05 302.83 -325.58
C GLU B 1752 -215.15 303.06 -327.10
N LYS B 1753 -214.36 302.34 -327.93
CA LYS B 1753 -214.64 302.49 -329.35
C LYS B 1753 -216.06 302.07 -329.69
N ALA B 1754 -216.53 300.94 -329.16
CA ALA B 1754 -217.88 300.47 -329.50
C ALA B 1754 -218.94 301.45 -329.03
N LYS B 1755 -218.80 301.96 -327.81
CA LYS B 1755 -219.75 302.92 -327.27
C LYS B 1755 -219.76 304.22 -328.08
N LYS B 1756 -218.59 304.70 -328.49
CA LYS B 1756 -218.57 305.89 -329.33
C LYS B 1756 -219.24 305.60 -330.68
N ALA B 1757 -219.03 304.38 -331.21
CA ALA B 1757 -219.63 304.04 -332.50
C ALA B 1757 -221.15 304.02 -332.43
N MET B 1758 -221.72 303.39 -331.40
CA MET B 1758 -223.18 303.40 -331.32
C MET B 1758 -223.72 304.81 -331.11
N VAL B 1759 -223.04 305.65 -330.34
CA VAL B 1759 -223.50 307.03 -330.17
C VAL B 1759 -223.46 307.76 -331.50
N ASP B 1760 -222.38 307.62 -332.28
CA ASP B 1760 -222.34 308.28 -333.59
C ASP B 1760 -223.47 307.81 -334.47
N ALA B 1761 -223.70 306.49 -334.53
CA ALA B 1761 -224.76 305.96 -335.37
C ALA B 1761 -226.12 306.51 -334.96
N ALA B 1762 -226.42 306.47 -333.66
CA ALA B 1762 -227.71 306.95 -333.19
C ALA B 1762 -227.89 308.44 -333.47
N ARG B 1763 -226.85 309.23 -333.25
CA ARG B 1763 -226.97 310.67 -333.48
C ARG B 1763 -227.20 310.99 -334.94
N LEU B 1764 -226.39 310.43 -335.85
CA LEU B 1764 -226.51 310.86 -337.23
C LEU B 1764 -227.64 310.14 -337.95
N ALA B 1765 -228.16 309.04 -337.38
CA ALA B 1765 -229.38 308.47 -337.93
C ALA B 1765 -230.56 309.42 -337.76
N ASP B 1766 -230.56 310.22 -336.69
CA ASP B 1766 -231.60 311.22 -336.52
C ASP B 1766 -231.56 312.24 -337.66
N GLU B 1767 -230.38 312.73 -337.99
CA GLU B 1767 -230.25 313.65 -339.12
C GLU B 1767 -230.64 312.97 -340.43
N LEU B 1768 -230.25 311.72 -340.61
CA LEU B 1768 -230.66 310.98 -341.80
C LEU B 1768 -232.17 310.96 -341.94
N ARG B 1769 -232.88 310.55 -340.90
CA ARG B 1769 -234.33 310.42 -341.00
C ARG B 1769 -234.99 311.80 -341.11
N ALA B 1770 -234.39 312.82 -340.51
CA ALA B 1770 -235.03 314.13 -340.46
C ALA B 1770 -234.87 314.89 -341.77
N GLU B 1771 -233.73 314.74 -342.43
CA GLU B 1771 -233.44 315.63 -343.55
C GLU B 1771 -234.28 315.29 -344.79
N GLN B 1772 -234.74 314.04 -344.93
CA GLN B 1772 -235.68 313.76 -346.01
C GLN B 1772 -236.93 314.59 -345.86
N ASP B 1773 -237.41 314.77 -344.63
CA ASP B 1773 -238.58 315.60 -344.40
C ASP B 1773 -238.37 317.02 -344.91
N HIS B 1774 -237.14 317.53 -344.85
CA HIS B 1774 -236.82 318.77 -345.56
C HIS B 1774 -237.04 318.58 -347.06
N ALA B 1775 -236.57 317.46 -347.60
CA ALA B 1775 -236.70 317.21 -349.02
C ALA B 1775 -238.12 316.84 -349.41
N GLN B 1776 -238.93 316.36 -348.46
CA GLN B 1776 -240.28 315.93 -348.79
C GLN B 1776 -241.17 317.10 -349.24
N THR B 1777 -240.81 318.33 -348.85
CA THR B 1777 -241.63 319.46 -349.26
C THR B 1777 -241.46 319.76 -350.75
N GLN B 1778 -240.24 319.62 -351.26
CA GLN B 1778 -239.97 320.07 -352.63
C GLN B 1778 -240.60 319.18 -353.70
N GLU B 1779 -240.86 317.90 -353.44
CA GLU B 1779 -241.53 317.14 -354.51
C GLU B 1779 -242.96 317.62 -354.70
N LYS B 1780 -243.68 317.92 -353.62
CA LYS B 1780 -245.00 318.53 -353.77
C LYS B 1780 -244.89 319.91 -354.40
N LEU B 1781 -243.87 320.68 -354.00
CA LEU B 1781 -243.64 321.97 -354.65
C LEU B 1781 -243.48 321.82 -356.16
N ARG B 1782 -242.61 320.90 -356.59
CA ARG B 1782 -242.40 320.68 -358.02
C ARG B 1782 -243.69 320.26 -358.70
N LYS B 1783 -244.39 319.25 -358.17
CA LYS B 1783 -245.61 318.79 -358.81
C LYS B 1783 -246.61 319.92 -358.98
N ALA B 1784 -246.90 320.64 -357.89
CA ALA B 1784 -247.81 321.78 -357.96
C ALA B 1784 -247.36 322.76 -359.04
N LEU B 1785 -246.06 323.03 -359.11
CA LEU B 1785 -245.63 324.00 -360.10
C LEU B 1785 -245.79 323.48 -361.52
N GLU B 1786 -245.69 322.17 -361.79
CA GLU B 1786 -246.03 321.83 -363.18
C GLU B 1786 -247.53 321.90 -363.44
N GLN B 1787 -248.40 321.67 -362.45
CA GLN B 1787 -249.80 322.00 -362.78
C GLN B 1787 -249.96 323.49 -363.10
N GLN B 1788 -249.28 324.38 -362.35
CA GLN B 1788 -249.37 325.79 -362.75
C GLN B 1788 -248.77 326.03 -364.14
N ILE B 1789 -247.66 325.38 -364.49
CA ILE B 1789 -247.03 325.60 -365.79
C ILE B 1789 -247.96 325.13 -366.90
N LYS B 1790 -248.59 323.98 -366.74
CA LYS B 1790 -249.57 323.55 -367.75
C LYS B 1790 -250.75 324.48 -367.82
N GLU B 1791 -251.26 324.96 -366.68
CA GLU B 1791 -252.40 325.84 -366.71
C GLU B 1791 -252.08 327.14 -367.44
N LEU B 1792 -250.90 327.71 -367.18
CA LEU B 1792 -250.49 328.92 -367.88
C LEU B 1792 -250.16 328.68 -369.35
N GLN B 1793 -249.57 327.54 -369.70
CA GLN B 1793 -249.31 327.24 -371.09
C GLN B 1793 -250.61 327.06 -371.87
N VAL B 1794 -251.66 326.61 -371.20
CA VAL B 1794 -253.00 326.68 -371.77
C VAL B 1794 -253.39 328.13 -372.04
N ARG B 1795 -253.11 329.04 -371.09
CA ARG B 1795 -253.37 330.46 -371.33
C ARG B 1795 -252.55 331.01 -372.48
N LEU B 1796 -251.37 330.45 -372.75
CA LEU B 1796 -250.57 330.89 -373.88
C LEU B 1796 -251.22 330.50 -375.20
N ASP B 1797 -252.04 329.46 -375.21
CA ASP B 1797 -252.62 328.95 -376.45
C ASP B 1797 -253.57 329.95 -377.10
N GLU B 1798 -254.35 330.68 -376.30
CA GLU B 1798 -255.28 331.65 -376.87
C GLU B 1798 -254.53 332.75 -377.60
N ALA B 1799 -254.70 332.77 -378.92
CA ALA B 1799 -254.06 333.80 -379.75
C ALA B 1799 -255.13 334.55 -380.52
N GLU B 1800 -256.40 334.18 -380.32
CA GLU B 1800 -257.49 334.86 -381.00
C GLU B 1800 -257.57 336.32 -380.58
N ALA B 1801 -257.93 336.57 -379.31
CA ALA B 1801 -258.04 337.91 -378.75
C ALA B 1801 -258.38 337.85 -377.27
N ASN B 1802 -258.10 338.93 -376.53
CA ASN B 1802 -258.56 339.00 -375.15
C ASN B 1802 -260.08 339.10 -375.09
N ALA B 1803 -260.67 339.88 -375.99
CA ALA B 1803 -262.13 340.00 -376.07
C ALA B 1803 -262.61 339.08 -377.19
N LEU B 1804 -263.34 338.02 -376.81
CA LEU B 1804 -263.85 337.06 -377.78
C LEU B 1804 -264.90 337.65 -378.71
N LYS B 1805 -265.52 338.76 -378.33
CA LYS B 1805 -266.43 339.48 -379.21
C LYS B 1805 -265.70 340.28 -380.28
N GLY B 1806 -264.37 340.37 -380.18
CA GLY B 1806 -263.55 340.94 -381.22
C GLY B 1806 -262.65 339.88 -381.81
N GLY B 1807 -262.94 338.62 -381.52
CA GLY B 1807 -262.11 337.52 -381.95
C GLY B 1807 -262.18 337.28 -383.44
N LYS B 1808 -261.66 336.12 -383.84
CA LYS B 1808 -261.62 335.77 -385.25
C LYS B 1808 -263.01 335.61 -385.83
N LYS B 1809 -263.91 334.91 -385.10
CA LYS B 1809 -265.30 334.81 -385.54
C LYS B 1809 -265.91 336.19 -385.71
N ALA B 1810 -265.56 337.12 -384.81
CA ALA B 1810 -265.94 338.50 -385.02
C ALA B 1810 -265.38 339.06 -386.31
N ILE B 1811 -264.16 338.64 -386.68
CA ILE B 1811 -263.57 339.12 -387.93
C ILE B 1811 -264.38 338.63 -389.12
N GLN B 1812 -264.81 337.37 -389.11
CA GLN B 1812 -265.63 336.93 -390.24
C GLN B 1812 -266.97 337.63 -390.28
N LYS B 1813 -267.63 337.85 -389.13
CA LYS B 1813 -268.92 338.52 -389.24
C LYS B 1813 -268.75 339.97 -389.67
N LEU B 1814 -267.65 340.62 -389.26
CA LEU B 1814 -267.32 341.94 -389.77
C LEU B 1814 -267.10 341.92 -391.28
N GLU B 1815 -266.39 340.94 -391.80
CA GLU B 1815 -266.24 340.82 -393.24
C GLU B 1815 -267.59 340.65 -393.93
N GLN B 1816 -268.50 339.87 -393.33
CA GLN B 1816 -269.83 339.70 -393.90
C GLN B 1816 -270.64 340.98 -393.89
N ARG B 1817 -270.56 341.80 -392.83
CA ARG B 1817 -271.26 343.09 -392.90
C ARG B 1817 -270.57 344.03 -393.87
N VAL B 1818 -269.30 343.78 -394.18
CA VAL B 1818 -268.64 344.53 -395.26
C VAL B 1818 -268.91 343.85 -396.60
N ARG B 1819 -269.37 342.60 -396.59
CA ARG B 1819 -269.51 341.82 -397.82
C ARG B 1819 -270.48 342.47 -398.79
N GLU B 1820 -271.60 342.98 -398.29
CA GLU B 1820 -272.66 343.47 -399.18
C GLU B 1820 -272.36 344.86 -399.74
N LEU B 1821 -271.32 345.53 -399.26
CA LEU B 1821 -271.08 346.90 -399.69
C LEU B 1821 -270.72 346.98 -401.17
N GLU B 1822 -269.77 346.15 -401.62
CA GLU B 1822 -269.36 346.21 -403.02
C GLU B 1822 -270.46 345.72 -403.95
N ASN B 1823 -271.24 344.75 -403.49
CA ASN B 1823 -272.31 344.19 -404.30
C ASN B 1823 -273.42 345.20 -404.55
N GLU B 1824 -273.48 346.27 -403.74
CA GLU B 1824 -274.41 347.35 -404.06
C GLU B 1824 -273.68 348.52 -404.71
N LEU B 1825 -272.39 348.69 -404.41
CA LEU B 1825 -271.58 349.69 -405.10
C LEU B 1825 -271.60 349.51 -406.60
N ASP B 1826 -271.38 348.28 -407.07
CA ASP B 1826 -271.35 348.04 -408.51
C ASP B 1826 -272.70 348.38 -409.16
N GLY B 1827 -273.80 347.95 -408.53
CA GLY B 1827 -275.11 348.24 -409.08
C GLY B 1827 -275.45 349.71 -409.10
N GLU B 1828 -275.17 350.43 -408.00
CA GLU B 1828 -275.46 351.86 -407.99
C GLU B 1828 -274.58 352.63 -408.96
N GLN B 1829 -273.32 352.21 -409.13
CA GLN B 1829 -272.48 352.83 -410.15
C GLN B 1829 -272.99 352.56 -411.56
N ARG B 1830 -273.46 351.35 -411.85
CA ARG B 1830 -274.02 351.09 -413.17
C ARG B 1830 -275.27 351.93 -413.41
N ARG B 1831 -276.14 352.04 -412.41
CA ARG B 1831 -277.32 352.89 -412.54
C ARG B 1831 -276.95 354.36 -412.73
N HIS B 1832 -275.97 354.84 -411.97
CA HIS B 1832 -275.39 356.16 -412.19
C HIS B 1832 -274.94 356.37 -413.62
N ALA B 1833 -274.16 355.42 -414.16
CA ALA B 1833 -273.64 355.55 -415.51
C ALA B 1833 -274.76 355.57 -416.54
N ASP B 1834 -275.74 354.68 -416.38
CA ASP B 1834 -276.86 354.66 -417.33
C ASP B 1834 -277.67 355.95 -417.27
N ALA B 1835 -277.91 356.47 -416.06
CA ALA B 1835 -278.60 357.75 -415.96
C ALA B 1835 -277.82 358.85 -416.65
N GLN B 1836 -276.50 358.85 -416.49
CA GLN B 1836 -275.68 359.84 -417.16
C GLN B 1836 -275.76 359.72 -418.68
N LYS B 1837 -275.72 358.49 -419.21
CA LYS B 1837 -275.82 358.31 -420.65
C LYS B 1837 -277.18 358.78 -421.17
N ASN B 1838 -278.26 358.45 -420.46
CA ASN B 1838 -279.57 358.93 -420.89
C ASN B 1838 -279.68 360.44 -420.81
N LEU B 1839 -279.09 361.06 -419.78
CA LEU B 1839 -279.06 362.52 -419.72
C LEU B 1839 -278.30 363.10 -420.90
N ARG B 1840 -277.18 362.47 -421.27
CA ARG B 1840 -276.43 362.91 -422.43
C ARG B 1840 -277.26 362.80 -423.70
N LYS B 1841 -277.97 361.68 -423.86
CA LYS B 1841 -278.84 361.50 -425.01
C LYS B 1841 -279.97 362.52 -425.04
N SER B 1842 -280.40 362.99 -423.87
CA SER B 1842 -281.35 364.10 -423.85
C SER B 1842 -280.70 365.40 -424.31
N GLU B 1843 -279.42 365.58 -423.97
CA GLU B 1843 -278.77 366.87 -424.21
C GLU B 1843 -278.72 367.23 -425.69
N ARG B 1844 -278.23 366.33 -426.54
CA ARG B 1844 -278.11 366.71 -427.95
C ARG B 1844 -279.49 366.91 -428.57
N ARG B 1845 -280.43 366.00 -428.32
CA ARG B 1845 -281.80 366.17 -428.82
C ARG B 1845 -282.31 367.56 -428.50
N VAL B 1846 -282.16 367.98 -427.25
CA VAL B 1846 -282.49 369.35 -426.88
C VAL B 1846 -281.71 370.33 -427.73
N LYS B 1847 -280.42 370.07 -427.97
CA LYS B 1847 -279.61 371.01 -428.73
C LYS B 1847 -280.12 371.22 -430.16
N GLU B 1848 -280.31 370.16 -430.95
CA GLU B 1848 -280.75 370.44 -432.32
C GLU B 1848 -282.19 370.94 -432.36
N LEU B 1849 -283.08 370.44 -431.49
CA LEU B 1849 -284.45 370.94 -431.55
C LEU B 1849 -284.52 372.41 -431.14
N SER B 1850 -283.85 372.77 -430.03
CA SER B 1850 -283.81 374.16 -429.62
C SER B 1850 -283.15 375.04 -430.68
N PHE B 1851 -282.06 374.56 -431.29
CA PHE B 1851 -281.43 375.30 -432.36
C PHE B 1851 -282.39 375.55 -433.50
N GLN B 1852 -283.14 374.52 -433.91
CA GLN B 1852 -284.14 374.71 -434.95
C GLN B 1852 -285.18 375.75 -434.55
N SER B 1853 -285.46 375.86 -433.24
CA SER B 1853 -286.51 376.77 -432.79
C SER B 1853 -286.21 378.23 -433.15
N GLU B 1854 -284.97 378.68 -432.98
CA GLU B 1854 -284.71 380.10 -433.27
C GLU B 1854 -284.89 380.43 -434.74
N GLU B 1855 -284.36 379.63 -435.67
CA GLU B 1855 -284.56 379.96 -437.08
C GLU B 1855 -286.00 379.69 -437.51
N ASP B 1856 -286.73 378.84 -436.80
CA ASP B 1856 -288.17 378.78 -437.05
C ASP B 1856 -288.85 380.08 -436.68
N ARG B 1857 -288.53 380.65 -435.52
CA ARG B 1857 -289.07 381.95 -435.14
C ARG B 1857 -288.62 383.03 -436.12
N LYS B 1858 -287.39 382.93 -436.63
CA LYS B 1858 -286.91 383.86 -437.64
C LYS B 1858 -287.68 383.74 -438.95
N ASN B 1859 -287.99 382.52 -439.39
CA ASN B 1859 -288.85 382.34 -440.55
C ASN B 1859 -290.23 382.95 -440.32
N HIS B 1860 -290.80 382.75 -439.14
CA HIS B 1860 -292.06 383.39 -438.79
C HIS B 1860 -292.01 384.91 -438.85
N GLU B 1861 -290.99 385.52 -438.24
CA GLU B 1861 -290.92 386.97 -438.23
C GLU B 1861 -290.58 387.54 -439.61
N ARG B 1862 -289.85 386.79 -440.44
CA ARG B 1862 -289.64 387.23 -441.81
C ARG B 1862 -290.91 387.16 -442.63
N MET B 1863 -291.68 386.07 -442.52
CA MET B 1863 -292.98 386.04 -443.16
C MET B 1863 -293.88 387.15 -442.63
N GLN B 1864 -293.66 387.56 -441.38
CA GLN B 1864 -294.44 388.64 -440.79
C GLN B 1864 -294.25 389.96 -441.52
N ASP B 1865 -293.00 390.29 -441.89
CA ASP B 1865 -292.78 391.56 -442.57
C ASP B 1865 -293.31 391.54 -444.00
N LEU B 1866 -293.42 390.35 -444.62
CA LEU B 1866 -294.11 390.24 -445.90
C LEU B 1866 -295.52 390.79 -445.80
N VAL B 1867 -296.31 390.28 -444.86
CA VAL B 1867 -297.66 390.78 -444.72
C VAL B 1867 -297.66 392.21 -444.22
N ASP B 1868 -296.64 392.62 -443.45
CA ASP B 1868 -296.55 394.02 -443.06
C ASP B 1868 -296.49 394.94 -444.27
N LYS B 1869 -295.57 394.68 -445.20
CA LYS B 1869 -295.44 395.55 -446.36
C LYS B 1869 -296.49 395.27 -447.42
N LEU B 1870 -297.27 394.19 -447.29
CA LEU B 1870 -298.36 393.98 -448.23
C LEU B 1870 -299.72 394.45 -447.72
N GLN B 1871 -299.85 394.74 -446.43
CA GLN B 1871 -301.14 395.18 -445.89
C GLN B 1871 -301.47 396.62 -446.22
N GLN B 1872 -300.48 397.51 -446.31
CA GLN B 1872 -300.82 398.92 -446.54
C GLN B 1872 -301.40 399.16 -447.92
N LYS B 1873 -301.15 398.28 -448.89
CA LYS B 1873 -301.67 398.48 -450.24
C LYS B 1873 -303.19 398.47 -450.25
N ILE B 1874 -303.82 397.66 -449.38
CA ILE B 1874 -305.27 397.66 -449.28
C ILE B 1874 -305.80 399.06 -449.05
N LYS B 1875 -305.45 399.69 -447.93
CA LYS B 1875 -305.93 401.03 -447.64
C LYS B 1875 -305.33 402.07 -448.59
N THR B 1876 -304.22 401.73 -449.25
CA THR B 1876 -303.68 402.62 -450.27
C THR B 1876 -304.62 402.75 -451.45
N TYR B 1877 -305.23 401.64 -451.86
CA TYR B 1877 -306.10 401.67 -453.04
C TYR B 1877 -307.56 401.82 -452.66
N LYS B 1878 -307.91 401.62 -451.38
CA LYS B 1878 -309.25 401.94 -450.93
C LYS B 1878 -309.55 403.42 -451.14
N ARG B 1879 -308.60 404.30 -450.82
CA ARG B 1879 -308.83 405.72 -451.07
C ARG B 1879 -308.94 406.00 -452.57
N GLN B 1880 -308.22 405.24 -453.39
CA GLN B 1880 -308.34 405.40 -454.84
C GLN B 1880 -309.76 405.11 -455.30
N ILE B 1881 -310.32 403.96 -454.89
CA ILE B 1881 -311.73 403.69 -455.17
C ILE B 1881 -312.62 404.78 -454.57
N GLU B 1882 -312.22 405.33 -453.43
CA GLU B 1882 -312.96 406.38 -452.73
C GLU B 1882 -313.02 407.69 -453.50
N GLU B 1883 -312.01 408.04 -454.29
CA GLU B 1883 -312.27 409.17 -455.19
C GLU B 1883 -312.95 408.69 -456.47
N ALA B 1884 -312.82 407.40 -456.81
CA ALA B 1884 -313.47 406.90 -458.01
C ALA B 1884 -314.98 407.07 -457.95
N GLU B 1885 -315.59 406.90 -456.76
CA GLU B 1885 -317.05 407.08 -456.73
C GLU B 1885 -317.47 408.48 -457.16
N GLU B 1886 -316.80 409.54 -456.68
CA GLU B 1886 -317.24 410.85 -457.13
C GLU B 1886 -316.68 411.20 -458.51
N ILE B 1887 -315.59 410.55 -458.95
CA ILE B 1887 -315.21 410.66 -460.36
C ILE B 1887 -316.32 410.11 -461.24
N ALA B 1888 -317.11 409.19 -460.71
CA ALA B 1888 -318.35 408.84 -461.40
C ALA B 1888 -319.42 409.91 -461.20
N ALA B 1889 -319.69 410.27 -459.94
CA ALA B 1889 -320.90 411.03 -459.62
C ALA B 1889 -320.85 412.46 -460.17
N LEU B 1890 -319.79 413.21 -459.85
CA LEU B 1890 -319.71 414.60 -460.29
C LEU B 1890 -319.58 414.70 -461.80
N ASN B 1891 -318.89 413.73 -462.42
CA ASN B 1891 -318.80 413.73 -463.89
C ASN B 1891 -320.13 413.43 -464.55
N LEU B 1892 -320.95 412.54 -463.97
CA LEU B 1892 -322.31 412.40 -464.46
C LEU B 1892 -323.16 413.64 -464.22
N ALA B 1893 -322.90 414.37 -463.12
CA ALA B 1893 -323.61 415.64 -462.94
C ALA B 1893 -323.24 416.65 -464.03
N LYS B 1894 -321.94 416.76 -464.34
CA LYS B 1894 -321.53 417.64 -465.42
C LYS B 1894 -322.09 417.14 -466.75
N PHE B 1895 -322.25 415.82 -466.89
CA PHE B 1895 -322.92 415.26 -468.05
C PHE B 1895 -324.36 415.74 -468.14
N ARG B 1896 -325.08 415.73 -467.02
CA ARG B 1896 -326.45 416.23 -467.01
C ARG B 1896 -326.48 417.68 -467.48
N LYS B 1897 -325.57 418.50 -466.95
CA LYS B 1897 -325.51 419.89 -467.39
C LYS B 1897 -325.22 420.00 -468.89
N ALA B 1898 -324.28 419.18 -469.38
CA ALA B 1898 -323.87 419.25 -470.77
C ALA B 1898 -324.92 418.64 -471.69
N GLN B 1899 -325.91 417.96 -471.12
CA GLN B 1899 -327.02 417.50 -471.95
C GLN B 1899 -328.14 418.53 -471.96
N GLN B 1900 -328.51 419.08 -470.81
CA GLN B 1900 -329.52 420.13 -470.82
C GLN B 1900 -329.07 421.35 -471.60
N GLU B 1901 -327.75 421.57 -471.75
CA GLU B 1901 -327.37 422.61 -472.69
C GLU B 1901 -327.78 422.28 -474.13
N LEU B 1902 -327.81 420.99 -474.49
CA LEU B 1902 -328.33 420.66 -475.81
C LEU B 1902 -329.78 421.12 -475.97
N GLU B 1903 -330.66 420.74 -475.04
CA GLU B 1903 -332.05 421.16 -475.14
C GLU B 1903 -332.19 422.66 -475.01
N GLU B 1904 -331.23 423.33 -474.38
CA GLU B 1904 -331.17 424.78 -474.51
C GLU B 1904 -330.79 425.21 -475.92
N ALA B 1905 -330.14 424.33 -476.69
CA ALA B 1905 -329.63 424.72 -478.00
C ALA B 1905 -330.52 424.41 -479.20
N GLU B 1906 -330.99 423.16 -479.35
CA GLU B 1906 -331.34 422.73 -480.71
C GLU B 1906 -332.59 423.44 -481.23
N GLU B 1907 -333.64 423.55 -480.40
CA GLU B 1907 -334.91 424.02 -480.95
C GLU B 1907 -334.91 425.52 -481.17
N ARG B 1908 -334.15 426.27 -480.37
CA ARG B 1908 -334.05 427.71 -480.62
C ARG B 1908 -333.28 428.00 -481.90
N ALA B 1909 -332.37 427.10 -482.29
CA ALA B 1909 -331.77 427.19 -483.61
C ALA B 1909 -332.75 426.76 -484.70
N ASP B 1910 -333.54 425.72 -484.43
CA ASP B 1910 -334.50 425.24 -485.43
C ASP B 1910 -335.57 426.28 -485.74
N LEU B 1911 -335.99 427.03 -484.72
CA LEU B 1911 -336.94 428.12 -484.94
C LEU B 1911 -336.45 429.05 -486.03
N ALA B 1912 -335.17 429.41 -485.99
CA ALA B 1912 -334.59 430.27 -487.02
C ALA B 1912 -334.63 429.60 -488.38
N GLU B 1913 -334.34 428.29 -488.46
CA GLU B 1913 -334.26 427.66 -489.77
C GLU B 1913 -335.63 427.55 -490.42
N GLN B 1914 -336.69 427.31 -489.65
CA GLN B 1914 -338.00 427.40 -490.30
C GLN B 1914 -338.45 428.84 -490.49
N ALA B 1915 -337.89 429.79 -489.73
CA ALA B 1915 -338.19 431.20 -489.98
C ALA B 1915 -337.61 431.66 -491.32
N ILE B 1916 -336.47 431.08 -491.71
CA ILE B 1916 -335.84 431.45 -492.98
C ILE B 1916 -336.76 431.14 -494.14
N SER B 1917 -337.40 429.96 -494.12
CA SER B 1917 -338.25 429.55 -495.23
C SER B 1917 -339.44 430.49 -495.40
N LYS B 1918 -340.04 430.92 -494.29
CA LYS B 1918 -341.24 431.76 -494.38
C LYS B 1918 -340.92 433.13 -494.96
N PHE B 1919 -339.75 433.68 -494.67
CA PHE B 1919 -339.38 435.00 -495.16
C PHE B 1919 -339.19 435.05 -496.66
N ARG B 1920 -339.01 433.90 -497.32
CA ARG B 1920 -338.85 433.90 -498.77
C ARG B 1920 -340.18 434.13 -499.49
N ALA B 1921 -341.30 433.94 -498.78
CA ALA B 1921 -342.61 434.15 -499.38
C ALA B 1921 -343.25 435.42 -498.85
#